data_7N6R
#
_entry.id   7N6R
#
_cell.length_a   1.00
_cell.length_b   1.00
_cell.length_c   1.00
_cell.angle_alpha   90.00
_cell.angle_beta   90.00
_cell.angle_gamma   90.00
#
_symmetry.space_group_name_H-M   'P 1'
#
loop_
_entity.id
_entity.type
_entity.pdbx_description
1 polymer 'Sterol O-acyltransferase 2'
2 non-polymer nevanimibe
3 non-polymer CHOLESTEROL
4 non-polymer 'OLEIC ACID'
#
_entity_poly.entity_id   1
_entity_poly.type   'polypeptide(L)'
_entity_poly.pdbx_seq_one_letter_code
;MDYKDDDDKEPGGARLRLQRTGGLGGERERQPCGDGNTETHRAPDLVQWTRHMEAVKAQLLEQAQGQLRELLDRAMREAI
QSYPSQDKPLPPPPPGSLSRTQEPSLGKQKVFIIRKSLLDELMEVQHFRTIYHMFIAGLCVFIISTLAIDFIDEGRLLLE
FDLLIFSFGQLPLALVTWVPMFLSTLLAPYQALRLWARGTWTQATGLGCALLAAHAVVLCALPVHVAVEHQLPPASRCVL
VFEQVRFLMKSYSFLREAVPGILRARRGEGIQAPSFSSYLYFLFCPTLIYRETYPRTPYVRWNYVAKNFAQALGCVLYAC
FILGRLCVPVFANMSREPFSTRALVLSILHATLPGIFMLLLIFFAFLHCWLNAFAEMLRFGDRMFYRDWWNSTSFSNYYR
TWNVVVHDWLYSYVYQDGLRLLGARARGVAMLGVFLVSAVAHEYIFCFVLGFFYPVMLILFLVIGGMLNFMMHDQRTGPA
WNVLMWTMLFLGQGIQVSLYCQEWYARRHCPLPQATFWGLVTPRSWSCHT
;
_entity_poly.pdbx_strand_id   A,B,C,D
#
loop_
_chem_comp.id
_chem_comp.type
_chem_comp.name
_chem_comp.formula
CLR non-polymer CHOLESTEROL 'C27 H46 O'
OLA non-polymer 'OLEIC ACID' 'C18 H34 O2'
ROV non-polymer nevanimibe 'C27 H39 N3 O'
#
# COMPACT_ATOMS: atom_id res chain seq x y z
N LYS A 108 3.24 7.64 36.55
CA LYS A 108 3.42 8.69 35.51
C LYS A 108 3.40 8.06 34.11
N GLN A 109 2.38 8.38 33.31
CA GLN A 109 2.26 8.01 31.87
C GLN A 109 2.82 9.17 31.03
N LYS A 110 3.42 8.88 29.88
CA LYS A 110 4.10 9.88 29.00
C LYS A 110 3.09 10.93 28.52
N VAL A 111 3.49 12.21 28.53
CA VAL A 111 2.74 13.37 27.95
C VAL A 111 3.56 13.93 26.79
N PHE A 112 2.88 14.29 25.70
CA PHE A 112 3.49 14.59 24.38
C PHE A 112 3.66 16.11 24.23
N ILE A 113 4.80 16.54 23.67
CA ILE A 113 5.22 17.96 23.45
C ILE A 113 5.74 18.06 22.01
N ILE A 114 6.03 19.28 21.52
CA ILE A 114 6.32 19.57 20.08
C ILE A 114 7.83 19.81 19.90
N ARG A 115 8.69 19.11 20.64
CA ARG A 115 10.16 19.14 20.45
C ARG A 115 10.51 18.45 19.13
N LYS A 116 11.62 18.85 18.52
CA LYS A 116 12.14 18.35 17.21
C LYS A 116 13.27 17.35 17.49
N SER A 117 13.41 16.34 16.63
CA SER A 117 14.43 15.26 16.71
C SER A 117 15.83 15.87 16.87
N LEU A 118 16.52 15.51 17.97
CA LEU A 118 17.77 16.18 18.45
C LEU A 118 18.79 16.31 17.31
N LEU A 119 19.03 15.22 16.56
CA LEU A 119 20.03 15.19 15.46
C LEU A 119 19.62 16.19 14.35
N ASP A 120 18.32 16.39 14.11
CA ASP A 120 17.81 17.28 13.03
C ASP A 120 18.21 18.73 13.35
N GLU A 121 17.83 19.23 14.53
CA GLU A 121 18.18 20.60 15.01
C GLU A 121 19.71 20.70 15.17
N LEU A 122 20.39 19.59 15.47
CA LEU A 122 21.88 19.51 15.53
C LEU A 122 22.47 19.47 14.12
N MET A 123 21.75 18.90 13.13
CA MET A 123 22.23 18.70 11.74
C MET A 123 22.49 20.06 11.06
N GLU A 124 21.94 21.15 11.59
CA GLU A 124 22.14 22.54 11.08
C GLU A 124 23.53 23.06 11.51
N VAL A 125 24.02 22.72 12.71
CA VAL A 125 25.39 23.10 13.18
C VAL A 125 26.40 22.50 12.18
N GLN A 126 27.33 23.32 11.70
CA GLN A 126 28.07 23.15 10.42
C GLN A 126 28.99 21.92 10.49
N HIS A 127 29.69 21.70 11.61
CA HIS A 127 30.70 20.63 11.80
C HIS A 127 30.07 19.24 11.60
N PHE A 128 28.78 19.09 11.90
CA PHE A 128 28.00 17.83 11.73
C PHE A 128 27.64 17.64 10.26
N ARG A 129 27.37 18.73 9.53
CA ARG A 129 27.20 18.71 8.04
C ARG A 129 28.52 18.23 7.40
N THR A 130 29.67 18.62 7.98
CA THR A 130 31.02 18.13 7.57
C THR A 130 31.11 16.61 7.78
N ILE A 131 30.85 16.12 8.99
CA ILE A 131 30.89 14.65 9.32
C ILE A 131 29.96 13.91 8.35
N TYR A 132 28.75 14.42 8.15
CA TYR A 132 27.72 13.86 7.23
C TYR A 132 28.31 13.73 5.82
N HIS A 133 28.96 14.79 5.33
CA HIS A 133 29.63 14.85 4.00
C HIS A 133 30.82 13.86 3.95
N MET A 134 31.59 13.74 5.04
CA MET A 134 32.72 12.79 5.17
C MET A 134 32.23 11.34 4.97
N PHE A 135 31.06 10.99 5.52
CA PHE A 135 30.46 9.64 5.40
C PHE A 135 29.93 9.42 3.97
N ILE A 136 29.34 10.45 3.34
CA ILE A 136 28.90 10.39 1.91
C ILE A 136 30.14 10.23 1.01
N ALA A 137 31.25 10.90 1.34
CA ALA A 137 32.55 10.72 0.66
C ALA A 137 32.97 9.25 0.74
N GLY A 138 32.90 8.66 1.94
CA GLY A 138 33.13 7.22 2.18
C GLY A 138 32.34 6.33 1.24
N LEU A 139 31.04 6.60 1.09
CA LEU A 139 30.14 5.88 0.15
C LEU A 139 30.64 6.05 -1.29
N CYS A 140 30.93 7.31 -1.68
CA CYS A 140 31.43 7.68 -3.02
C CYS A 140 32.74 6.94 -3.34
N VAL A 141 33.61 6.72 -2.33
CA VAL A 141 34.87 5.95 -2.48
C VAL A 141 34.55 4.47 -2.75
N PHE A 142 33.61 3.88 -2.01
CA PHE A 142 33.19 2.46 -2.21
C PHE A 142 32.61 2.28 -3.62
N ILE A 143 31.71 3.18 -4.06
CA ILE A 143 31.01 3.05 -5.37
C ILE A 143 32.03 3.21 -6.50
N ILE A 144 32.93 4.20 -6.45
CA ILE A 144 33.97 4.42 -7.51
C ILE A 144 34.89 3.19 -7.58
N SER A 145 35.33 2.68 -6.42
CA SER A 145 36.33 1.59 -6.34
C SER A 145 35.71 0.26 -6.78
N THR A 146 34.51 -0.08 -6.28
CA THR A 146 33.76 -1.30 -6.67
C THR A 146 33.45 -1.26 -8.17
N LEU A 147 33.03 -0.10 -8.69
CA LEU A 147 32.76 0.11 -10.13
C LEU A 147 34.04 -0.20 -10.92
N ALA A 148 35.14 0.48 -10.61
CA ALA A 148 36.44 0.38 -11.32
C ALA A 148 37.01 -1.04 -11.22
N ILE A 149 36.78 -1.76 -10.12
CA ILE A 149 37.27 -3.16 -9.91
C ILE A 149 36.41 -4.13 -10.72
N ASP A 150 35.10 -4.18 -10.44
CA ASP A 150 34.17 -5.21 -10.98
C ASP A 150 33.82 -4.94 -12.45
N PHE A 151 34.13 -3.75 -12.97
CA PHE A 151 34.07 -3.42 -14.43
C PHE A 151 35.04 -4.34 -15.20
N ILE A 152 36.24 -4.55 -14.66
CA ILE A 152 37.30 -5.45 -15.23
C ILE A 152 37.29 -6.77 -14.44
N LEU A 158 27.36 -7.50 -12.48
CA LEU A 158 28.60 -6.68 -12.39
C LEU A 158 28.87 -6.31 -10.93
N LEU A 159 27.95 -5.55 -10.31
CA LEU A 159 28.08 -5.03 -8.91
C LEU A 159 27.78 -6.16 -7.92
N GLU A 160 27.77 -5.83 -6.61
CA GLU A 160 27.39 -6.75 -5.50
C GLU A 160 25.87 -6.72 -5.28
N PHE A 161 25.09 -6.28 -6.27
CA PHE A 161 23.61 -6.42 -6.35
C PHE A 161 23.19 -7.89 -6.19
N ASP A 162 24.13 -8.83 -6.26
CA ASP A 162 23.97 -10.25 -5.83
C ASP A 162 23.16 -10.33 -4.53
N LEU A 163 23.52 -9.53 -3.51
CA LEU A 163 22.87 -9.54 -2.17
C LEU A 163 21.43 -9.02 -2.26
N LEU A 164 21.26 -7.80 -2.79
CA LEU A 164 19.95 -7.12 -2.94
C LEU A 164 18.94 -8.01 -3.69
N ILE A 165 19.33 -8.59 -4.83
CA ILE A 165 18.44 -9.48 -5.64
C ILE A 165 18.18 -10.77 -4.85
N PHE A 166 19.19 -11.34 -4.20
CA PHE A 166 19.09 -12.60 -3.40
C PHE A 166 18.24 -12.34 -2.15
N SER A 167 18.69 -11.42 -1.29
CA SER A 167 18.10 -11.13 0.05
C SER A 167 16.61 -10.77 -0.11
N PHE A 168 16.27 -9.96 -1.12
CA PHE A 168 14.87 -9.67 -1.54
C PHE A 168 14.45 -10.68 -2.61
N GLY A 169 14.31 -11.94 -2.21
CA GLY A 169 13.98 -13.07 -3.10
C GLY A 169 12.50 -13.08 -3.47
N GLN A 170 11.62 -13.23 -2.47
CA GLN A 170 10.15 -13.32 -2.64
C GLN A 170 9.46 -12.08 -2.07
N LEU A 171 10.14 -10.92 -2.12
CA LEU A 171 9.63 -9.61 -1.60
C LEU A 171 8.20 -9.38 -2.07
N PRO A 172 7.82 -9.71 -3.33
CA PRO A 172 6.42 -9.71 -3.71
C PRO A 172 5.49 -10.47 -2.76
N LEU A 173 5.81 -11.74 -2.50
CA LEU A 173 4.98 -12.60 -1.63
C LEU A 173 5.01 -12.05 -0.20
N ALA A 174 6.16 -11.50 0.23
CA ALA A 174 6.37 -10.85 1.55
C ALA A 174 5.36 -9.71 1.74
N LEU A 175 5.26 -8.78 0.78
CA LEU A 175 4.31 -7.65 0.88
C LEU A 175 2.87 -8.15 0.77
N VAL A 176 2.59 -9.13 -0.10
CA VAL A 176 1.22 -9.66 -0.32
C VAL A 176 0.76 -10.47 0.90
N THR A 177 1.68 -11.04 1.68
CA THR A 177 1.38 -11.74 2.96
C THR A 177 1.45 -10.75 4.14
N TRP A 178 2.07 -9.58 3.96
CA TRP A 178 1.98 -8.45 4.93
C TRP A 178 0.55 -7.89 4.96
N VAL A 179 -0.09 -7.75 3.79
CA VAL A 179 -1.41 -7.06 3.61
C VAL A 179 -2.46 -7.64 4.55
N PRO A 180 -2.75 -8.97 4.53
CA PRO A 180 -3.83 -9.54 5.35
C PRO A 180 -3.61 -9.39 6.86
N MET A 181 -2.35 -9.55 7.30
CA MET A 181 -1.90 -9.34 8.70
C MET A 181 -2.23 -7.92 9.14
N PHE A 182 -1.94 -6.92 8.30
CA PHE A 182 -2.24 -5.48 8.52
C PHE A 182 -3.76 -5.29 8.61
N LEU A 183 -4.52 -5.87 7.68
CA LEU A 183 -6.01 -5.83 7.65
C LEU A 183 -6.58 -6.42 8.95
N SER A 184 -6.03 -7.55 9.41
CA SER A 184 -6.48 -8.27 10.63
C SER A 184 -6.22 -7.41 11.89
N THR A 185 -4.99 -6.93 12.05
CA THR A 185 -4.55 -6.09 13.22
C THR A 185 -5.25 -4.72 13.19
N LEU A 186 -5.69 -4.26 12.02
CA LEU A 186 -6.55 -3.05 11.89
C LEU A 186 -7.93 -3.36 12.46
N LEU A 187 -8.63 -4.36 11.90
CA LEU A 187 -10.07 -4.61 12.17
C LEU A 187 -10.25 -5.24 13.56
N ALA A 188 -9.64 -6.41 13.80
CA ALA A 188 -9.94 -7.29 14.96
C ALA A 188 -9.98 -6.53 16.28
N PRO A 189 -8.92 -5.78 16.68
CA PRO A 189 -8.87 -5.18 18.01
C PRO A 189 -10.00 -4.16 18.24
N TYR A 190 -10.29 -3.35 17.22
CA TYR A 190 -11.29 -2.27 17.25
C TYR A 190 -12.69 -2.88 17.43
N GLN A 191 -13.08 -3.79 16.53
CA GLN A 191 -14.40 -4.49 16.55
C GLN A 191 -14.60 -5.18 17.90
N ALA A 192 -13.58 -5.90 18.38
CA ALA A 192 -13.59 -6.62 19.68
C ALA A 192 -13.87 -5.64 20.81
N LEU A 193 -13.05 -4.60 20.95
CA LEU A 193 -13.20 -3.57 22.02
C LEU A 193 -14.57 -2.88 21.88
N ARG A 194 -15.04 -2.65 20.65
CA ARG A 194 -16.29 -1.90 20.35
C ARG A 194 -17.51 -2.68 20.88
N LEU A 195 -17.65 -3.96 20.52
CA LEU A 195 -18.78 -4.80 21.03
C LEU A 195 -18.60 -5.05 22.53
N TRP A 196 -17.36 -5.27 22.99
CA TRP A 196 -17.00 -5.48 24.42
C TRP A 196 -17.36 -4.24 25.24
N ALA A 197 -17.35 -3.05 24.63
CA ALA A 197 -17.80 -1.77 25.22
C ALA A 197 -19.29 -1.53 24.93
N ARG A 198 -20.08 -2.57 24.67
CA ARG A 198 -21.56 -2.50 24.53
C ARG A 198 -22.20 -3.43 25.58
N GLY A 199 -21.67 -3.42 26.81
CA GLY A 199 -22.13 -4.27 27.92
C GLY A 199 -21.05 -4.46 28.98
N GLY A 206 -19.36 -10.27 25.18
CA GLY A 206 -19.78 -10.97 23.95
C GLY A 206 -18.75 -11.99 23.49
N LEU A 207 -18.58 -12.14 22.16
CA LEU A 207 -17.66 -13.12 21.51
C LEU A 207 -16.27 -12.52 21.30
N GLY A 208 -16.05 -11.25 21.66
CA GLY A 208 -14.79 -10.50 21.46
C GLY A 208 -13.58 -11.26 22.00
N CYS A 209 -13.73 -11.86 23.19
CA CYS A 209 -12.72 -12.70 23.89
C CYS A 209 -12.12 -13.75 22.93
N ALA A 210 -12.94 -14.31 22.02
CA ALA A 210 -12.52 -15.28 20.98
C ALA A 210 -11.88 -14.56 19.79
N LEU A 211 -12.43 -13.39 19.41
CA LEU A 211 -12.01 -12.62 18.20
C LEU A 211 -10.56 -12.14 18.34
N LEU A 212 -10.22 -11.51 19.48
CA LEU A 212 -8.86 -10.97 19.76
C LEU A 212 -7.84 -12.11 19.88
N ALA A 213 -8.26 -13.25 20.44
CA ALA A 213 -7.46 -14.49 20.53
C ALA A 213 -7.20 -15.05 19.12
N ALA A 214 -8.23 -15.07 18.26
CA ALA A 214 -8.13 -15.44 16.83
C ALA A 214 -7.17 -14.48 16.11
N HIS A 215 -7.26 -13.18 16.41
CA HIS A 215 -6.32 -12.12 15.93
C HIS A 215 -4.89 -12.41 16.41
N ALA A 216 -4.72 -12.75 17.69
CA ALA A 216 -3.42 -13.10 18.31
C ALA A 216 -2.81 -14.33 17.61
N VAL A 217 -3.65 -15.23 17.09
CA VAL A 217 -3.21 -16.45 16.32
C VAL A 217 -2.88 -16.05 14.88
N VAL A 218 -3.75 -15.29 14.19
CA VAL A 218 -3.68 -15.06 12.72
C VAL A 218 -2.33 -14.44 12.30
N LEU A 219 -1.62 -13.73 13.20
CA LEU A 219 -0.28 -13.16 12.91
C LEU A 219 0.80 -13.76 13.83
N CYS A 220 0.50 -14.83 14.55
CA CYS A 220 1.48 -15.63 15.34
C CYS A 220 1.92 -16.87 14.55
N ALA A 221 1.03 -17.44 13.74
CA ALA A 221 1.26 -18.65 12.90
C ALA A 221 1.60 -18.24 11.46
N LEU A 222 0.77 -17.39 10.85
CA LEU A 222 0.85 -16.98 9.41
C LEU A 222 2.27 -16.54 9.06
N PRO A 223 2.88 -15.54 9.74
CA PRO A 223 4.21 -15.06 9.32
C PRO A 223 5.34 -16.06 9.59
N VAL A 224 5.09 -17.10 10.40
CA VAL A 224 6.05 -18.23 10.66
C VAL A 224 5.89 -19.26 9.54
N HIS A 225 4.65 -19.68 9.26
CA HIS A 225 4.26 -20.57 8.13
C HIS A 225 4.88 -20.06 6.83
N VAL A 226 4.56 -18.81 6.46
CA VAL A 226 4.98 -18.19 5.17
C VAL A 226 6.51 -17.99 5.19
N ALA A 227 7.12 -17.86 6.39
CA ALA A 227 8.58 -17.72 6.57
C ALA A 227 9.29 -19.06 6.30
N VAL A 228 8.85 -20.14 6.94
CA VAL A 228 9.57 -21.46 6.91
C VAL A 228 9.12 -22.26 5.68
N GLU A 229 7.80 -22.48 5.53
CA GLU A 229 7.23 -23.46 4.55
C GLU A 229 7.38 -22.98 3.10
N HIS A 230 7.93 -21.78 2.85
CA HIS A 230 8.22 -21.24 1.50
C HIS A 230 9.70 -20.87 1.32
N GLN A 231 10.58 -21.20 2.30
CA GLN A 231 12.05 -21.09 2.18
C GLN A 231 12.45 -19.64 1.82
N LEU A 232 11.99 -18.67 2.61
CA LEU A 232 12.23 -17.21 2.37
C LEU A 232 13.70 -16.88 2.62
N PRO A 233 14.29 -15.92 1.87
CA PRO A 233 15.61 -15.37 2.19
C PRO A 233 15.58 -14.50 3.45
N PRO A 234 16.75 -14.05 3.98
CA PRO A 234 16.79 -13.30 5.24
C PRO A 234 16.04 -11.95 5.23
N ALA A 235 16.28 -11.08 4.25
CA ALA A 235 15.73 -9.71 4.20
C ALA A 235 14.20 -9.77 4.22
N SER A 236 13.58 -10.40 3.22
CA SER A 236 12.10 -10.53 3.08
C SER A 236 11.52 -11.43 4.20
N ARG A 237 12.36 -12.02 5.05
CA ARG A 237 11.94 -12.64 6.34
C ARG A 237 11.90 -11.56 7.43
N CYS A 238 12.95 -10.72 7.51
CA CYS A 238 13.10 -9.66 8.55
C CYS A 238 11.96 -8.64 8.42
N VAL A 239 11.51 -8.37 7.19
CA VAL A 239 10.33 -7.51 6.87
C VAL A 239 9.15 -7.98 7.73
N LEU A 240 8.70 -9.22 7.52
CA LEU A 240 7.46 -9.79 8.15
C LEU A 240 7.63 -9.91 9.67
N VAL A 241 8.81 -10.35 10.15
CA VAL A 241 9.06 -10.57 11.61
C VAL A 241 8.99 -9.22 12.35
N PHE A 242 9.55 -8.15 11.76
CA PHE A 242 9.46 -6.78 12.33
C PHE A 242 7.99 -6.36 12.37
N GLU A 243 7.27 -6.58 11.26
CA GLU A 243 5.86 -6.19 11.09
C GLU A 243 4.97 -6.91 12.13
N GLN A 244 5.23 -8.19 12.41
CA GLN A 244 4.40 -8.97 13.37
C GLN A 244 4.65 -8.48 14.80
N VAL A 245 5.91 -8.24 15.21
CA VAL A 245 6.24 -7.70 16.56
C VAL A 245 5.64 -6.29 16.68
N ARG A 246 5.90 -5.45 15.66
CA ARG A 246 5.36 -4.07 15.57
C ARG A 246 3.85 -4.10 15.86
N PHE A 247 3.10 -4.89 15.09
CA PHE A 247 1.61 -4.96 15.17
C PHE A 247 1.18 -5.49 16.54
N LEU A 248 1.78 -6.59 17.03
CA LEU A 248 1.52 -7.14 18.39
C LEU A 248 1.67 -6.01 19.42
N MET A 249 2.81 -5.32 19.41
CA MET A 249 3.15 -4.27 20.40
C MET A 249 2.06 -3.19 20.44
N LYS A 250 1.72 -2.59 19.28
CA LYS A 250 0.82 -1.40 19.22
C LYS A 250 -0.66 -1.83 19.31
N SER A 251 -1.03 -3.01 18.82
CA SER A 251 -2.39 -3.59 19.02
C SER A 251 -2.66 -3.74 20.52
N TYR A 252 -1.76 -4.43 21.23
CA TYR A 252 -1.84 -4.65 22.70
C TYR A 252 -1.82 -3.28 23.42
N SER A 253 -0.95 -2.37 22.99
CA SER A 253 -0.82 -0.99 23.52
C SER A 253 -2.20 -0.30 23.52
N PHE A 254 -2.86 -0.29 22.35
CA PHE A 254 -4.21 0.29 22.15
C PHE A 254 -5.21 -0.36 23.11
N LEU A 255 -5.24 -1.69 23.17
CA LEU A 255 -6.16 -2.46 24.05
C LEU A 255 -5.98 -1.98 25.50
N ARG A 256 -4.76 -2.04 26.04
CA ARG A 256 -4.46 -1.73 27.46
C ARG A 256 -4.72 -0.25 27.76
N GLU A 257 -4.65 0.63 26.75
CA GLU A 257 -5.02 2.07 26.90
C GLU A 257 -6.55 2.22 27.01
N ALA A 258 -7.29 1.62 26.08
CA ALA A 258 -8.74 1.86 25.89
C ALA A 258 -9.59 1.09 26.93
N VAL A 259 -9.12 -0.08 27.38
CA VAL A 259 -9.87 -0.98 28.32
C VAL A 259 -10.24 -0.24 29.62
N PRO A 260 -9.29 0.38 30.37
CA PRO A 260 -9.64 1.06 31.63
C PRO A 260 -10.73 2.13 31.48
N GLY A 261 -10.81 2.78 30.31
CA GLY A 261 -11.88 3.74 29.94
C GLY A 261 -13.26 3.09 29.90
N ILE A 262 -13.35 1.78 29.64
CA ILE A 262 -14.62 1.01 29.45
C ILE A 262 -15.18 0.57 30.82
N LEU A 263 -14.36 0.50 31.87
CA LEU A 263 -14.70 -0.20 33.15
C LEU A 263 -15.57 0.68 34.09
N ARG A 264 -16.17 1.76 33.60
CA ARG A 264 -17.17 2.56 34.38
C ARG A 264 -18.42 1.71 34.61
N ALA A 265 -18.93 1.69 35.86
CA ALA A 265 -20.10 0.89 36.30
C ALA A 265 -21.39 1.45 35.69
N ALA A 273 -15.99 4.56 23.81
CA ALA A 273 -15.79 4.30 22.37
C ALA A 273 -14.65 5.17 21.83
N PRO A 274 -13.50 4.60 21.43
CA PRO A 274 -12.40 5.37 20.84
C PRO A 274 -12.68 5.64 19.35
N SER A 275 -12.37 6.84 18.86
CA SER A 275 -12.58 7.27 17.46
C SER A 275 -11.72 6.44 16.52
N PHE A 276 -12.35 5.79 15.52
CA PHE A 276 -11.71 4.80 14.62
C PHE A 276 -10.56 5.46 13.83
N SER A 277 -10.82 6.63 13.24
CA SER A 277 -9.85 7.42 12.44
C SER A 277 -8.54 7.59 13.22
N SER A 278 -8.63 7.90 14.52
CA SER A 278 -7.48 8.04 15.45
C SER A 278 -6.72 6.71 15.57
N TYR A 279 -7.44 5.57 15.58
CA TYR A 279 -6.86 4.21 15.69
C TYR A 279 -6.05 3.89 14.43
N LEU A 280 -6.67 4.02 13.24
CA LEU A 280 -5.99 3.74 11.94
C LEU A 280 -4.78 4.67 11.80
N TYR A 281 -4.93 5.95 12.17
CA TYR A 281 -3.82 6.94 12.24
C TYR A 281 -2.72 6.37 13.14
N PHE A 282 -3.06 6.12 14.41
CA PHE A 282 -2.15 5.56 15.46
C PHE A 282 -1.40 4.34 14.91
N LEU A 283 -2.06 3.46 14.16
CA LEU A 283 -1.45 2.23 13.57
C LEU A 283 -0.26 2.58 12.66
N PHE A 284 -0.24 3.78 12.06
CA PHE A 284 0.87 4.29 11.21
C PHE A 284 1.73 5.34 11.93
N CYS A 285 1.31 5.87 13.07
CA CYS A 285 2.07 6.88 13.86
C CYS A 285 3.40 6.26 14.31
N PRO A 286 4.52 7.04 14.31
CA PRO A 286 5.82 6.49 14.65
C PRO A 286 6.05 6.08 16.11
N THR A 287 5.07 6.29 17.00
CA THR A 287 5.14 5.98 18.46
C THR A 287 4.23 4.79 18.78
N LEU A 288 4.58 4.02 19.82
CA LEU A 288 3.86 2.77 20.23
C LEU A 288 2.85 3.04 21.34
N ILE A 289 2.91 4.21 22.00
CA ILE A 289 1.90 4.65 22.99
C ILE A 289 0.67 5.17 22.22
N TYR A 290 -0.54 4.72 22.60
CA TYR A 290 -1.83 5.17 22.04
C TYR A 290 -2.40 6.30 22.92
N ARG A 291 -2.56 7.50 22.37
CA ARG A 291 -3.05 8.71 23.09
C ARG A 291 -4.29 9.32 22.45
N GLU A 292 -4.59 9.02 21.17
CA GLU A 292 -5.67 9.61 20.33
C GLU A 292 -5.76 11.14 20.49
N THR A 293 -4.64 11.80 20.81
CA THR A 293 -4.48 13.28 20.83
C THR A 293 -3.41 13.64 19.80
N TYR A 294 -2.17 13.19 20.05
CA TYR A 294 -0.99 13.29 19.15
C TYR A 294 -0.87 14.72 18.64
N PRO A 295 -0.26 15.64 19.43
CA PRO A 295 -0.20 17.05 19.06
C PRO A 295 0.61 17.26 17.77
N ARG A 296 0.00 17.89 16.77
CA ARG A 296 0.43 17.87 15.35
C ARG A 296 1.03 19.21 14.93
N THR A 297 1.73 19.21 13.78
CA THR A 297 2.46 20.37 13.17
C THR A 297 1.56 20.99 12.10
N PRO A 298 1.68 22.31 11.82
CA PRO A 298 0.84 22.97 10.79
C PRO A 298 0.67 22.26 9.44
N TYR A 299 1.77 21.88 8.77
CA TYR A 299 1.77 21.35 7.38
C TYR A 299 2.94 20.37 7.18
N VAL A 300 3.22 20.02 5.91
CA VAL A 300 4.09 18.87 5.50
C VAL A 300 5.15 19.38 4.50
N ARG A 301 6.42 19.39 4.91
CA ARG A 301 7.57 19.82 4.06
C ARG A 301 8.02 18.63 3.20
N TRP A 302 7.39 18.44 2.04
CA TRP A 302 7.57 17.27 1.15
C TRP A 302 9.01 17.20 0.60
N ASN A 303 9.69 18.35 0.49
CA ASN A 303 11.15 18.45 0.21
C ASN A 303 11.93 17.67 1.29
N TYR A 304 11.56 17.88 2.56
CA TYR A 304 12.24 17.27 3.74
C TYR A 304 12.00 15.75 3.76
N VAL A 305 10.78 15.28 3.48
CA VAL A 305 10.46 13.81 3.48
C VAL A 305 11.16 13.15 2.28
N ALA A 306 11.19 13.81 1.11
CA ALA A 306 11.91 13.33 -0.10
C ALA A 306 13.39 13.13 0.24
N LYS A 307 14.02 14.13 0.87
CA LYS A 307 15.42 14.07 1.37
C LYS A 307 15.60 12.87 2.32
N ASN A 308 14.67 12.71 3.27
CA ASN A 308 14.75 11.68 4.33
C ASN A 308 14.72 10.26 3.72
N PHE A 309 13.81 9.99 2.77
CA PHE A 309 13.70 8.68 2.09
C PHE A 309 14.89 8.45 1.15
N ALA A 310 15.41 9.50 0.52
CA ALA A 310 16.65 9.45 -0.29
C ALA A 310 17.82 8.99 0.59
N GLN A 311 17.94 9.56 1.80
CA GLN A 311 19.01 9.20 2.79
C GLN A 311 18.82 7.76 3.27
N ALA A 312 17.58 7.34 3.55
CA ALA A 312 17.22 5.97 3.99
C ALA A 312 17.67 4.94 2.94
N LEU A 313 17.37 5.21 1.66
CA LEU A 313 17.78 4.33 0.52
C LEU A 313 19.31 4.32 0.41
N GLY A 314 19.95 5.50 0.51
CA GLY A 314 21.41 5.66 0.56
C GLY A 314 22.03 4.80 1.65
N CYS A 315 21.43 4.81 2.85
CA CYS A 315 21.84 4.00 4.02
C CYS A 315 21.77 2.50 3.71
N VAL A 316 20.68 2.04 3.07
CA VAL A 316 20.50 0.61 2.65
C VAL A 316 21.61 0.23 1.67
N LEU A 317 21.94 1.11 0.71
CA LEU A 317 23.03 0.90 -0.28
C LEU A 317 24.39 0.82 0.43
N TYR A 318 24.60 1.67 1.45
CA TYR A 318 25.84 1.69 2.27
C TYR A 318 26.00 0.35 3.00
N ALA A 319 24.94 -0.10 3.68
CA ALA A 319 24.87 -1.39 4.42
C ALA A 319 25.10 -2.57 3.48
N CYS A 320 24.49 -2.52 2.28
CA CYS A 320 24.67 -3.54 1.20
C CYS A 320 26.16 -3.65 0.83
N PHE A 321 26.82 -2.51 0.58
CA PHE A 321 28.26 -2.41 0.24
C PHE A 321 29.12 -3.01 1.37
N ILE A 322 28.83 -2.67 2.63
CA ILE A 322 29.56 -3.21 3.81
C ILE A 322 29.42 -4.74 3.84
N LEU A 323 28.19 -5.26 3.82
CA LEU A 323 27.93 -6.73 3.89
C LEU A 323 28.49 -7.43 2.64
N GLY A 324 28.56 -6.73 1.49
CA GLY A 324 29.06 -7.30 0.23
C GLY A 324 30.57 -7.26 0.08
N ARG A 325 31.29 -6.43 0.84
CA ARG A 325 32.73 -6.16 0.62
C ARG A 325 33.59 -6.52 1.85
N LEU A 326 33.24 -6.05 3.06
CA LEU A 326 34.12 -6.16 4.26
C LEU A 326 33.57 -7.15 5.29
N CYS A 327 32.51 -7.90 4.97
CA CYS A 327 31.86 -8.88 5.87
C CYS A 327 31.96 -10.29 5.27
N VAL A 328 31.48 -10.47 4.04
CA VAL A 328 31.37 -11.81 3.37
C VAL A 328 32.75 -12.30 2.94
N PRO A 329 33.55 -11.56 2.14
CA PRO A 329 34.82 -12.10 1.62
C PRO A 329 35.80 -12.66 2.66
N VAL A 330 35.82 -12.07 3.86
CA VAL A 330 36.67 -12.50 5.01
C VAL A 330 36.07 -13.78 5.65
N PHE A 331 34.75 -13.99 5.53
CA PHE A 331 33.98 -15.04 6.27
C PHE A 331 33.48 -16.18 5.37
N ALA A 332 33.54 -16.05 4.04
CA ALA A 332 33.17 -17.10 3.06
C ALA A 332 33.97 -18.38 3.33
N ASN A 333 35.23 -18.22 3.76
CA ASN A 333 36.22 -19.31 3.97
C ASN A 333 36.23 -19.71 5.44
N MET A 334 35.13 -20.30 5.92
CA MET A 334 34.98 -20.92 7.25
C MET A 334 34.88 -22.45 7.11
N SER A 335 34.82 -22.96 5.87
CA SER A 335 34.94 -24.40 5.53
C SER A 335 36.35 -24.93 5.86
N ARG A 336 37.34 -24.04 5.96
CA ARG A 336 38.76 -24.38 6.27
C ARG A 336 39.07 -23.90 7.70
N GLU A 337 38.44 -24.52 8.69
CA GLU A 337 38.59 -24.21 10.14
C GLU A 337 38.69 -25.52 10.93
N PRO A 338 39.84 -25.78 11.60
CA PRO A 338 39.98 -26.92 12.51
C PRO A 338 39.64 -26.67 13.99
N PHE A 339 38.75 -25.72 14.28
CA PHE A 339 38.36 -25.25 15.64
C PHE A 339 39.56 -24.53 16.29
N SER A 340 40.33 -23.78 15.50
CA SER A 340 41.43 -22.89 15.96
C SER A 340 40.86 -21.54 16.40
N THR A 341 41.53 -20.86 17.34
CA THR A 341 41.15 -19.54 17.91
C THR A 341 41.89 -18.41 17.19
N ARG A 342 42.61 -18.70 16.10
CA ARG A 342 43.41 -17.71 15.33
C ARG A 342 42.53 -17.08 14.25
N ALA A 343 41.61 -17.85 13.66
CA ALA A 343 40.63 -17.42 12.63
C ALA A 343 39.27 -17.08 13.26
N LEU A 344 39.20 -17.01 14.60
CA LEU A 344 37.97 -16.57 15.33
C LEU A 344 38.24 -15.20 15.97
N VAL A 345 39.29 -15.04 16.77
CA VAL A 345 39.61 -13.77 17.51
C VAL A 345 40.01 -12.69 16.49
N LEU A 346 40.94 -13.00 15.57
CA LEU A 346 41.46 -12.02 14.57
C LEU A 346 40.33 -11.63 13.61
N SER A 347 39.49 -12.60 13.24
CA SER A 347 38.30 -12.43 12.37
C SER A 347 37.27 -11.52 13.06
N ILE A 348 37.04 -11.73 14.36
CA ILE A 348 36.13 -10.92 15.22
C ILE A 348 36.61 -9.46 15.21
N LEU A 349 37.93 -9.22 15.41
CA LEU A 349 38.51 -7.86 15.38
C LEU A 349 38.41 -7.28 13.97
N HIS A 350 38.76 -8.07 12.94
CA HIS A 350 38.65 -7.67 11.51
C HIS A 350 37.20 -7.29 11.18
N ALA A 351 36.21 -7.87 11.86
CA ALA A 351 34.76 -7.68 11.61
C ALA A 351 34.10 -6.74 12.63
N THR A 352 34.84 -6.13 13.56
CA THR A 352 34.28 -5.18 14.56
C THR A 352 33.81 -3.89 13.85
N LEU A 353 34.51 -3.45 12.80
CA LEU A 353 34.22 -2.18 12.09
C LEU A 353 32.98 -2.33 11.20
N PRO A 354 32.81 -3.41 10.39
CA PRO A 354 31.52 -3.71 9.78
C PRO A 354 30.40 -3.69 10.82
N GLY A 355 30.61 -4.40 11.94
CA GLY A 355 29.71 -4.42 13.11
C GLY A 355 29.23 -3.04 13.53
N ILE A 356 30.16 -2.12 13.81
CA ILE A 356 29.80 -0.75 14.31
C ILE A 356 29.05 0.02 13.22
N PHE A 357 29.47 -0.09 11.96
CA PHE A 357 28.80 0.59 10.82
C PHE A 357 27.39 0.01 10.64
N MET A 358 27.21 -1.30 10.74
CA MET A 358 25.88 -1.97 10.65
C MET A 358 24.95 -1.37 11.71
N LEU A 359 25.38 -1.35 12.99
CA LEU A 359 24.57 -0.80 14.12
C LEU A 359 24.24 0.68 13.88
N LEU A 360 25.26 1.49 13.60
CA LEU A 360 25.15 2.97 13.49
C LEU A 360 24.32 3.35 12.25
N LEU A 361 24.38 2.56 11.18
CA LEU A 361 23.52 2.74 9.97
C LEU A 361 22.07 2.35 10.31
N ILE A 362 21.84 1.27 11.07
CA ILE A 362 20.49 0.89 11.59
C ILE A 362 19.91 2.10 12.34
N PHE A 363 20.70 2.69 13.24
CA PHE A 363 20.35 3.90 14.03
C PHE A 363 19.91 5.04 13.11
N PHE A 364 20.74 5.40 12.14
CA PHE A 364 20.52 6.60 11.29
C PHE A 364 19.35 6.35 10.32
N ALA A 365 19.34 5.18 9.67
CA ALA A 365 18.35 4.79 8.64
C ALA A 365 16.96 4.64 9.27
N PHE A 366 16.83 3.84 10.34
CA PHE A 366 15.51 3.43 10.88
C PHE A 366 15.12 4.19 12.15
N LEU A 367 15.84 5.26 12.52
CA LEU A 367 15.43 6.11 13.69
C LEU A 367 15.50 7.62 13.39
N HIS A 368 16.23 8.07 12.37
CA HIS A 368 16.30 9.51 11.97
C HIS A 368 15.89 9.71 10.50
N CYS A 369 16.22 8.79 9.58
CA CYS A 369 15.78 8.87 8.16
C CYS A 369 14.31 8.46 8.07
N TRP A 370 13.98 7.25 8.52
CA TRP A 370 12.68 6.57 8.25
C TRP A 370 11.56 7.11 9.15
N LEU A 371 11.75 7.11 10.47
CA LEU A 371 10.67 7.46 11.45
C LEU A 371 10.38 8.97 11.41
N ASN A 372 11.40 9.80 11.15
CA ASN A 372 11.23 11.27 10.96
C ASN A 372 10.48 11.54 9.65
N ALA A 373 10.73 10.75 8.60
CA ALA A 373 10.03 10.85 7.29
C ALA A 373 8.53 10.62 7.49
N PHE A 374 8.17 9.62 8.30
CA PHE A 374 6.75 9.26 8.61
C PHE A 374 6.17 10.27 9.59
N ALA A 375 6.96 10.70 10.59
CA ALA A 375 6.59 11.77 11.54
C ALA A 375 6.35 13.09 10.80
N GLU A 376 6.95 13.27 9.60
CA GLU A 376 6.68 14.43 8.71
C GLU A 376 5.38 14.19 7.94
N MET A 377 5.29 13.08 7.20
CA MET A 377 4.14 12.76 6.29
C MET A 377 2.81 12.80 7.04
N LEU A 378 2.78 12.35 8.30
CA LEU A 378 1.54 12.21 9.12
C LEU A 378 1.31 13.46 9.98
N ARG A 379 2.11 14.53 9.80
CA ARG A 379 2.04 15.81 10.56
C ARG A 379 2.21 15.56 12.06
N PHE A 380 2.92 14.49 12.44
CA PHE A 380 3.13 14.06 13.85
C PHE A 380 4.19 14.96 14.49
N GLY A 381 3.85 15.63 15.60
CA GLY A 381 4.83 16.36 16.45
C GLY A 381 5.72 15.39 17.21
N ASP A 382 6.26 15.79 18.36
CA ASP A 382 6.95 14.89 19.32
C ASP A 382 7.85 13.89 18.57
N ARG A 383 8.95 14.36 17.98
CA ARG A 383 9.85 13.54 17.12
C ARG A 383 11.06 13.06 17.94
N MET A 384 10.93 12.95 19.27
CA MET A 384 12.01 12.50 20.18
C MET A 384 12.01 10.97 20.22
N PHE A 385 12.50 10.35 19.16
CA PHE A 385 12.66 8.88 19.01
C PHE A 385 13.94 8.41 19.69
N TYR A 386 14.90 9.32 19.86
CA TYR A 386 16.26 9.07 20.42
C TYR A 386 16.79 10.39 21.00
N ARG A 387 17.04 10.43 22.29
CA ARG A 387 17.88 11.49 22.93
C ARG A 387 19.34 11.09 22.73
N ASP A 388 20.27 11.99 23.06
CA ASP A 388 21.74 11.80 22.94
C ASP A 388 22.15 10.52 23.69
N TRP A 389 22.15 9.37 22.98
CA TRP A 389 22.60 8.05 23.50
C TRP A 389 24.13 8.00 23.53
N TRP A 390 24.78 8.65 22.55
CA TRP A 390 26.25 8.72 22.38
C TRP A 390 26.91 9.44 23.56
N ASN A 391 26.14 10.20 24.36
CA ASN A 391 26.61 10.92 25.58
C ASN A 391 26.46 10.07 26.85
N SER A 392 25.67 8.98 26.81
CA SER A 392 25.23 8.20 27.99
C SER A 392 26.44 7.76 28.83
N THR A 393 26.58 8.32 30.03
CA THR A 393 27.63 7.99 31.03
C THR A 393 27.19 6.73 31.77
N SER A 394 26.04 6.79 32.45
CA SER A 394 25.36 5.64 33.10
C SER A 394 24.68 4.79 32.03
N PHE A 395 24.69 3.46 32.19
CA PHE A 395 24.14 2.50 31.21
C PHE A 395 22.61 2.56 31.23
N SER A 396 22.01 2.79 32.41
CA SER A 396 20.56 3.10 32.58
C SER A 396 20.15 4.21 31.60
N ASN A 397 20.98 5.25 31.47
CA ASN A 397 20.79 6.38 30.53
C ASN A 397 20.86 5.86 29.08
N TYR A 398 21.71 4.86 28.80
CA TYR A 398 21.85 4.23 27.45
C TYR A 398 20.54 3.54 27.07
N TYR A 399 19.95 2.76 27.97
CA TYR A 399 18.61 2.13 27.79
C TYR A 399 17.53 3.20 27.68
N ARG A 400 17.66 4.30 28.44
CA ARG A 400 16.68 5.41 28.48
C ARG A 400 16.63 6.18 27.15
N THR A 401 17.77 6.40 26.47
CA THR A 401 17.91 7.38 25.36
C THR A 401 18.30 6.72 24.03
N TRP A 402 18.19 5.39 23.89
CA TRP A 402 18.36 4.66 22.60
C TRP A 402 17.02 4.01 22.21
N ASN A 403 16.44 4.44 21.08
CA ASN A 403 15.19 3.88 20.50
C ASN A 403 14.05 4.12 21.50
N VAL A 404 13.78 5.40 21.79
CA VAL A 404 12.92 5.88 22.92
C VAL A 404 11.47 5.39 22.69
N VAL A 405 11.06 5.14 21.44
CA VAL A 405 9.69 4.64 21.09
C VAL A 405 9.43 3.27 21.75
N VAL A 406 10.30 2.28 21.51
CA VAL A 406 10.12 0.89 22.04
C VAL A 406 10.39 0.91 23.55
N HIS A 407 11.38 1.70 23.98
CA HIS A 407 11.68 1.96 25.42
C HIS A 407 10.42 2.48 26.13
N ASP A 408 9.72 3.44 25.54
CA ASP A 408 8.49 4.07 26.10
C ASP A 408 7.40 3.01 26.24
N TRP A 409 7.16 2.20 25.19
CA TRP A 409 6.20 1.07 25.24
C TRP A 409 6.60 0.11 26.36
N LEU A 410 7.85 -0.36 26.35
CA LEU A 410 8.35 -1.38 27.31
C LEU A 410 8.23 -0.85 28.75
N TYR A 411 8.56 0.44 28.95
CA TYR A 411 8.50 1.15 30.26
C TYR A 411 7.04 1.22 30.73
N SER A 412 6.15 1.76 29.89
CA SER A 412 4.72 2.04 30.21
C SER A 412 3.96 0.74 30.51
N TYR A 413 4.16 -0.32 29.70
CA TYR A 413 3.26 -1.51 29.63
C TYR A 413 3.87 -2.76 30.30
N VAL A 414 5.13 -2.74 30.76
CA VAL A 414 5.74 -3.89 31.49
C VAL A 414 6.24 -3.43 32.86
N TYR A 415 7.12 -2.41 32.92
CA TYR A 415 7.71 -1.92 34.20
C TYR A 415 6.56 -1.35 35.06
N GLN A 416 5.91 -0.28 34.59
CA GLN A 416 4.85 0.45 35.35
C GLN A 416 3.59 -0.41 35.53
N ASP A 417 3.47 -1.56 34.85
CA ASP A 417 2.37 -2.55 35.04
C ASP A 417 2.82 -3.69 35.97
N GLY A 418 4.10 -4.10 35.89
CA GLY A 418 4.73 -5.04 36.84
C GLY A 418 4.68 -4.49 38.25
N LEU A 419 5.14 -3.24 38.42
CA LEU A 419 5.09 -2.46 39.70
C LEU A 419 3.67 -2.48 40.27
N ARG A 420 2.64 -2.33 39.41
CA ARG A 420 1.21 -2.31 39.82
C ARG A 420 0.75 -3.73 40.18
N LEU A 421 0.98 -4.71 39.31
CA LEU A 421 0.55 -6.12 39.51
C LEU A 421 1.17 -6.66 40.80
N LEU A 422 2.50 -6.67 40.87
CA LEU A 422 3.26 -7.19 42.05
C LEU A 422 2.92 -6.33 43.29
N GLY A 423 2.69 -5.03 43.09
CA GLY A 423 2.61 -4.02 44.18
C GLY A 423 3.93 -3.93 44.90
N ALA A 424 5.03 -4.28 44.21
CA ALA A 424 6.35 -4.55 44.79
C ALA A 424 7.08 -3.23 45.06
N ARG A 425 7.49 -3.02 46.31
CA ARG A 425 8.43 -1.94 46.72
C ARG A 425 9.78 -2.25 46.08
N ALA A 426 10.16 -3.54 46.05
CA ALA A 426 11.36 -4.07 45.38
C ALA A 426 11.09 -4.22 43.88
N ARG A 427 11.65 -3.32 43.07
CA ARG A 427 11.65 -3.39 41.58
C ARG A 427 12.61 -4.48 41.08
N GLY A 428 13.48 -5.01 41.97
CA GLY A 428 14.49 -6.05 41.69
C GLY A 428 13.99 -7.21 40.84
N VAL A 429 12.74 -7.65 41.04
CA VAL A 429 12.06 -8.71 40.22
C VAL A 429 11.27 -8.04 39.10
N ALA A 430 10.68 -6.86 39.35
CA ALA A 430 9.88 -6.07 38.38
C ALA A 430 10.75 -5.72 37.17
N MET A 431 11.87 -5.02 37.38
CA MET A 431 12.97 -4.88 36.38
C MET A 431 13.80 -6.16 36.40
N LEU A 432 14.34 -6.54 35.24
CA LEU A 432 14.82 -7.90 34.87
C LEU A 432 13.64 -8.71 34.28
N GLY A 433 12.40 -8.23 34.47
CA GLY A 433 11.24 -8.60 33.65
C GLY A 433 11.30 -7.93 32.29
N VAL A 434 11.41 -6.59 32.28
CA VAL A 434 11.59 -5.75 31.05
C VAL A 434 12.83 -6.24 30.29
N PHE A 435 13.94 -6.48 31.01
CA PHE A 435 15.23 -6.94 30.45
C PHE A 435 15.06 -8.34 29.83
N LEU A 436 14.30 -9.22 30.49
CA LEU A 436 14.06 -10.62 30.03
C LEU A 436 13.21 -10.59 28.74
N VAL A 437 12.15 -9.78 28.70
CA VAL A 437 11.27 -9.62 27.50
C VAL A 437 12.11 -9.02 26.37
N SER A 438 12.89 -7.97 26.66
CA SER A 438 13.84 -7.31 25.71
C SER A 438 14.87 -8.34 25.19
N ALA A 439 15.31 -9.27 26.03
CA ALA A 439 16.33 -10.30 25.70
C ALA A 439 15.74 -11.37 24.78
N VAL A 440 14.54 -11.90 25.08
CA VAL A 440 13.88 -13.00 24.29
C VAL A 440 13.41 -12.43 22.94
N ALA A 441 12.88 -11.20 22.91
CA ALA A 441 12.32 -10.55 21.70
C ALA A 441 13.37 -10.51 20.58
N HIS A 442 14.59 -10.05 20.90
CA HIS A 442 15.71 -9.85 19.93
C HIS A 442 16.24 -11.20 19.44
N GLU A 443 16.37 -12.17 20.35
CA GLU A 443 16.83 -13.55 20.02
C GLU A 443 15.77 -14.26 19.17
N TYR A 444 14.49 -14.08 19.49
CA TYR A 444 13.36 -14.56 18.67
C TYR A 444 13.50 -14.01 17.25
N ILE A 445 13.65 -12.69 17.11
CA ILE A 445 13.86 -12.00 15.80
C ILE A 445 15.04 -12.68 15.07
N PHE A 446 16.25 -12.65 15.63
CA PHE A 446 17.48 -13.22 14.99
C PHE A 446 17.24 -14.69 14.62
N CYS A 447 16.97 -15.54 15.62
CA CYS A 447 16.66 -16.99 15.47
C CYS A 447 15.66 -17.21 14.33
N PHE A 448 14.64 -16.34 14.24
CA PHE A 448 13.63 -16.34 13.15
C PHE A 448 14.31 -15.97 11.82
N VAL A 449 15.00 -14.83 11.77
CA VAL A 449 15.41 -14.12 10.51
C VAL A 449 16.41 -14.97 9.73
N LEU A 450 17.37 -15.62 10.41
CA LEU A 450 18.43 -16.44 9.76
C LEU A 450 18.26 -17.93 10.09
N GLY A 451 17.17 -18.32 10.77
CA GLY A 451 16.85 -19.73 11.10
C GLY A 451 17.92 -20.38 11.96
N PHE A 452 18.34 -19.71 13.05
CA PHE A 452 19.41 -20.17 13.97
C PHE A 452 18.87 -20.43 15.37
N PHE A 453 18.98 -21.67 15.80
CA PHE A 453 18.41 -22.17 17.07
C PHE A 453 19.25 -21.67 18.27
N TYR A 454 20.56 -21.48 18.09
CA TYR A 454 21.50 -21.06 19.17
C TYR A 454 21.35 -19.55 19.41
N PRO A 455 21.02 -19.10 20.65
CA PRO A 455 21.12 -17.70 21.02
C PRO A 455 22.54 -17.30 21.45
N VAL A 456 23.09 -16.24 20.84
CA VAL A 456 24.39 -15.61 21.21
C VAL A 456 24.10 -14.28 21.92
N MET A 457 23.28 -13.42 21.31
CA MET A 457 22.96 -12.07 21.82
C MET A 457 22.02 -12.19 23.03
N LEU A 458 21.50 -13.36 23.38
CA LEU A 458 20.88 -13.63 24.71
C LEU A 458 22.00 -13.62 25.75
N ILE A 459 22.99 -14.49 25.56
CA ILE A 459 24.16 -14.67 26.48
C ILE A 459 24.99 -13.39 26.43
N LEU A 460 25.27 -12.86 25.24
CA LEU A 460 26.01 -11.57 25.06
C LEU A 460 25.20 -10.43 25.71
N PHE A 461 23.88 -10.36 25.48
CA PHE A 461 22.97 -9.33 26.08
C PHE A 461 23.12 -9.36 27.60
N LEU A 462 23.06 -10.56 28.19
CA LEU A 462 23.17 -10.79 29.66
C LEU A 462 24.56 -10.39 30.14
N VAL A 463 25.62 -10.87 29.48
CA VAL A 463 27.04 -10.64 29.90
C VAL A 463 27.39 -9.15 29.75
N ILE A 464 26.83 -8.45 28.75
CA ILE A 464 27.03 -6.99 28.55
C ILE A 464 26.19 -6.21 29.58
N GLY A 465 24.93 -6.64 29.79
CA GLY A 465 24.06 -6.14 30.87
C GLY A 465 24.79 -6.16 32.19
N GLY A 466 25.21 -7.35 32.64
CA GLY A 466 25.96 -7.59 33.90
C GLY A 466 27.22 -6.74 34.01
N MET A 467 27.91 -6.47 32.90
CA MET A 467 29.20 -5.71 32.88
C MET A 467 28.92 -4.20 33.01
N LEU A 468 28.10 -3.62 32.13
CA LEU A 468 27.90 -2.14 32.07
C LEU A 468 26.89 -1.68 33.12
N ASN A 469 25.91 -2.52 33.50
CA ASN A 469 24.85 -2.16 34.49
C ASN A 469 25.48 -1.95 35.87
N PHE A 470 26.16 -2.98 36.40
CA PHE A 470 26.66 -3.02 37.81
C PHE A 470 28.18 -2.86 37.85
N MET A 471 28.94 -3.69 37.12
CA MET A 471 30.43 -3.62 37.09
C MET A 471 30.85 -2.32 36.39
N ALA A 480 34.26 10.36 31.78
CA ALA A 480 35.31 9.56 31.09
C ALA A 480 35.02 8.04 31.12
N TRP A 481 34.21 7.55 32.08
CA TRP A 481 33.67 6.17 32.13
C TRP A 481 33.10 5.75 30.77
N ASN A 482 32.45 6.69 30.07
CA ASN A 482 31.82 6.58 28.72
C ASN A 482 32.59 5.61 27.80
N VAL A 483 33.93 5.64 27.81
CA VAL A 483 34.83 4.85 26.91
C VAL A 483 34.46 3.35 26.99
N LEU A 484 34.33 2.82 28.22
CA LEU A 484 34.10 1.37 28.48
C LEU A 484 32.85 0.90 27.73
N MET A 485 31.77 1.69 27.77
CA MET A 485 30.50 1.40 27.05
C MET A 485 30.79 1.26 25.56
N TRP A 486 31.48 2.25 24.97
CA TRP A 486 31.85 2.29 23.53
C TRP A 486 32.71 1.07 23.16
N THR A 487 33.71 0.74 24.00
CA THR A 487 34.56 -0.47 23.83
C THR A 487 33.70 -1.73 23.86
N MET A 488 32.88 -1.90 24.92
CA MET A 488 32.03 -3.09 25.13
C MET A 488 30.83 -3.08 24.15
N LEU A 489 30.58 -1.97 23.45
CA LEU A 489 29.66 -1.91 22.28
C LEU A 489 30.40 -2.40 21.02
N PHE A 490 31.62 -1.90 20.77
CA PHE A 490 32.44 -2.27 19.58
C PHE A 490 32.55 -3.79 19.46
N LEU A 491 33.00 -4.47 20.53
CA LEU A 491 33.06 -5.96 20.59
C LEU A 491 31.63 -6.52 20.66
N GLY A 492 30.72 -5.80 21.33
CA GLY A 492 29.27 -6.06 21.31
C GLY A 492 28.74 -6.29 19.89
N GLN A 493 29.31 -5.61 18.90
CA GLN A 493 29.02 -5.83 17.45
C GLN A 493 29.99 -6.85 16.86
N GLY A 494 31.30 -6.65 17.05
CA GLY A 494 32.37 -7.53 16.54
C GLY A 494 32.07 -9.01 16.76
N ILE A 495 31.43 -9.35 17.88
CA ILE A 495 30.98 -10.73 18.23
C ILE A 495 29.78 -11.11 17.36
N GLN A 496 28.69 -10.33 17.43
CA GLN A 496 27.38 -10.62 16.78
C GLN A 496 27.60 -11.05 15.32
N VAL A 497 28.28 -10.22 14.55
CA VAL A 497 28.47 -10.40 13.07
C VAL A 497 29.25 -11.70 12.85
N SER A 498 30.43 -11.84 13.46
CA SER A 498 31.38 -12.97 13.23
C SER A 498 30.66 -14.28 13.56
N LEU A 499 30.23 -14.44 14.83
CA LEU A 499 29.53 -15.66 15.33
C LEU A 499 28.31 -16.01 14.47
N TYR A 500 27.73 -15.07 13.71
CA TYR A 500 26.56 -15.32 12.82
C TYR A 500 27.03 -15.73 11.42
N CYS A 501 27.90 -14.92 10.78
CA CYS A 501 28.47 -15.19 9.43
C CYS A 501 29.21 -16.55 9.42
N GLN A 502 29.61 -17.07 10.58
CA GLN A 502 30.15 -18.44 10.77
C GLN A 502 29.05 -19.47 10.50
N GLU A 503 27.94 -19.38 11.24
CA GLU A 503 26.86 -20.40 11.19
C GLU A 503 25.92 -20.11 10.01
N TRP A 504 25.91 -18.88 9.45
CA TRP A 504 25.15 -18.57 8.20
C TRP A 504 25.75 -19.33 7.01
N TYR A 505 27.03 -19.71 7.10
CA TYR A 505 27.75 -20.51 6.06
C TYR A 505 27.94 -21.97 6.50
N ALA A 506 28.08 -22.26 7.81
CA ALA A 506 28.10 -23.65 8.33
C ALA A 506 26.77 -24.36 8.09
N ARG A 507 25.70 -23.61 7.77
CA ARG A 507 24.33 -24.09 7.43
C ARG A 507 24.13 -24.04 5.90
N ARG A 508 25.19 -23.77 5.13
CA ARG A 508 25.10 -23.47 3.67
C ARG A 508 26.45 -23.77 3.00
N LYS B 108 50.31 43.63 3.61
CA LYS B 108 49.79 43.28 4.97
C LYS B 108 50.63 42.14 5.56
N GLN B 109 51.34 42.41 6.66
CA GLN B 109 52.08 41.42 7.48
C GLN B 109 51.20 41.03 8.68
N LYS B 110 51.26 39.75 9.11
CA LYS B 110 50.38 39.18 10.17
C LYS B 110 50.56 39.96 11.48
N VAL B 111 49.45 40.24 12.17
CA VAL B 111 49.39 40.86 13.53
C VAL B 111 48.77 39.84 14.49
N PHE B 112 49.34 39.70 15.69
CA PHE B 112 49.07 38.60 16.64
C PHE B 112 48.03 39.04 17.68
N ILE B 113 47.07 38.15 17.98
CA ILE B 113 45.92 38.34 18.93
C ILE B 113 45.93 37.14 19.89
N ILE B 114 45.05 37.12 20.90
CA ILE B 114 45.05 36.14 22.03
C ILE B 114 43.87 35.16 21.87
N ARG B 115 43.52 34.78 20.64
CA ARG B 115 42.49 33.73 20.37
C ARG B 115 43.07 32.36 20.76
N LYS B 116 42.19 31.43 21.13
CA LYS B 116 42.53 30.06 21.59
C LYS B 116 42.28 29.08 20.44
N SER B 117 43.08 28.01 20.35
CA SER B 117 43.03 26.96 19.30
C SER B 117 41.60 26.42 19.16
N LEU B 118 41.02 26.53 17.96
CA LEU B 118 39.58 26.33 17.67
C LEU B 118 39.09 24.99 18.25
N LEU B 119 39.83 23.91 18.04
CA LEU B 119 39.44 22.55 18.52
C LEU B 119 39.40 22.53 20.05
N ASP B 120 40.28 23.28 20.73
CA ASP B 120 40.38 23.29 22.21
C ASP B 120 39.08 23.85 22.81
N GLU B 121 38.68 25.07 22.39
CA GLU B 121 37.41 25.73 22.82
C GLU B 121 36.21 24.90 22.32
N LEU B 122 36.37 24.18 21.20
CA LEU B 122 35.35 23.23 20.67
C LEU B 122 35.35 21.93 21.49
N MET B 123 36.51 21.53 22.04
CA MET B 123 36.69 20.24 22.77
C MET B 123 35.86 20.23 24.07
N GLU B 124 35.35 21.39 24.51
CA GLU B 124 34.45 21.52 25.69
C GLU B 124 33.02 21.10 25.31
N VAL B 125 32.55 21.43 24.09
CA VAL B 125 31.20 21.01 23.59
C VAL B 125 31.16 19.48 23.64
N GLN B 126 30.09 18.93 24.22
CA GLN B 126 30.03 17.57 24.80
C GLN B 126 30.15 16.50 23.71
N HIS B 127 29.48 16.68 22.57
CA HIS B 127 29.40 15.69 21.45
C HIS B 127 30.80 15.38 20.91
N PHE B 128 31.72 16.34 20.96
CA PHE B 128 33.13 16.20 20.51
C PHE B 128 33.93 15.38 21.54
N ARG B 129 33.64 15.56 22.84
CA ARG B 129 34.19 14.72 23.93
C ARG B 129 33.75 13.26 23.70
N THR B 130 32.53 13.05 23.21
CA THR B 130 32.00 11.72 22.80
C THR B 130 32.85 11.15 21.66
N ILE B 131 33.00 11.89 20.55
CA ILE B 131 33.82 11.46 19.38
C ILE B 131 35.23 11.11 19.86
N TYR B 132 35.82 11.97 20.69
CA TYR B 132 37.17 11.80 21.29
C TYR B 132 37.24 10.45 22.04
N HIS B 133 36.23 10.18 22.88
CA HIS B 133 36.09 8.92 23.67
C HIS B 133 35.91 7.71 22.74
N MET B 134 35.13 7.87 21.65
CA MET B 134 34.89 6.83 20.61
C MET B 134 36.23 6.40 19.99
N PHE B 135 37.12 7.35 19.71
CA PHE B 135 38.46 7.09 19.12
C PHE B 135 39.37 6.40 20.14
N ILE B 136 39.32 6.83 21.42
CA ILE B 136 40.08 6.17 22.52
C ILE B 136 39.57 4.73 22.71
N ALA B 137 38.25 4.51 22.58
CA ALA B 137 37.63 3.16 22.57
C ALA B 137 38.26 2.33 21.44
N GLY B 138 38.38 2.92 20.24
CA GLY B 138 39.04 2.31 19.06
C GLY B 138 40.45 1.84 19.37
N LEU B 139 41.24 2.66 20.09
CA LEU B 139 42.60 2.32 20.56
C LEU B 139 42.52 1.14 21.55
N CYS B 140 41.63 1.26 22.53
CA CYS B 140 41.38 0.23 23.59
C CYS B 140 41.05 -1.13 22.96
N VAL B 141 40.28 -1.12 21.85
CA VAL B 141 39.92 -2.36 21.09
C VAL B 141 41.18 -2.96 20.45
N PHE B 142 42.03 -2.13 19.82
CA PHE B 142 43.29 -2.60 19.17
C PHE B 142 44.23 -3.20 20.23
N ILE B 143 44.39 -2.53 21.38
CA ILE B 143 45.36 -2.97 22.44
C ILE B 143 44.85 -4.30 23.05
N ILE B 144 43.55 -4.41 23.39
CA ILE B 144 42.98 -5.66 23.99
C ILE B 144 43.13 -6.82 22.98
N SER B 145 42.83 -6.58 21.70
CA SER B 145 42.78 -7.63 20.66
C SER B 145 44.22 -8.08 20.31
N THR B 146 45.13 -7.14 20.06
CA THR B 146 46.57 -7.42 19.78
C THR B 146 47.18 -8.18 20.97
N LEU B 147 46.90 -7.74 22.21
CA LEU B 147 47.35 -8.40 23.46
C LEU B 147 46.87 -9.85 23.46
N ALA B 148 45.56 -10.07 23.33
CA ALA B 148 44.90 -11.40 23.39
C ALA B 148 45.41 -12.31 22.25
N ILE B 149 45.70 -11.75 21.07
CA ILE B 149 46.20 -12.52 19.89
C ILE B 149 47.67 -12.91 20.10
N ASP B 150 48.55 -11.92 20.26
CA ASP B 150 50.04 -12.12 20.25
C ASP B 150 50.52 -12.74 21.56
N PHE B 151 49.70 -12.73 22.62
CA PHE B 151 49.93 -13.49 23.89
C PHE B 151 50.05 -14.98 23.57
N ILE B 152 49.18 -15.50 22.70
CA ILE B 152 49.17 -16.92 22.22
C ILE B 152 49.79 -16.97 20.82
N LEU B 158 56.77 -9.68 21.87
CA LEU B 158 55.33 -10.06 21.97
C LEU B 158 54.49 -9.14 21.08
N LEU B 159 54.47 -7.83 21.39
CA LEU B 159 53.65 -6.80 20.68
C LEU B 159 54.32 -6.43 19.35
N GLU B 160 53.75 -5.46 18.63
CA GLU B 160 54.29 -4.89 17.36
C GLU B 160 55.30 -3.76 17.67
N PHE B 161 55.85 -3.72 18.90
CA PHE B 161 57.01 -2.88 19.29
C PHE B 161 58.21 -3.12 18.36
N ASP B 162 58.16 -4.17 17.53
CA ASP B 162 59.07 -4.42 16.38
C ASP B 162 59.33 -3.10 15.63
N LEU B 163 58.27 -2.33 15.33
CA LEU B 163 58.37 -1.06 14.53
C LEU B 163 59.07 0.03 15.36
N LEU B 164 58.55 0.32 16.56
CA LEU B 164 59.09 1.36 17.48
C LEU B 164 60.59 1.14 17.75
N ILE B 165 61.01 -0.09 18.08
CA ILE B 165 62.44 -0.41 18.36
C ILE B 165 63.25 -0.29 17.05
N PHE B 166 62.71 -0.77 15.93
CA PHE B 166 63.36 -0.72 14.59
C PHE B 166 63.45 0.73 14.11
N SER B 167 62.30 1.39 13.93
CA SER B 167 62.15 2.75 13.35
C SER B 167 63.02 3.76 14.13
N PHE B 168 63.04 3.66 15.46
CA PHE B 168 63.94 4.42 16.36
C PHE B 168 65.21 3.59 16.61
N GLY B 169 66.02 3.38 15.56
CA GLY B 169 67.23 2.55 15.59
C GLY B 169 68.39 3.25 16.27
N GLN B 170 68.81 4.40 15.74
CA GLN B 170 69.97 5.19 16.22
C GLN B 170 69.51 6.53 16.82
N LEU B 171 68.30 6.56 17.40
CA LEU B 171 67.67 7.77 18.00
C LEU B 171 68.66 8.50 18.92
N PRO B 172 69.47 7.81 19.76
CA PRO B 172 70.55 8.48 20.49
C PRO B 172 71.45 9.32 19.56
N LEU B 173 71.94 8.74 18.46
CA LEU B 173 72.85 9.44 17.52
C LEU B 173 72.08 10.57 16.82
N ALA B 174 70.80 10.35 16.51
CA ALA B 174 69.87 11.34 15.91
C ALA B 174 69.79 12.60 16.78
N LEU B 175 69.55 12.44 18.09
CA LEU B 175 69.48 13.58 19.04
C LEU B 175 70.87 14.21 19.23
N VAL B 176 71.92 13.39 19.34
CA VAL B 176 73.32 13.87 19.55
C VAL B 176 73.81 14.63 18.31
N THR B 177 73.28 14.33 17.11
CA THR B 177 73.60 15.05 15.84
C THR B 177 72.58 16.17 15.58
N TRP B 178 71.41 16.15 16.25
CA TRP B 178 70.48 17.32 16.29
C TRP B 178 71.14 18.49 17.05
N VAL B 179 71.82 18.21 18.16
CA VAL B 179 72.36 19.23 19.12
C VAL B 179 73.23 20.25 18.37
N PRO B 180 74.29 19.87 17.63
CA PRO B 180 75.20 20.84 17.02
C PRO B 180 74.51 21.74 15.97
N MET B 181 73.61 21.15 15.17
CA MET B 181 72.75 21.85 14.18
C MET B 181 71.95 22.95 14.87
N PHE B 182 71.33 22.63 16.02
CA PHE B 182 70.56 23.58 16.86
C PHE B 182 71.50 24.70 17.37
N LEU B 183 72.68 24.34 17.88
CA LEU B 183 73.71 25.30 18.37
C LEU B 183 74.13 26.24 17.23
N SER B 184 74.31 25.71 16.01
CA SER B 184 74.76 26.46 14.81
C SER B 184 73.68 27.47 14.38
N THR B 185 72.43 27.00 14.19
CA THR B 185 71.26 27.83 13.78
C THR B 185 70.93 28.85 14.87
N LEU B 186 71.26 28.55 16.14
CA LEU B 186 71.13 29.50 17.27
C LEU B 186 72.15 30.64 17.09
N LEU B 187 73.44 30.30 17.03
CA LEU B 187 74.54 31.31 17.10
C LEU B 187 74.68 32.05 15.76
N ALA B 188 74.91 31.32 14.67
CA ALA B 188 75.41 31.84 13.38
C ALA B 188 74.60 33.06 12.89
N PRO B 189 73.25 32.98 12.78
CA PRO B 189 72.49 34.08 12.17
C PRO B 189 72.52 35.36 13.01
N TYR B 190 72.48 35.22 14.34
CA TYR B 190 72.47 36.34 15.31
C TYR B 190 73.80 37.10 15.23
N GLN B 191 74.92 36.39 15.38
CA GLN B 191 76.30 36.94 15.28
C GLN B 191 76.50 37.62 13.92
N ALA B 192 76.10 36.93 12.83
CA ALA B 192 76.15 37.44 11.44
C ALA B 192 75.47 38.80 11.37
N LEU B 193 74.19 38.86 11.76
CA LEU B 193 73.36 40.10 11.70
C LEU B 193 73.89 41.16 12.66
N ARG B 194 74.45 40.76 13.81
CA ARG B 194 74.93 41.71 14.87
C ARG B 194 76.15 42.47 14.35
N LEU B 195 77.17 41.78 13.82
CA LEU B 195 78.36 42.43 13.20
C LEU B 195 77.93 43.21 11.96
N TRP B 196 77.11 42.60 11.10
CA TRP B 196 76.57 43.21 9.85
C TRP B 196 75.81 44.51 10.17
N ALA B 197 75.19 44.60 11.36
CA ALA B 197 74.51 45.81 11.88
C ALA B 197 75.47 46.70 12.69
N ARG B 198 76.79 46.61 12.44
CA ARG B 198 77.82 47.51 13.02
C ARG B 198 78.58 48.20 11.89
N GLY B 199 77.85 48.64 10.85
CA GLY B 199 78.41 49.30 9.65
C GLY B 199 77.46 49.21 8.46
N GLY B 206 81.15 43.19 6.99
CA GLY B 206 82.23 42.35 7.55
C GLY B 206 82.28 40.97 6.91
N LEU B 207 82.58 39.94 7.70
CA LEU B 207 82.73 38.53 7.25
C LEU B 207 81.43 37.74 7.46
N GLY B 208 80.36 38.39 7.95
CA GLY B 208 79.02 37.79 8.16
C GLY B 208 78.53 37.04 6.93
N CYS B 209 78.69 37.65 5.75
CA CYS B 209 78.33 37.09 4.41
C CYS B 209 78.86 35.65 4.25
N ALA B 210 80.06 35.37 4.76
CA ALA B 210 80.68 34.02 4.77
C ALA B 210 80.09 33.16 5.90
N LEU B 211 79.85 33.76 7.08
CA LEU B 211 79.41 33.04 8.31
C LEU B 211 78.02 32.41 8.09
N LEU B 212 77.04 33.19 7.62
CA LEU B 212 75.65 32.71 7.42
C LEU B 212 75.60 31.67 6.29
N ALA B 213 76.47 31.82 5.27
CA ALA B 213 76.65 30.85 4.17
C ALA B 213 77.24 29.53 4.72
N ALA B 214 78.25 29.62 5.59
CA ALA B 214 78.83 28.46 6.32
C ALA B 214 77.73 27.80 7.17
N HIS B 215 76.88 28.60 7.81
CA HIS B 215 75.67 28.13 8.56
C HIS B 215 74.71 27.40 7.61
N ALA B 216 74.42 27.97 6.45
CA ALA B 216 73.54 27.38 5.41
C ALA B 216 74.09 26.00 5.00
N VAL B 217 75.43 25.86 4.95
CA VAL B 217 76.12 24.57 4.61
C VAL B 217 76.03 23.60 5.79
N VAL B 218 76.34 24.04 7.02
CA VAL B 218 76.58 23.14 8.20
C VAL B 218 75.35 22.27 8.50
N LEU B 219 74.14 22.69 8.09
CA LEU B 219 72.89 21.89 8.27
C LEU B 219 72.25 21.52 6.93
N CYS B 220 72.94 21.72 5.80
CA CYS B 220 72.52 21.26 4.44
C CYS B 220 73.27 19.97 4.06
N ALA B 221 74.48 19.77 4.58
CA ALA B 221 75.33 18.58 4.34
C ALA B 221 75.24 17.61 5.53
N LEU B 222 75.45 18.10 6.75
CA LEU B 222 75.54 17.30 8.01
C LEU B 222 74.34 16.36 8.13
N PRO B 223 73.06 16.83 8.10
CA PRO B 223 71.93 15.93 8.31
C PRO B 223 71.70 14.94 7.15
N VAL B 224 72.32 15.19 5.98
CA VAL B 224 72.29 14.26 4.79
C VAL B 224 73.38 13.20 5.00
N HIS B 225 74.61 13.64 5.29
CA HIS B 225 75.79 12.79 5.63
C HIS B 225 75.39 11.77 6.70
N VAL B 226 74.94 12.27 7.86
CA VAL B 226 74.59 11.45 9.06
C VAL B 226 73.37 10.57 8.72
N ALA B 227 72.51 11.01 7.79
CA ALA B 227 71.33 10.24 7.31
C ALA B 227 71.77 9.05 6.45
N VAL B 228 72.57 9.27 5.41
CA VAL B 228 72.92 8.24 4.39
C VAL B 228 74.10 7.39 4.88
N GLU B 229 75.23 8.03 5.24
CA GLU B 229 76.54 7.36 5.48
C GLU B 229 76.46 6.41 6.69
N HIS B 230 75.46 6.55 7.58
CA HIS B 230 75.28 5.72 8.80
C HIS B 230 74.03 4.81 8.72
N GLN B 231 73.36 4.75 7.56
CA GLN B 231 72.27 3.76 7.27
C GLN B 231 71.15 3.89 8.32
N LEU B 232 70.62 5.10 8.51
CA LEU B 232 69.59 5.41 9.53
C LEU B 232 68.25 4.77 9.14
N PRO B 233 67.43 4.32 10.11
CA PRO B 233 66.04 3.91 9.84
C PRO B 233 65.15 5.11 9.51
N PRO B 234 63.88 4.90 9.08
CA PRO B 234 63.02 6.00 8.65
C PRO B 234 62.69 7.05 9.72
N ALA B 235 62.21 6.62 10.91
CA ALA B 235 61.72 7.53 11.98
C ALA B 235 62.83 8.51 12.38
N SER B 236 63.96 8.01 12.88
CA SER B 236 65.13 8.81 13.34
C SER B 236 65.74 9.60 12.17
N ARG B 237 65.40 9.28 10.92
CA ARG B 237 65.73 10.10 9.72
C ARG B 237 64.75 11.27 9.63
N CYS B 238 63.45 11.02 9.81
CA CYS B 238 62.36 12.04 9.69
C CYS B 238 62.54 13.12 10.77
N VAL B 239 63.02 12.72 11.96
CA VAL B 239 63.39 13.66 13.08
C VAL B 239 64.30 14.75 12.50
N LEU B 240 65.47 14.38 12.00
CA LEU B 240 66.54 15.33 11.55
C LEU B 240 66.08 16.13 10.33
N VAL B 241 65.41 15.50 9.35
CA VAL B 241 64.97 16.20 8.10
C VAL B 241 63.93 17.27 8.45
N PHE B 242 63.00 16.98 9.37
CA PHE B 242 62.01 17.97 9.86
C PHE B 242 62.76 19.14 10.55
N GLU B 243 63.72 18.80 11.42
CA GLU B 243 64.52 19.77 12.20
C GLU B 243 65.32 20.68 11.26
N GLN B 244 65.88 20.16 10.17
CA GLN B 244 66.71 20.97 9.22
C GLN B 244 65.81 21.94 8.44
N VAL B 245 64.65 21.50 7.94
CA VAL B 245 63.68 22.39 7.21
C VAL B 245 63.18 23.44 8.21
N ARG B 246 62.73 22.98 9.39
CA ARG B 246 62.25 23.85 10.50
C ARG B 246 63.27 24.98 10.71
N PHE B 247 64.54 24.64 10.97
CA PHE B 247 65.61 25.61 11.32
C PHE B 247 65.90 26.55 10.13
N LEU B 248 66.02 26.00 8.91
CA LEU B 248 66.18 26.80 7.66
C LEU B 248 65.07 27.87 7.60
N MET B 249 63.81 27.42 7.72
CA MET B 249 62.60 28.28 7.58
C MET B 249 62.68 29.46 8.56
N LYS B 250 62.85 29.18 9.87
CA LYS B 250 62.74 30.21 10.93
C LYS B 250 64.03 31.04 11.03
N SER B 251 65.21 30.46 10.72
CA SER B 251 66.49 31.21 10.61
C SER B 251 66.35 32.29 9.53
N TYR B 252 65.96 31.88 8.31
CA TYR B 252 65.72 32.78 7.15
C TYR B 252 64.63 33.81 7.49
N SER B 253 63.55 33.36 8.15
CA SER B 253 62.42 34.21 8.60
C SER B 253 62.95 35.38 9.44
N PHE B 254 63.72 35.06 10.50
CA PHE B 254 64.37 36.04 11.41
C PHE B 254 65.24 37.01 10.61
N LEU B 255 66.08 36.47 9.71
CA LEU B 255 66.98 37.26 8.82
C LEU B 255 66.15 38.30 8.06
N ARG B 256 65.17 37.87 7.27
CA ARG B 256 64.37 38.75 6.38
C ARG B 256 63.52 39.74 7.21
N GLU B 257 63.22 39.43 8.47
CA GLU B 257 62.54 40.37 9.41
C GLU B 257 63.52 41.45 9.88
N ALA B 258 64.69 41.04 10.39
CA ALA B 258 65.65 41.93 11.08
C ALA B 258 66.37 42.85 10.07
N VAL B 259 66.67 42.36 8.86
CA VAL B 259 67.50 43.07 7.83
C VAL B 259 66.91 44.45 7.50
N PRO B 260 65.62 44.59 7.08
CA PRO B 260 65.08 45.91 6.70
C PRO B 260 65.20 46.97 7.81
N GLY B 261 65.17 46.56 9.08
CA GLY B 261 65.41 47.42 10.26
C GLY B 261 66.82 48.00 10.29
N ILE B 262 67.80 47.33 9.66
CA ILE B 262 69.25 47.69 9.69
C ILE B 262 69.56 48.73 8.60
N LEU B 263 68.71 48.86 7.57
CA LEU B 263 69.04 49.61 6.31
C LEU B 263 68.80 51.13 6.45
N ARG B 264 68.71 51.67 7.67
CA ARG B 264 68.67 53.14 7.91
C ARG B 264 70.04 53.73 7.58
N ALA B 265 70.07 54.83 6.82
CA ALA B 265 71.29 55.51 6.32
C ALA B 265 72.04 56.18 7.48
N ALA B 273 69.52 46.46 16.38
CA ALA B 273 69.97 45.29 17.17
C ALA B 273 68.76 44.58 17.78
N PRO B 274 68.42 43.33 17.36
CA PRO B 274 67.33 42.58 17.96
C PRO B 274 67.78 41.92 19.28
N SER B 275 66.90 41.89 20.28
CA SER B 275 67.17 41.31 21.62
C SER B 275 67.38 39.80 21.50
N PHE B 276 68.51 39.29 22.00
CA PHE B 276 68.97 37.88 21.87
C PHE B 276 67.92 36.92 22.48
N SER B 277 67.52 37.21 23.72
CA SER B 277 66.53 36.42 24.51
C SER B 277 65.27 36.17 23.68
N SER B 278 64.77 37.19 22.96
CA SER B 278 63.59 37.12 22.05
C SER B 278 63.88 36.14 20.90
N TYR B 279 65.11 36.14 20.38
CA TYR B 279 65.54 35.24 19.27
C TYR B 279 65.49 33.79 19.76
N LEU B 280 66.21 33.47 20.84
CA LEU B 280 66.27 32.11 21.44
C LEU B 280 64.86 31.61 21.76
N TYR B 281 64.02 32.49 22.34
CA TYR B 281 62.59 32.23 22.59
C TYR B 281 61.91 31.87 21.26
N PHE B 282 61.98 32.79 20.28
CA PHE B 282 61.40 32.65 18.91
C PHE B 282 61.79 31.29 18.30
N LEU B 283 63.04 30.84 18.49
CA LEU B 283 63.56 29.56 17.94
C LEU B 283 62.77 28.36 18.49
N PHE B 284 62.11 28.49 19.65
CA PHE B 284 61.26 27.45 20.26
C PHE B 284 59.76 27.78 20.13
N CYS B 285 59.40 29.03 19.80
CA CYS B 285 57.99 29.48 19.65
C CYS B 285 57.32 28.67 18.54
N PRO B 286 56.04 28.28 18.70
CA PRO B 286 55.36 27.43 17.73
C PRO B 286 55.05 28.04 16.35
N THR B 287 55.36 29.33 16.14
CA THR B 287 55.12 30.09 14.88
C THR B 287 56.46 30.37 14.18
N LEU B 288 56.43 30.48 12.84
CA LEU B 288 57.63 30.67 11.98
C LEU B 288 57.87 32.16 11.67
N ILE B 289 56.86 33.02 11.87
CA ILE B 289 57.02 34.50 11.76
C ILE B 289 57.80 34.98 12.99
N TYR B 290 58.80 35.85 12.79
CA TYR B 290 59.57 36.51 13.87
C TYR B 290 59.00 37.92 14.09
N ARG B 291 58.52 38.20 15.32
CA ARG B 291 57.88 39.48 15.71
C ARG B 291 58.56 40.14 16.92
N GLU B 292 59.32 39.38 17.73
CA GLU B 292 59.94 39.78 19.03
C GLU B 292 58.96 40.60 19.89
N THR B 293 57.65 40.33 19.79
CA THR B 293 56.58 40.87 20.67
C THR B 293 55.87 39.68 21.32
N TYR B 294 55.22 38.85 20.50
CA TYR B 294 54.57 37.56 20.85
C TYR B 294 53.69 37.76 22.08
N PRO B 295 52.44 38.25 21.92
CA PRO B 295 51.59 38.57 23.07
C PRO B 295 51.24 37.31 23.87
N ARG B 296 51.55 37.33 25.17
CA ARG B 296 51.65 36.14 26.04
C ARG B 296 50.47 36.05 27.02
N THR B 297 50.33 34.88 27.65
CA THR B 297 49.24 34.51 28.61
C THR B 297 49.77 34.66 30.03
N PRO B 298 48.94 34.98 31.04
CA PRO B 298 49.38 35.13 32.43
C PRO B 298 50.33 34.07 33.01
N TYR B 299 49.99 32.78 32.92
CA TYR B 299 50.72 31.66 33.56
C TYR B 299 50.57 30.37 32.74
N VAL B 300 50.96 29.23 33.33
CA VAL B 300 51.20 27.93 32.64
C VAL B 300 50.42 26.83 33.38
N ARG B 301 49.39 26.28 32.72
CA ARG B 301 48.53 25.17 33.25
C ARG B 301 49.22 23.84 32.99
N TRP B 302 50.12 23.43 33.89
CA TRP B 302 51.00 22.24 33.73
C TRP B 302 50.18 20.94 33.66
N ASN B 303 48.98 20.92 34.26
CA ASN B 303 47.97 19.84 34.09
C ASN B 303 47.62 19.71 32.61
N TYR B 304 47.37 20.84 31.93
CA TYR B 304 46.94 20.90 30.50
C TYR B 304 48.08 20.41 29.59
N VAL B 305 49.34 20.83 29.84
CA VAL B 305 50.50 20.41 29.00
C VAL B 305 50.79 18.92 29.24
N ALA B 306 50.66 18.43 30.48
CA ALA B 306 50.81 17.00 30.83
C ALA B 306 49.79 16.16 30.03
N LYS B 307 48.52 16.59 30.02
CA LYS B 307 47.42 15.99 29.21
C LYS B 307 47.80 15.97 27.73
N ASN B 308 48.29 17.11 27.21
CA ASN B 308 48.60 17.29 25.76
C ASN B 308 49.70 16.31 25.33
N PHE B 309 50.78 16.18 26.11
CA PHE B 309 51.92 15.26 25.80
C PHE B 309 51.49 13.79 25.97
N ALA B 310 50.61 13.51 26.94
CA ALA B 310 50.00 12.16 27.11
C ALA B 310 49.21 11.79 25.86
N GLN B 311 48.40 12.72 25.33
CA GLN B 311 47.60 12.53 24.08
C GLN B 311 48.54 12.34 22.87
N ALA B 312 49.60 13.15 22.77
CA ALA B 312 50.62 13.08 21.69
C ALA B 312 51.26 11.69 21.65
N LEU B 313 51.68 11.16 22.81
CA LEU B 313 52.27 9.80 22.94
C LEU B 313 51.23 8.75 22.57
N GLY B 314 49.99 8.91 23.06
CA GLY B 314 48.83 8.06 22.69
C GLY B 314 48.62 8.00 21.18
N CYS B 315 48.72 9.15 20.51
CA CYS B 315 48.61 9.30 19.03
C CYS B 315 49.72 8.52 18.32
N VAL B 316 50.96 8.62 18.80
CA VAL B 316 52.14 7.87 18.25
C VAL B 316 51.85 6.36 18.38
N LEU B 317 51.34 5.92 19.53
CA LEU B 317 51.00 4.49 19.79
C LEU B 317 49.88 4.05 18.82
N TYR B 318 48.90 4.92 18.57
CA TYR B 318 47.77 4.66 17.64
C TYR B 318 48.30 4.46 16.21
N ALA B 319 49.15 5.39 15.75
CA ALA B 319 49.81 5.36 14.42
C ALA B 319 50.67 4.10 14.27
N CYS B 320 51.43 3.74 15.33
CA CYS B 320 52.26 2.50 15.41
C CYS B 320 51.38 1.26 15.18
N PHE B 321 50.24 1.18 15.88
CA PHE B 321 49.26 0.07 15.76
C PHE B 321 48.72 -0.02 14.33
N ILE B 322 48.34 1.11 13.73
CA ILE B 322 47.82 1.17 12.32
C ILE B 322 48.90 0.64 11.37
N LEU B 323 50.12 1.19 11.41
CA LEU B 323 51.23 0.78 10.51
C LEU B 323 51.64 -0.67 10.79
N GLY B 324 51.49 -1.14 12.03
CA GLY B 324 51.85 -2.52 12.42
C GLY B 324 50.82 -3.56 12.01
N ARG B 325 49.53 -3.17 11.88
CA ARG B 325 48.40 -4.14 11.80
C ARG B 325 47.68 -4.06 10.44
N LEU B 326 47.27 -2.87 9.98
CA LEU B 326 46.37 -2.71 8.79
C LEU B 326 47.11 -2.16 7.57
N CYS B 327 48.42 -1.93 7.66
CA CYS B 327 49.27 -1.38 6.56
C CYS B 327 50.27 -2.44 6.07
N VAL B 328 51.08 -2.99 6.98
CA VAL B 328 52.22 -3.91 6.65
C VAL B 328 51.68 -5.27 6.23
N PRO B 329 50.86 -5.99 7.04
CA PRO B 329 50.44 -7.36 6.69
C PRO B 329 49.80 -7.55 5.31
N VAL B 330 49.09 -6.53 4.81
CA VAL B 330 48.45 -6.51 3.46
C VAL B 330 49.51 -6.26 2.38
N PHE B 331 50.63 -5.59 2.72
CA PHE B 331 51.63 -5.07 1.75
C PHE B 331 52.99 -5.81 1.82
N ALA B 332 53.21 -6.68 2.82
CA ALA B 332 54.43 -7.51 2.97
C ALA B 332 54.61 -8.39 1.73
N ASN B 333 53.48 -8.83 1.15
CA ASN B 333 53.43 -9.80 0.02
C ASN B 333 53.26 -9.04 -1.30
N MET B 334 54.28 -8.28 -1.69
CA MET B 334 54.40 -7.61 -3.00
C MET B 334 55.49 -8.28 -3.85
N SER B 335 56.25 -9.21 -3.26
CA SER B 335 57.19 -10.13 -3.97
C SER B 335 56.44 -11.03 -4.96
N ARG B 336 55.13 -11.25 -4.74
CA ARG B 336 54.24 -12.09 -5.59
C ARG B 336 53.31 -11.15 -6.38
N GLU B 337 53.88 -10.39 -7.32
CA GLU B 337 53.17 -9.43 -8.21
C GLU B 337 53.72 -9.54 -9.62
N PRO B 338 52.89 -9.96 -10.61
CA PRO B 338 53.27 -9.96 -12.02
C PRO B 338 52.92 -8.68 -12.82
N PHE B 339 52.86 -7.52 -12.16
CA PHE B 339 52.44 -6.20 -12.72
C PHE B 339 50.95 -6.26 -13.09
N SER B 340 50.14 -6.94 -12.27
CA SER B 340 48.65 -6.96 -12.36
C SER B 340 48.07 -5.72 -11.65
N THR B 341 46.88 -5.29 -12.07
CA THR B 341 46.14 -4.12 -11.53
C THR B 341 45.08 -4.58 -10.52
N ARG B 342 45.07 -5.86 -10.15
CA ARG B 342 44.08 -6.44 -9.20
C ARG B 342 44.61 -6.30 -7.76
N ALA B 343 45.92 -6.42 -7.56
CA ALA B 343 46.62 -6.27 -6.26
C ALA B 343 47.18 -4.85 -6.09
N LEU B 344 46.83 -3.91 -6.98
CA LEU B 344 47.20 -2.48 -6.87
C LEU B 344 45.96 -1.65 -6.53
N VAL B 345 44.87 -1.76 -7.31
CA VAL B 345 43.63 -0.95 -7.12
C VAL B 345 42.92 -1.40 -5.84
N LEU B 346 42.74 -2.71 -5.64
CA LEU B 346 42.02 -3.25 -4.45
C LEU B 346 42.84 -2.99 -3.18
N SER B 347 44.17 -3.11 -3.28
CA SER B 347 45.14 -2.84 -2.20
C SER B 347 45.11 -1.35 -1.82
N ILE B 348 45.05 -0.46 -2.82
CA ILE B 348 44.92 1.03 -2.65
C ILE B 348 43.64 1.33 -1.86
N LEU B 349 42.50 0.72 -2.25
CA LEU B 349 41.20 0.92 -1.53
C LEU B 349 41.30 0.32 -0.12
N HIS B 350 41.82 -0.90 0.01
CA HIS B 350 42.04 -1.57 1.32
C HIS B 350 42.90 -0.66 2.23
N ALA B 351 43.82 0.11 1.65
CA ALA B 351 44.81 0.96 2.39
C ALA B 351 44.39 2.44 2.45
N THR B 352 43.20 2.82 1.96
CA THR B 352 42.71 4.23 2.03
C THR B 352 42.40 4.61 3.49
N LEU B 353 41.94 3.68 4.31
CA LEU B 353 41.53 3.93 5.72
C LEU B 353 42.76 4.11 6.62
N PRO B 354 43.80 3.24 6.56
CA PRO B 354 45.08 3.55 7.18
C PRO B 354 45.54 4.95 6.76
N GLY B 355 45.55 5.23 5.46
CA GLY B 355 45.88 6.54 4.86
C GLY B 355 45.21 7.71 5.58
N ILE B 356 43.88 7.68 5.71
CA ILE B 356 43.11 8.81 6.32
C ILE B 356 43.45 8.92 7.82
N PHE B 357 43.58 7.79 8.52
CA PHE B 357 43.94 7.78 9.97
C PHE B 357 45.37 8.34 10.15
N MET B 358 46.31 7.93 9.29
CA MET B 358 47.71 8.44 9.33
C MET B 358 47.68 9.97 9.22
N LEU B 359 47.02 10.54 8.21
CA LEU B 359 46.91 12.01 7.97
C LEU B 359 46.26 12.69 9.18
N LEU B 360 45.09 12.21 9.60
CA LEU B 360 44.25 12.84 10.65
C LEU B 360 44.95 12.74 12.02
N LEU B 361 45.72 11.67 12.26
CA LEU B 361 46.55 11.53 13.49
C LEU B 361 47.73 12.50 13.44
N ILE B 362 48.38 12.68 12.28
CA ILE B 362 49.43 13.71 12.05
C ILE B 362 48.85 15.07 12.46
N PHE B 363 47.65 15.39 11.96
CA PHE B 363 46.89 16.65 12.26
C PHE B 363 46.75 16.81 13.77
N PHE B 364 46.19 15.81 14.47
CA PHE B 364 45.83 15.93 15.90
C PHE B 364 47.09 15.94 16.78
N ALA B 365 48.03 15.05 16.49
CA ALA B 365 49.28 14.86 17.26
C ALA B 365 50.19 16.09 17.13
N PHE B 366 50.48 16.52 15.90
CA PHE B 366 51.54 17.54 15.62
C PHE B 366 50.95 18.92 15.32
N LEU B 367 49.65 19.16 15.54
CA LEU B 367 49.05 20.51 15.36
C LEU B 367 48.10 20.92 16.49
N HIS B 368 47.59 19.98 17.31
CA HIS B 368 46.73 20.28 18.49
C HIS B 368 47.30 19.70 19.79
N CYS B 369 47.94 18.53 19.76
CA CYS B 369 48.60 17.93 20.95
C CYS B 369 49.94 18.64 21.19
N TRP B 370 50.83 18.62 20.20
CA TRP B 370 52.26 18.97 20.34
C TRP B 370 52.46 20.49 20.37
N LEU B 371 51.97 21.23 19.36
CA LEU B 371 52.22 22.69 19.22
C LEU B 371 51.47 23.48 20.30
N ASN B 372 50.28 23.03 20.69
CA ASN B 372 49.50 23.64 21.82
C ASN B 372 50.22 23.41 23.14
N ALA B 373 50.85 22.24 23.33
CA ALA B 373 51.66 21.89 24.53
C ALA B 373 52.82 22.88 24.68
N PHE B 374 53.50 23.20 23.58
CA PHE B 374 54.65 24.14 23.54
C PHE B 374 54.13 25.57 23.65
N ALA B 375 53.02 25.90 22.97
CA ALA B 375 52.32 27.20 23.09
C ALA B 375 51.85 27.44 24.53
N GLU B 376 51.65 26.37 25.31
CA GLU B 376 51.36 26.46 26.76
C GLU B 376 52.64 26.69 27.55
N MET B 377 53.64 25.81 27.39
CA MET B 377 54.91 25.80 28.18
C MET B 377 55.62 27.16 28.07
N LEU B 378 55.57 27.81 26.90
CA LEU B 378 56.30 29.07 26.59
C LEU B 378 55.42 30.31 26.84
N ARG B 379 54.22 30.12 27.40
CA ARG B 379 53.22 31.20 27.70
C ARG B 379 52.83 31.95 26.40
N PHE B 380 52.90 31.27 25.25
CA PHE B 380 52.64 31.84 23.91
C PHE B 380 51.12 31.96 23.71
N GLY B 381 50.61 33.18 23.47
CA GLY B 381 49.22 33.41 23.01
C GLY B 381 49.07 33.04 21.56
N ASP B 382 48.01 33.47 20.87
CA ASP B 382 47.82 33.28 19.41
C ASP B 382 48.05 31.81 19.05
N ARG B 383 47.13 30.92 19.44
CA ARG B 383 47.26 29.44 19.27
C ARG B 383 46.48 28.99 18.03
N MET B 384 46.29 29.88 17.04
CA MET B 384 45.57 29.57 15.78
C MET B 384 46.57 28.97 14.78
N PHE B 385 46.90 27.68 14.99
CA PHE B 385 47.77 26.86 14.12
C PHE B 385 46.96 26.27 12.96
N TYR B 386 45.64 26.18 13.14
CA TYR B 386 44.67 25.55 12.21
C TYR B 386 43.28 26.14 12.49
N ARG B 387 42.70 26.83 11.52
CA ARG B 387 41.24 27.13 11.50
C ARG B 387 40.51 25.89 10.96
N ASP B 388 39.19 25.91 11.00
CA ASP B 388 38.30 24.81 10.53
C ASP B 388 38.62 24.47 9.07
N TRP B 389 39.57 23.56 8.84
CA TRP B 389 39.96 23.04 7.50
C TRP B 389 38.89 22.07 6.99
N TRP B 390 38.28 21.30 7.90
CA TRP B 390 37.23 20.29 7.64
C TRP B 390 35.97 20.93 7.05
N ASN B 391 35.81 22.25 7.18
CA ASN B 391 34.67 23.04 6.62
C ASN B 391 34.99 23.65 5.26
N SER B 392 36.24 23.58 4.79
CA SER B 392 36.74 24.30 3.58
C SER B 392 35.93 23.87 2.34
N THR B 393 35.12 24.79 1.81
CA THR B 393 34.29 24.60 0.58
C THR B 393 35.19 24.84 -0.63
N SER B 394 35.80 26.03 -0.72
CA SER B 394 36.83 26.40 -1.72
C SER B 394 38.17 25.78 -1.30
N PHE B 395 38.97 25.31 -2.25
CA PHE B 395 40.27 24.63 -2.00
C PHE B 395 41.31 25.66 -1.53
N SER B 396 41.24 26.90 -2.04
CA SER B 396 42.02 28.05 -1.54
C SER B 396 41.88 28.17 -0.01
N ASN B 397 40.66 28.00 0.50
CA ASN B 397 40.33 27.98 1.95
C ASN B 397 41.05 26.79 2.62
N TYR B 398 41.16 25.64 1.93
CA TYR B 398 41.85 24.42 2.44
C TYR B 398 43.34 24.71 2.67
N TYR B 399 44.01 25.35 1.70
CA TYR B 399 45.42 25.83 1.82
C TYR B 399 45.51 26.88 2.93
N ARG B 400 44.50 27.76 3.02
CA ARG B 400 44.46 28.90 3.98
C ARG B 400 44.37 28.41 5.43
N THR B 401 43.62 27.33 5.72
CA THR B 401 43.20 26.94 7.08
C THR B 401 43.72 25.56 7.51
N TRP B 402 44.72 24.98 6.79
CA TRP B 402 45.43 23.73 7.20
C TRP B 402 46.90 24.06 7.45
N ASN B 403 47.36 23.89 8.70
CA ASN B 403 48.77 24.09 9.13
C ASN B 403 49.15 25.56 8.91
N VAL B 404 48.43 26.45 9.60
CA VAL B 404 48.42 27.93 9.36
C VAL B 404 49.81 28.51 9.64
N VAL B 405 50.62 27.86 10.49
CA VAL B 405 52.02 28.31 10.83
C VAL B 405 52.90 28.30 9.56
N VAL B 406 52.98 27.18 8.84
CA VAL B 406 53.87 27.04 7.63
C VAL B 406 53.23 27.86 6.49
N HIS B 407 51.90 27.84 6.39
CA HIS B 407 51.09 28.68 5.45
C HIS B 407 51.47 30.15 5.64
N ASP B 408 51.51 30.63 6.89
CA ASP B 408 51.82 32.04 7.26
C ASP B 408 53.24 32.38 6.80
N TRP B 409 54.22 31.52 7.10
CA TRP B 409 55.63 31.69 6.62
C TRP B 409 55.64 31.74 5.09
N LEU B 410 55.07 30.73 4.43
CA LEU B 410 55.10 30.60 2.95
C LEU B 410 54.44 31.82 2.31
N TYR B 411 53.31 32.28 2.87
CA TYR B 411 52.53 33.46 2.41
C TYR B 411 53.38 34.74 2.54
N SER B 412 53.90 34.98 3.74
CA SER B 412 54.64 36.23 4.10
C SER B 412 55.94 36.36 3.31
N TYR B 413 56.70 35.27 3.14
CA TYR B 413 58.12 35.29 2.70
C TYR B 413 58.32 34.82 1.24
N VAL B 414 57.29 34.32 0.56
CA VAL B 414 57.38 33.90 -0.87
C VAL B 414 56.35 34.65 -1.72
N TYR B 415 55.06 34.58 -1.35
CA TYR B 415 53.94 35.21 -2.12
C TYR B 415 54.10 36.74 -2.06
N GLN B 416 54.07 37.30 -0.85
CA GLN B 416 54.11 38.78 -0.60
C GLN B 416 55.51 39.34 -0.90
N ASP B 417 56.53 38.49 -1.10
CA ASP B 417 57.90 38.89 -1.54
C ASP B 417 58.03 38.71 -3.06
N GLY B 418 57.43 37.67 -3.63
CA GLY B 418 57.30 37.45 -5.08
C GLY B 418 56.60 38.62 -5.75
N LEU B 419 55.43 39.00 -5.21
CA LEU B 419 54.62 40.17 -5.65
C LEU B 419 55.49 41.45 -5.64
N ARG B 420 56.35 41.62 -4.64
CA ARG B 420 57.24 42.80 -4.49
C ARG B 420 58.39 42.72 -5.50
N LEU B 421 59.08 41.58 -5.58
CA LEU B 421 60.25 41.36 -6.48
C LEU B 421 59.81 41.53 -7.94
N LEU B 422 58.81 40.75 -8.38
CA LEU B 422 58.28 40.81 -9.77
C LEU B 422 57.62 42.18 -10.00
N GLY B 423 57.02 42.77 -8.97
CA GLY B 423 56.13 43.94 -9.09
C GLY B 423 54.91 43.60 -9.94
N ALA B 424 54.56 42.32 -9.98
CA ALA B 424 53.62 41.73 -10.96
C ALA B 424 52.18 42.00 -10.53
N ARG B 425 51.40 42.63 -11.42
CA ARG B 425 49.92 42.75 -11.29
C ARG B 425 49.33 41.35 -11.44
N ALA B 426 49.92 40.54 -12.33
CA ALA B 426 49.59 39.11 -12.56
C ALA B 426 50.30 38.24 -11.50
N ARG B 427 49.54 37.77 -10.51
CA ARG B 427 50.01 36.79 -9.48
C ARG B 427 50.18 35.39 -10.11
N GLY B 428 49.66 35.17 -11.33
CA GLY B 428 49.69 33.90 -12.09
C GLY B 428 51.04 33.19 -12.06
N VAL B 429 52.15 33.93 -12.11
CA VAL B 429 53.54 33.39 -11.99
C VAL B 429 53.99 33.48 -10.53
N ALA B 430 53.57 34.52 -9.79
CA ALA B 430 53.89 34.74 -8.36
C ALA B 430 53.39 33.56 -7.52
N MET B 431 52.09 33.26 -7.59
CA MET B 431 51.51 31.98 -7.10
C MET B 431 51.74 30.92 -8.17
N LEU B 432 51.91 29.66 -7.73
CA LEU B 432 52.55 28.53 -8.47
C LEU B 432 54.07 28.55 -8.20
N GLY B 433 54.60 29.67 -7.69
CA GLY B 433 55.91 29.72 -7.01
C GLY B 433 55.81 29.12 -5.62
N VAL B 434 54.88 29.61 -4.79
CA VAL B 434 54.55 29.06 -3.44
C VAL B 434 54.20 27.57 -3.56
N PHE B 435 53.37 27.22 -4.56
CA PHE B 435 52.90 25.83 -4.83
C PHE B 435 54.10 24.96 -5.24
N LEU B 436 55.03 25.50 -6.05
CA LEU B 436 56.23 24.76 -6.53
C LEU B 436 57.17 24.50 -5.36
N VAL B 437 57.42 25.49 -4.50
CA VAL B 437 58.27 25.36 -3.27
C VAL B 437 57.61 24.34 -2.34
N SER B 438 56.30 24.47 -2.10
CA SER B 438 55.47 23.53 -1.30
C SER B 438 55.58 22.10 -1.86
N ALA B 439 55.61 21.96 -3.19
CA ALA B 439 55.63 20.66 -3.91
C ALA B 439 57.01 19.99 -3.76
N VAL B 440 58.11 20.74 -3.95
CA VAL B 440 59.51 20.19 -3.89
C VAL B 440 59.88 19.88 -2.44
N ALA B 441 59.46 20.72 -1.48
CA ALA B 441 59.78 20.56 -0.03
C ALA B 441 59.31 19.19 0.49
N HIS B 442 58.06 18.82 0.19
CA HIS B 442 57.40 17.56 0.67
C HIS B 442 58.05 16.34 0.01
N GLU B 443 58.33 16.43 -1.30
CA GLU B 443 58.99 15.35 -2.08
C GLU B 443 60.43 15.17 -1.62
N TYR B 444 61.14 16.27 -1.35
CA TYR B 444 62.49 16.27 -0.74
C TYR B 444 62.42 15.49 0.58
N ILE B 445 61.49 15.86 1.48
CA ILE B 445 61.27 15.19 2.79
C ILE B 445 61.08 13.68 2.53
N PHE B 446 60.03 13.27 1.80
CA PHE B 446 59.72 11.84 1.53
C PHE B 446 60.94 11.13 0.93
N CYS B 447 61.40 11.59 -0.24
CA CYS B 447 62.60 11.08 -0.97
C CYS B 447 63.77 10.89 0.00
N PHE B 448 63.96 11.84 0.91
CA PHE B 448 64.99 11.79 1.99
C PHE B 448 64.64 10.67 2.98
N VAL B 449 63.42 10.68 3.54
CA VAL B 449 63.03 9.91 4.77
C VAL B 449 63.10 8.40 4.50
N LEU B 450 62.64 7.95 3.32
CA LEU B 450 62.61 6.52 2.95
C LEU B 450 63.60 6.21 1.81
N GLY B 451 64.40 7.20 1.38
CA GLY B 451 65.46 7.01 0.37
C GLY B 451 64.91 6.64 -1.00
N PHE B 452 63.83 7.31 -1.45
CA PHE B 452 63.12 7.01 -2.72
C PHE B 452 63.26 8.14 -3.72
N PHE B 453 63.88 7.83 -4.85
CA PHE B 453 64.24 8.80 -5.92
C PHE B 453 62.98 9.23 -6.70
N TYR B 454 61.98 8.35 -6.86
CA TYR B 454 60.74 8.63 -7.63
C TYR B 454 59.80 9.51 -6.80
N PRO B 455 59.41 10.70 -7.31
CA PRO B 455 58.32 11.47 -6.71
C PRO B 455 56.93 11.00 -7.21
N VAL B 456 56.06 10.65 -6.26
CA VAL B 456 54.61 10.36 -6.49
C VAL B 456 53.80 11.59 -6.07
N MET B 457 54.07 12.10 -4.87
CA MET B 457 53.28 13.18 -4.22
C MET B 457 53.59 14.53 -4.87
N LEU B 458 54.63 14.62 -5.72
CA LEU B 458 54.82 15.75 -6.67
C LEU B 458 53.73 15.69 -7.73
N ILE B 459 53.64 14.55 -8.42
CA ILE B 459 52.67 14.30 -9.53
C ILE B 459 51.26 14.27 -8.92
N LEU B 460 51.06 13.57 -7.80
CA LEU B 460 49.74 13.56 -7.10
C LEU B 460 49.41 14.97 -6.59
N PHE B 461 50.38 15.68 -6.00
CA PHE B 461 50.20 17.08 -5.51
C PHE B 461 49.67 17.96 -6.66
N LEU B 462 50.32 17.86 -7.83
CA LEU B 462 49.97 18.64 -9.05
C LEU B 462 48.58 18.22 -9.55
N VAL B 463 48.34 16.92 -9.70
CA VAL B 463 47.06 16.36 -10.27
C VAL B 463 45.89 16.66 -9.32
N ILE B 464 46.11 16.71 -8.00
CA ILE B 464 45.08 17.06 -6.98
C ILE B 464 44.90 18.59 -6.98
N GLY B 465 46.01 19.35 -7.02
CA GLY B 465 46.00 20.81 -7.24
C GLY B 465 45.11 21.18 -8.40
N GLY B 466 45.46 20.69 -9.60
CA GLY B 466 44.72 20.92 -10.87
C GLY B 466 43.24 20.56 -10.77
N MET B 467 42.89 19.51 -10.02
CA MET B 467 41.50 19.00 -9.90
C MET B 467 40.68 19.90 -8.97
N LEU B 468 41.14 20.10 -7.73
CA LEU B 468 40.36 20.82 -6.68
C LEU B 468 40.47 22.34 -6.84
N ASN B 469 41.60 22.84 -7.35
CA ASN B 469 41.85 24.31 -7.51
C ASN B 469 40.88 24.88 -8.56
N PHE B 470 40.91 24.36 -9.79
CA PHE B 470 40.20 24.92 -10.97
C PHE B 470 38.99 24.05 -11.35
N MET B 471 39.19 22.75 -11.57
CA MET B 471 38.10 21.80 -11.95
C MET B 471 37.17 21.61 -10.74
N ALA B 480 27.85 21.85 -0.40
CA ALA B 480 27.82 20.40 -0.73
C ALA B 480 28.97 19.98 -1.66
N TRP B 481 29.63 20.91 -2.36
CA TRP B 481 30.89 20.69 -3.14
C TRP B 481 31.94 20.00 -2.26
N ASN B 482 31.99 20.36 -0.97
CA ASN B 482 32.89 19.85 0.10
C ASN B 482 33.24 18.35 -0.07
N VAL B 483 32.26 17.52 -0.46
CA VAL B 483 32.39 16.03 -0.58
C VAL B 483 33.58 15.69 -1.48
N LEU B 484 33.67 16.33 -2.66
CA LEU B 484 34.70 16.04 -3.69
C LEU B 484 36.10 16.16 -3.09
N MET B 485 36.35 17.21 -2.31
CA MET B 485 37.64 17.44 -1.59
C MET B 485 37.94 16.23 -0.71
N TRP B 486 36.98 15.83 0.13
CA TRP B 486 37.10 14.70 1.09
C TRP B 486 37.38 13.39 0.32
N THR B 487 36.65 13.15 -0.78
CA THR B 487 36.86 11.98 -1.68
C THR B 487 38.29 12.02 -2.25
N MET B 488 38.67 13.14 -2.88
CA MET B 488 40.00 13.32 -3.54
C MET B 488 41.11 13.46 -2.49
N LEU B 489 40.76 13.64 -1.21
CA LEU B 489 41.71 13.51 -0.06
C LEU B 489 41.85 12.03 0.33
N PHE B 490 40.74 11.29 0.46
CA PHE B 490 40.72 9.85 0.83
C PHE B 490 41.67 9.05 -0.08
N LEU B 491 41.48 9.16 -1.40
CA LEU B 491 42.39 8.54 -2.41
C LEU B 491 43.74 9.25 -2.40
N GLY B 492 43.74 10.57 -2.14
CA GLY B 492 44.94 11.39 -1.88
C GLY B 492 45.86 10.76 -0.84
N GLN B 493 45.30 10.00 0.11
CA GLN B 493 46.06 9.17 1.09
C GLN B 493 46.19 7.73 0.58
N GLY B 494 45.07 7.10 0.17
CA GLY B 494 45.02 5.72 -0.34
C GLY B 494 46.14 5.42 -1.32
N ILE B 495 46.47 6.38 -2.18
CA ILE B 495 47.60 6.32 -3.15
C ILE B 495 48.94 6.35 -2.41
N GLN B 496 49.17 7.42 -1.62
CA GLN B 496 50.46 7.73 -0.95
C GLN B 496 51.02 6.50 -0.24
N VAL B 497 50.21 5.90 0.64
CA VAL B 497 50.62 4.74 1.50
C VAL B 497 50.98 3.56 0.59
N SER B 498 50.05 3.14 -0.28
CA SER B 498 50.18 1.93 -1.14
C SER B 498 51.45 2.06 -1.98
N LEU B 499 51.50 3.07 -2.86
CA LEU B 499 52.64 3.30 -3.79
C LEU B 499 53.99 3.39 -3.04
N TYR B 500 54.00 3.67 -1.73
CA TYR B 500 55.24 3.74 -0.92
C TYR B 500 55.55 2.37 -0.31
N CYS B 501 54.60 1.75 0.41
CA CYS B 501 54.75 0.39 1.03
C CYS B 501 55.11 -0.66 -0.04
N GLN B 502 54.82 -0.38 -1.31
CA GLN B 502 55.27 -1.19 -2.49
C GLN B 502 56.79 -1.10 -2.62
N GLU B 503 57.32 0.12 -2.76
CA GLU B 503 58.77 0.35 -3.06
C GLU B 503 59.58 0.33 -1.76
N TRP B 504 58.96 0.49 -0.58
CA TRP B 504 59.64 0.31 0.73
C TRP B 504 60.04 -1.16 0.92
N TYR B 505 59.34 -2.09 0.23
CA TYR B 505 59.64 -3.54 0.24
C TYR B 505 60.31 -4.01 -1.06
N ALA B 506 60.04 -3.37 -2.21
CA ALA B 506 60.76 -3.65 -3.47
C ALA B 506 62.25 -3.24 -3.36
N ARG B 507 62.61 -2.45 -2.35
CA ARG B 507 63.99 -2.00 -1.99
C ARG B 507 64.51 -2.83 -0.81
N ARG B 508 63.80 -3.89 -0.41
CA ARG B 508 64.07 -4.64 0.85
C ARG B 508 63.47 -6.05 0.75
N LYS C 108 -16.40 25.36 -22.27
CA LYS C 108 -16.89 25.10 -20.88
C LYS C 108 -16.14 23.90 -20.29
N GLN C 109 -15.33 24.13 -19.25
CA GLN C 109 -14.67 23.10 -18.42
C GLN C 109 -15.55 22.80 -17.20
N LYS C 110 -15.54 21.55 -16.72
CA LYS C 110 -16.42 21.07 -15.61
C LYS C 110 -16.13 21.85 -14.33
N VAL C 111 -17.21 22.25 -13.62
CA VAL C 111 -17.15 22.88 -12.26
C VAL C 111 -17.81 21.93 -11.27
N PHE C 112 -17.22 21.79 -10.08
CA PHE C 112 -17.52 20.73 -9.08
C PHE C 112 -18.51 21.27 -8.03
N ILE C 113 -19.49 20.44 -7.65
CA ILE C 113 -20.58 20.75 -6.67
C ILE C 113 -20.68 19.56 -5.71
N ILE C 114 -21.47 19.66 -4.63
CA ILE C 114 -21.50 18.69 -3.49
C ILE C 114 -22.76 17.81 -3.58
N ARG C 115 -23.20 17.45 -4.79
CA ARG C 115 -24.30 16.47 -5.00
C ARG C 115 -23.81 15.08 -4.60
N LYS C 116 -24.75 14.22 -4.17
CA LYS C 116 -24.51 12.84 -3.70
C LYS C 116 -24.87 11.86 -4.82
N SER C 117 -24.16 10.73 -4.91
CA SER C 117 -24.34 9.65 -5.92
C SER C 117 -25.80 9.23 -5.99
N LEU C 118 -26.42 9.37 -7.18
CA LEU C 118 -27.89 9.27 -7.41
C LEU C 118 -28.45 8.00 -6.77
N LEU C 119 -27.80 6.84 -7.00
CA LEU C 119 -28.27 5.53 -6.48
C LEU C 119 -28.26 5.53 -4.95
N ASP C 120 -27.31 6.24 -4.31
CA ASP C 120 -27.16 6.28 -2.82
C ASP C 120 -28.39 6.95 -2.21
N GLU C 121 -28.71 8.18 -2.64
CA GLU C 121 -29.91 8.95 -2.18
C GLU C 121 -31.18 8.19 -2.61
N LEU C 122 -31.12 7.46 -3.72
CA LEU C 122 -32.23 6.58 -4.20
C LEU C 122 -32.30 5.30 -3.35
N MET C 123 -31.17 4.81 -2.84
CA MET C 123 -31.06 3.53 -2.08
C MET C 123 -31.87 3.59 -0.78
N GLU C 124 -32.24 4.80 -0.32
CA GLU C 124 -33.07 5.02 0.89
C GLU C 124 -34.55 4.72 0.57
N VAL C 125 -35.03 5.06 -0.63
CA VAL C 125 -36.42 4.74 -1.07
C VAL C 125 -36.59 3.21 -0.99
N GLN C 126 -37.66 2.76 -0.36
CA GLN C 126 -37.80 1.41 0.27
C GLN C 126 -37.79 0.31 -0.80
N HIS C 127 -38.49 0.52 -1.92
CA HIS C 127 -38.69 -0.49 -3.00
C HIS C 127 -37.34 -0.92 -3.61
N PHE C 128 -36.35 -0.03 -3.61
CA PHE C 128 -34.97 -0.29 -4.12
C PHE C 128 -34.20 -1.13 -3.09
N ARG C 129 -34.44 -0.92 -1.79
CA ARG C 129 -33.92 -1.78 -0.69
C ARG C 129 -34.49 -3.20 -0.87
N THR C 130 -35.75 -3.32 -1.32
CA THR C 130 -36.39 -4.61 -1.68
C THR C 130 -35.62 -5.27 -2.83
N ILE C 131 -35.45 -4.57 -3.97
CA ILE C 131 -34.71 -5.10 -5.16
C ILE C 131 -33.30 -5.54 -4.73
N TYR C 132 -32.62 -4.70 -3.94
CA TYR C 132 -31.27 -4.96 -3.39
C TYR C 132 -31.28 -6.29 -2.61
N HIS C 133 -32.28 -6.48 -1.73
CA HIS C 133 -32.49 -7.70 -0.92
C HIS C 133 -32.81 -8.92 -1.81
N MET C 134 -33.60 -8.71 -2.88
CA MET C 134 -33.95 -9.76 -3.88
C MET C 134 -32.68 -10.31 -4.53
N PHE C 135 -31.71 -9.44 -4.86
CA PHE C 135 -30.42 -9.81 -5.50
C PHE C 135 -29.53 -10.54 -4.49
N ILE C 136 -29.51 -10.09 -3.23
CA ILE C 136 -28.77 -10.79 -2.12
C ILE C 136 -29.39 -12.17 -1.89
N ALA C 137 -30.73 -12.29 -1.98
CA ALA C 137 -31.45 -13.58 -1.92
C ALA C 137 -30.93 -14.50 -3.05
N GLY C 138 -30.82 -13.95 -4.27
CA GLY C 138 -30.24 -14.64 -5.44
C GLY C 138 -28.86 -15.22 -5.14
N LEU C 139 -27.98 -14.42 -4.54
CA LEU C 139 -26.62 -14.84 -4.10
C LEU C 139 -26.74 -15.99 -3.08
N CYS C 140 -27.60 -15.79 -2.06
CA CYS C 140 -27.85 -16.78 -0.97
C CYS C 140 -28.34 -18.11 -1.57
N VAL C 141 -29.14 -18.08 -2.64
CA VAL C 141 -29.64 -19.29 -3.36
C VAL C 141 -28.44 -20.00 -4.05
N PHE C 142 -27.56 -19.25 -4.73
CA PHE C 142 -26.37 -19.83 -5.39
C PHE C 142 -25.44 -20.49 -4.36
N ILE C 143 -25.17 -19.80 -3.23
CA ILE C 143 -24.21 -20.30 -2.20
C ILE C 143 -24.79 -21.56 -1.53
N ILE C 144 -26.08 -21.57 -1.15
CA ILE C 144 -26.73 -22.76 -0.51
C ILE C 144 -26.70 -23.94 -1.50
N SER C 145 -27.03 -23.70 -2.77
CA SER C 145 -27.18 -24.77 -3.79
C SER C 145 -25.82 -25.33 -4.19
N THR C 146 -24.84 -24.47 -4.47
CA THR C 146 -23.44 -24.87 -4.78
C THR C 146 -22.84 -25.64 -3.60
N LEU C 147 -23.06 -25.16 -2.37
CA LEU C 147 -22.60 -25.84 -1.12
C LEU C 147 -23.20 -27.25 -1.08
N ALA C 148 -24.53 -27.37 -1.15
CA ALA C 148 -25.28 -28.64 -1.03
C ALA C 148 -24.91 -29.61 -2.17
N ILE C 149 -24.60 -29.10 -3.37
CA ILE C 149 -24.22 -29.94 -4.55
C ILE C 149 -22.77 -30.42 -4.39
N ASP C 150 -21.80 -29.50 -4.27
CA ASP C 150 -20.34 -29.80 -4.33
C ASP C 150 -19.86 -30.42 -3.01
N PHE C 151 -20.66 -30.35 -1.94
CA PHE C 151 -20.42 -31.10 -0.67
C PHE C 151 -20.44 -32.61 -0.95
N ILE C 152 -21.38 -33.08 -1.78
CA ILE C 152 -21.51 -34.51 -2.23
C ILE C 152 -20.94 -34.63 -3.65
N LEU C 158 -13.38 -27.88 -3.02
CA LEU C 158 -14.84 -28.15 -2.86
C LEU C 158 -15.64 -27.18 -3.73
N LEU C 159 -15.55 -25.87 -3.46
CA LEU C 159 -16.31 -24.80 -4.15
C LEU C 159 -15.67 -24.51 -5.52
N GLU C 160 -16.20 -23.52 -6.25
CA GLU C 160 -15.66 -23.02 -7.54
C GLU C 160 -14.56 -21.96 -7.30
N PHE C 161 -13.96 -21.94 -6.10
CA PHE C 161 -12.72 -21.18 -5.76
C PHE C 161 -11.58 -21.54 -6.73
N ASP C 162 -11.74 -22.61 -7.53
CA ASP C 162 -10.89 -22.93 -8.71
C ASP C 162 -10.57 -21.65 -9.50
N LEU C 163 -11.56 -20.81 -9.78
CA LEU C 163 -11.41 -19.56 -10.61
C LEU C 163 -10.60 -18.52 -9.84
N LEU C 164 -11.03 -18.17 -8.63
CA LEU C 164 -10.39 -17.16 -7.74
C LEU C 164 -8.91 -17.50 -7.52
N ILE C 165 -8.57 -18.75 -7.18
CA ILE C 165 -7.15 -19.17 -6.95
C ILE C 165 -6.39 -19.14 -8.29
N PHE C 166 -7.02 -19.59 -9.38
CA PHE C 166 -6.41 -19.62 -10.74
C PHE C 166 -6.22 -18.19 -11.26
N SER C 167 -7.33 -17.45 -11.41
CA SER C 167 -7.39 -16.09 -12.01
C SER C 167 -6.41 -15.15 -11.29
N PHE C 168 -6.37 -15.22 -9.96
CA PHE C 168 -5.37 -14.52 -9.11
C PHE C 168 -4.17 -15.45 -8.89
N GLY C 169 -3.41 -15.72 -9.97
CA GLY C 169 -2.27 -16.65 -9.97
C GLY C 169 -1.04 -16.02 -9.35
N GLN C 170 -0.53 -14.93 -9.93
CA GLN C 170 0.70 -14.23 -9.50
C GLN C 170 0.36 -12.84 -8.91
N LEU C 171 -0.83 -12.71 -8.30
CA LEU C 171 -1.34 -11.44 -7.70
C LEU C 171 -0.26 -10.79 -6.84
N PRO C 172 0.55 -11.54 -6.06
CA PRO C 172 1.72 -10.95 -5.42
C PRO C 172 2.64 -10.17 -6.37
N LEU C 173 3.06 -10.81 -7.45
CA LEU C 173 3.98 -10.18 -8.45
C LEU C 173 3.27 -9.01 -9.12
N ALA C 174 1.95 -9.13 -9.36
CA ALA C 174 1.06 -8.09 -9.94
C ALA C 174 1.12 -6.82 -9.10
N LEU C 175 0.91 -6.93 -7.77
CA LEU C 175 0.94 -5.76 -6.86
C LEU C 175 2.37 -5.21 -6.75
N VAL C 176 3.38 -6.09 -6.70
CA VAL C 176 4.80 -5.66 -6.54
C VAL C 176 5.32 -5.00 -7.82
N THR C 177 4.75 -5.33 -8.99
CA THR C 177 5.06 -4.67 -10.27
C THR C 177 4.12 -3.47 -10.50
N TRP C 178 3.00 -3.38 -9.77
CA TRP C 178 2.16 -2.15 -9.70
C TRP C 178 2.92 -1.03 -8.99
N VAL C 179 3.63 -1.34 -7.91
CA VAL C 179 4.29 -0.35 -7.00
C VAL C 179 5.20 0.60 -7.78
N PRO C 180 6.20 0.12 -8.56
CA PRO C 180 7.15 1.00 -9.23
C PRO C 180 6.50 1.92 -10.28
N MET C 181 5.51 1.39 -11.02
CA MET C 181 4.69 2.13 -12.00
C MET C 181 3.99 3.30 -11.31
N PHE C 182 3.41 3.06 -10.13
CA PHE C 182 2.74 4.10 -9.29
C PHE C 182 3.77 5.13 -8.84
N LEU C 183 4.94 4.69 -8.37
CA LEU C 183 6.07 5.58 -7.93
C LEU C 183 6.51 6.47 -9.10
N SER C 184 6.63 5.89 -10.31
CA SER C 184 7.08 6.59 -11.54
C SER C 184 6.05 7.67 -11.96
N THR C 185 4.78 7.29 -12.06
CA THR C 185 3.66 8.18 -12.46
C THR C 185 3.40 9.24 -11.38
N LEU C 186 3.77 8.97 -10.13
CA LEU C 186 3.75 9.98 -9.03
C LEU C 186 4.85 11.02 -9.30
N LEU C 187 6.11 10.57 -9.37
CA LEU C 187 7.30 11.48 -9.36
C LEU C 187 7.44 12.18 -10.72
N ALA C 188 7.59 11.42 -11.81
CA ALA C 188 8.05 11.90 -13.13
C ALA C 188 7.29 13.15 -13.58
N PRO C 189 5.94 13.15 -13.64
CA PRO C 189 5.19 14.27 -14.22
C PRO C 189 5.41 15.57 -13.44
N TYR C 190 5.42 15.47 -12.10
CA TYR C 190 5.55 16.61 -11.18
C TYR C 190 6.94 17.25 -11.34
N GLN C 191 8.01 16.46 -11.19
CA GLN C 191 9.42 16.90 -11.33
C GLN C 191 9.64 17.57 -12.70
N ALA C 192 9.15 16.93 -13.77
CA ALA C 192 9.23 17.43 -15.16
C ALA C 192 8.59 18.81 -15.26
N LEU C 193 7.30 18.91 -14.90
CA LEU C 193 6.54 20.19 -14.95
C LEU C 193 7.24 21.24 -14.06
N ARG C 194 7.78 20.83 -12.91
CA ARG C 194 8.37 21.75 -11.90
C ARG C 194 9.63 22.42 -12.48
N LEU C 195 10.59 21.65 -13.02
CA LEU C 195 11.82 22.23 -13.64
C LEU C 195 11.42 22.98 -14.92
N TRP C 196 10.48 22.43 -15.71
CA TRP C 196 9.96 23.05 -16.96
C TRP C 196 9.31 24.39 -16.66
N ALA C 197 8.76 24.57 -15.45
CA ALA C 197 8.20 25.84 -14.93
C ALA C 197 9.27 26.64 -14.18
N ARG C 198 10.57 26.44 -14.48
CA ARG C 198 11.70 27.25 -13.96
C ARG C 198 12.46 27.86 -15.14
N GLY C 199 11.73 28.33 -16.16
CA GLY C 199 12.29 28.92 -17.40
C GLY C 199 11.30 28.87 -18.54
N GLY C 206 14.38 22.60 -20.01
CA GLY C 206 15.44 21.71 -19.49
C GLY C 206 15.36 20.31 -20.08
N LEU C 207 15.66 19.29 -19.26
CA LEU C 207 15.69 17.85 -19.66
C LEU C 207 14.32 17.19 -19.48
N GLY C 208 13.33 17.91 -18.96
CA GLY C 208 11.97 17.39 -18.65
C GLY C 208 11.34 16.67 -19.84
N CYS C 209 11.50 17.23 -21.05
CA CYS C 209 11.04 16.67 -22.35
C CYS C 209 11.44 15.20 -22.49
N ALA C 210 12.63 14.82 -22.00
CA ALA C 210 13.15 13.43 -21.99
C ALA C 210 12.54 12.64 -20.82
N LEU C 211 12.37 13.27 -19.65
CA LEU C 211 11.92 12.62 -18.39
C LEU C 211 10.48 12.10 -18.55
N LEU C 212 9.56 12.94 -19.05
CA LEU C 212 8.12 12.57 -19.24
C LEU C 212 7.98 11.51 -20.33
N ALA C 213 8.83 11.56 -21.35
CA ALA C 213 8.91 10.54 -22.43
C ALA C 213 9.40 9.21 -21.84
N ALA C 214 10.43 9.26 -20.98
CA ALA C 214 10.95 8.08 -20.22
C ALA C 214 9.83 7.52 -19.33
N HIS C 215 9.06 8.41 -18.67
CA HIS C 215 7.84 8.05 -17.88
C HIS C 215 6.80 7.37 -18.78
N ALA C 216 6.53 7.94 -19.96
CA ALA C 216 5.57 7.41 -20.95
C ALA C 216 6.00 6.00 -21.41
N VAL C 217 7.32 5.72 -21.41
CA VAL C 217 7.89 4.38 -21.76
C VAL C 217 7.77 3.44 -20.55
N VAL C 218 8.16 3.88 -19.34
CA VAL C 218 8.37 2.99 -18.15
C VAL C 218 7.07 2.24 -17.79
N LEU C 219 5.88 2.74 -18.15
CA LEU C 219 4.59 2.04 -17.91
C LEU C 219 3.88 1.71 -19.22
N CYS C 220 4.55 1.83 -20.38
CA CYS C 220 4.05 1.39 -21.71
C CYS C 220 4.65 0.01 -22.06
N ALA C 221 5.88 -0.26 -21.62
CA ALA C 221 6.62 -1.53 -21.85
C ALA C 221 6.49 -2.47 -20.65
N LEU C 222 6.79 -1.96 -19.44
CA LEU C 222 6.87 -2.75 -18.17
C LEU C 222 5.60 -3.59 -17.99
N PRO C 223 4.38 -3.02 -17.97
CA PRO C 223 3.18 -3.83 -17.71
C PRO C 223 2.83 -4.81 -18.85
N VAL C 224 3.42 -4.65 -20.04
CA VAL C 224 3.28 -5.60 -21.19
C VAL C 224 4.30 -6.74 -21.01
N HIS C 225 5.57 -6.38 -20.76
CA HIS C 225 6.68 -7.32 -20.45
C HIS C 225 6.23 -8.28 -19.34
N VAL C 226 5.85 -7.72 -18.19
CA VAL C 226 5.49 -8.49 -16.96
C VAL C 226 4.20 -9.28 -17.23
N ALA C 227 3.35 -8.81 -18.15
CA ALA C 227 2.09 -9.49 -18.56
C ALA C 227 2.39 -10.72 -19.42
N VAL C 228 3.20 -10.58 -20.47
CA VAL C 228 3.43 -11.66 -21.48
C VAL C 228 4.57 -12.58 -21.02
N GLU C 229 5.75 -12.01 -20.72
CA GLU C 229 7.01 -12.78 -20.50
C GLU C 229 6.99 -13.58 -19.19
N HIS C 230 5.93 -13.47 -18.37
CA HIS C 230 5.75 -14.26 -17.12
C HIS C 230 4.42 -15.05 -17.13
N GLN C 231 3.71 -15.10 -18.26
CA GLN C 231 2.53 -16.00 -18.48
C GLN C 231 1.48 -15.77 -17.38
N LEU C 232 1.05 -14.51 -17.20
CA LEU C 232 0.08 -14.10 -16.15
C LEU C 232 -1.32 -14.63 -16.48
N PRO C 233 -2.13 -15.00 -15.47
CA PRO C 233 -3.55 -15.30 -15.68
C PRO C 233 -4.36 -14.05 -16.01
N PRO C 234 -5.66 -14.18 -16.39
CA PRO C 234 -6.45 -13.02 -16.82
C PRO C 234 -6.66 -11.92 -15.75
N ALA C 235 -7.11 -12.29 -14.54
CA ALA C 235 -7.48 -11.33 -13.47
C ALA C 235 -6.27 -10.43 -13.14
N SER C 236 -5.16 -11.04 -12.67
CA SER C 236 -3.92 -10.32 -12.29
C SER C 236 -3.23 -9.69 -13.51
N ARG C 237 -3.75 -9.92 -14.73
CA ARG C 237 -3.40 -9.13 -15.96
C ARG C 237 -4.30 -7.89 -16.03
N CYS C 238 -5.60 -8.04 -15.81
CA CYS C 238 -6.60 -6.94 -15.91
C CYS C 238 -6.29 -5.87 -14.86
N VAL C 239 -5.79 -6.26 -13.67
CA VAL C 239 -5.31 -5.35 -12.60
C VAL C 239 -4.35 -4.34 -13.22
N LEU C 240 -3.22 -4.81 -13.75
CA LEU C 240 -2.10 -3.95 -14.26
C LEU C 240 -2.55 -3.12 -15.48
N VAL C 241 -3.32 -3.72 -16.41
CA VAL C 241 -3.76 -3.02 -17.66
C VAL C 241 -4.69 -1.85 -17.30
N PHE C 242 -5.60 -2.05 -16.34
CA PHE C 242 -6.49 -0.97 -15.83
C PHE C 242 -5.62 0.14 -15.20
N GLU C 243 -4.65 -0.27 -14.38
CA GLU C 243 -3.73 0.65 -13.64
C GLU C 243 -2.91 1.49 -14.62
N GLN C 244 -2.42 0.90 -15.73
CA GLN C 244 -1.58 1.62 -16.72
C GLN C 244 -2.43 2.65 -17.48
N VAL C 245 -3.64 2.28 -17.94
CA VAL C 245 -4.56 3.22 -18.65
C VAL C 245 -4.95 4.33 -17.66
N ARG C 246 -5.38 3.94 -16.45
CA ARG C 246 -5.75 4.87 -15.35
C ARG C 246 -4.66 5.92 -15.20
N PHE C 247 -3.41 5.49 -14.97
CA PHE C 247 -2.25 6.38 -14.69
C PHE C 247 -1.96 7.27 -15.91
N LEU C 248 -1.91 6.69 -17.12
CA LEU C 248 -1.74 7.45 -18.39
C LEU C 248 -2.77 8.58 -18.45
N MET C 249 -4.05 8.24 -18.27
CA MET C 249 -5.19 9.19 -18.39
C MET C 249 -4.99 10.38 -17.44
N LYS C 250 -4.77 10.13 -16.14
CA LYS C 250 -4.77 11.19 -15.09
C LYS C 250 -3.42 11.91 -15.06
N SER C 251 -2.31 11.24 -15.38
CA SER C 251 -0.97 11.89 -15.55
C SER C 251 -1.07 12.94 -16.66
N TYR C 252 -1.53 12.53 -17.84
CA TYR C 252 -1.73 13.43 -19.02
C TYR C 252 -2.72 14.55 -18.65
N SER C 253 -3.82 14.20 -17.97
CA SER C 253 -4.86 15.15 -17.49
C SER C 253 -4.21 16.27 -16.69
N PHE C 254 -3.40 15.92 -15.68
CA PHE C 254 -2.65 16.88 -14.82
C PHE C 254 -1.76 17.77 -15.68
N LEU C 255 -0.96 17.16 -16.58
CA LEU C 255 -0.04 17.90 -17.48
C LEU C 255 -0.83 18.97 -18.25
N ARG C 256 -1.87 18.57 -18.99
CA ARG C 256 -2.65 19.47 -19.88
C ARG C 256 -3.40 20.54 -19.07
N GLU C 257 -3.71 20.27 -17.79
CA GLU C 257 -4.30 21.28 -16.87
C GLU C 257 -3.24 22.32 -16.46
N ALA C 258 -2.08 21.87 -15.99
CA ALA C 258 -1.06 22.71 -15.33
C ALA C 258 -0.24 23.50 -16.37
N VAL C 259 -0.02 22.96 -17.57
CA VAL C 259 0.84 23.56 -18.64
C VAL C 259 0.36 24.98 -19.00
N PRO C 260 -0.93 25.21 -19.38
CA PRO C 260 -1.38 26.56 -19.75
C PRO C 260 -1.15 27.63 -18.67
N GLY C 261 -1.15 27.24 -17.39
CA GLY C 261 -0.79 28.08 -16.24
C GLY C 261 0.66 28.56 -16.28
N ILE C 262 1.56 27.81 -16.92
CA ILE C 262 3.03 28.06 -16.96
C ILE C 262 3.38 29.05 -18.08
N LEU C 263 2.51 29.22 -19.09
CA LEU C 263 2.85 29.91 -20.37
C LEU C 263 2.76 31.45 -20.26
N ARG C 264 2.72 32.02 -19.06
CA ARG C 264 2.81 33.50 -18.85
C ARG C 264 4.22 33.97 -19.25
N ALA C 265 4.29 35.06 -20.02
CA ALA C 265 5.54 35.64 -20.57
C ALA C 265 6.36 36.28 -19.44
N ALA C 273 3.46 26.94 -10.26
CA ALA C 273 3.83 25.76 -9.45
C ALA C 273 2.60 25.17 -8.79
N PRO C 274 2.15 23.95 -9.17
CA PRO C 274 1.01 23.30 -8.52
C PRO C 274 1.45 22.63 -7.21
N SER C 275 0.63 22.71 -6.15
CA SER C 275 0.91 22.14 -4.80
C SER C 275 0.98 20.62 -4.89
N PHE C 276 2.10 20.03 -4.43
CA PHE C 276 2.42 18.59 -4.59
C PHE C 276 1.36 17.73 -3.89
N SER C 277 1.02 18.07 -2.64
CA SER C 277 0.02 17.37 -1.79
C SER C 277 -1.30 17.18 -2.57
N SER C 278 -1.74 18.23 -3.29
CA SER C 278 -2.95 18.21 -4.16
C SER C 278 -2.77 17.21 -5.30
N TYR C 279 -1.56 17.08 -5.85
CA TYR C 279 -1.24 16.15 -6.96
C TYR C 279 -1.35 14.70 -6.47
N LEU C 280 -0.65 14.36 -5.38
CA LEU C 280 -0.67 12.99 -4.80
C LEU C 280 -2.11 12.63 -4.40
N TYR C 281 -2.83 13.58 -3.81
CA TYR C 281 -4.28 13.45 -3.49
C TYR C 281 -5.03 13.12 -4.79
N PHE C 282 -4.95 14.01 -5.77
CA PHE C 282 -5.58 13.88 -7.12
C PHE C 282 -5.32 12.49 -7.72
N LEU C 283 -4.09 11.97 -7.57
CA LEU C 283 -3.69 10.64 -8.11
C LEU C 283 -4.57 9.53 -7.53
N PHE C 284 -5.15 9.70 -6.32
CA PHE C 284 -6.07 8.75 -5.66
C PHE C 284 -7.53 9.20 -5.71
N CYS C 285 -7.81 10.46 -6.08
CA CYS C 285 -9.19 11.01 -6.19
C CYS C 285 -9.96 10.22 -7.24
N PRO C 286 -11.28 9.93 -7.02
CA PRO C 286 -12.06 9.12 -7.95
C PRO C 286 -12.36 9.75 -9.33
N THR C 287 -11.97 10.99 -9.58
CA THR C 287 -12.21 11.74 -10.85
C THR C 287 -10.90 11.91 -11.62
N LEU C 288 -10.97 11.99 -12.95
CA LEU C 288 -9.81 12.08 -13.88
C LEU C 288 -9.47 13.53 -14.23
N ILE C 289 -10.38 14.48 -13.97
CA ILE C 289 -10.12 15.94 -14.14
C ILE C 289 -9.28 16.40 -12.94
N TYR C 290 -8.19 17.14 -13.20
CA TYR C 290 -7.31 17.77 -12.17
C TYR C 290 -7.76 19.22 -11.93
N ARG C 291 -8.20 19.53 -10.71
CA ARG C 291 -8.73 20.88 -10.33
C ARG C 291 -7.95 21.50 -9.15
N GLU C 292 -7.22 20.70 -8.36
CA GLU C 292 -6.51 21.07 -7.10
C GLU C 292 -7.38 21.97 -6.19
N THR C 293 -8.71 21.85 -6.28
CA THR C 293 -9.71 22.48 -5.37
C THR C 293 -10.48 21.37 -4.67
N TYR C 294 -11.22 20.58 -5.46
CA TYR C 294 -11.96 19.36 -5.05
C TYR C 294 -12.77 19.64 -3.79
N PRO C 295 -13.98 20.24 -3.91
CA PRO C 295 -14.76 20.65 -2.74
C PRO C 295 -15.16 19.44 -1.89
N ARG C 296 -14.80 19.47 -0.60
CA ARG C 296 -14.75 18.28 0.29
C ARG C 296 -15.90 18.31 1.32
N THR C 297 -16.14 17.16 1.96
CA THR C 297 -17.21 16.89 2.96
C THR C 297 -16.61 17.03 4.36
N PRO C 298 -17.39 17.42 5.39
CA PRO C 298 -16.88 17.57 6.76
C PRO C 298 -15.98 16.44 7.32
N TYR C 299 -16.44 15.19 7.28
CA TYR C 299 -15.75 14.03 7.93
C TYR C 299 -16.03 12.73 7.15
N VAL C 300 -15.71 11.58 7.75
CA VAL C 300 -15.61 10.25 7.08
C VAL C 300 -16.45 9.23 7.86
N ARG C 301 -17.54 8.75 7.26
CA ARG C 301 -18.46 7.72 7.85
C ARG C 301 -17.89 6.32 7.58
N TRP C 302 -17.00 5.86 8.46
CA TRP C 302 -16.22 4.60 8.28
C TRP C 302 -17.14 3.38 8.27
N ASN C 303 -18.30 3.45 8.93
CA ASN C 303 -19.41 2.46 8.82
C ASN C 303 -19.83 2.33 7.35
N TYR C 304 -20.01 3.47 6.66
CA TYR C 304 -20.48 3.54 5.24
C TYR C 304 -19.42 2.95 4.30
N VAL C 305 -18.12 3.26 4.51
CA VAL C 305 -17.02 2.73 3.64
C VAL C 305 -16.85 1.23 3.90
N ALA C 306 -16.96 0.78 5.15
CA ALA C 306 -16.92 -0.67 5.52
C ALA C 306 -18.03 -1.42 4.79
N LYS C 307 -19.26 -0.89 4.81
CA LYS C 307 -20.43 -1.43 4.07
C LYS C 307 -20.11 -1.50 2.57
N ASN C 308 -19.55 -0.42 2.01
CA ASN C 308 -19.27 -0.28 0.55
C ASN C 308 -18.28 -1.34 0.09
N PHE C 309 -17.18 -1.56 0.83
CA PHE C 309 -16.13 -2.56 0.49
C PHE C 309 -16.67 -3.98 0.71
N ALA C 310 -17.53 -4.19 1.72
CA ALA C 310 -18.25 -5.47 1.95
C ALA C 310 -19.10 -5.82 0.72
N GLN C 311 -19.84 -4.82 0.19
CA GLN C 311 -20.70 -4.98 -1.01
C GLN C 311 -19.84 -5.26 -2.25
N ALA C 312 -18.71 -4.55 -2.41
CA ALA C 312 -17.74 -4.72 -3.52
C ALA C 312 -17.22 -6.16 -3.55
N LEU C 313 -16.82 -6.69 -2.39
CA LEU C 313 -16.32 -8.09 -2.25
C LEU C 313 -17.46 -9.07 -2.55
N GLY C 314 -18.66 -8.81 -2.03
CA GLY C 314 -19.90 -9.56 -2.32
C GLY C 314 -20.15 -9.63 -3.82
N CYS C 315 -20.00 -8.51 -4.52
CA CYS C 315 -20.15 -8.37 -6.00
C CYS C 315 -19.14 -9.27 -6.73
N VAL C 316 -17.87 -9.26 -6.29
CA VAL C 316 -16.78 -10.12 -6.87
C VAL C 316 -17.16 -11.60 -6.70
N LEU C 317 -17.68 -11.98 -5.52
CA LEU C 317 -18.14 -13.37 -5.22
C LEU C 317 -19.32 -13.74 -6.13
N TYR C 318 -20.24 -12.80 -6.36
CA TYR C 318 -21.41 -12.98 -7.25
C TYR C 318 -20.94 -13.25 -8.68
N ALA C 319 -20.04 -12.41 -9.20
CA ALA C 319 -19.43 -12.51 -10.55
C ALA C 319 -18.67 -13.83 -10.69
N CYS C 320 -17.92 -14.23 -9.66
CA CYS C 320 -17.18 -15.53 -9.58
C CYS C 320 -18.16 -16.71 -9.76
N PHE C 321 -19.28 -16.69 -9.02
CA PHE C 321 -20.35 -17.72 -9.07
C PHE C 321 -20.95 -17.78 -10.48
N ILE C 322 -21.26 -16.63 -11.10
CA ILE C 322 -21.82 -16.56 -12.48
C ILE C 322 -20.82 -17.20 -13.46
N LEU C 323 -19.56 -16.74 -13.47
CA LEU C 323 -18.52 -17.26 -14.40
C LEU C 323 -18.20 -18.73 -14.10
N GLY C 324 -18.38 -19.18 -12.85
CA GLY C 324 -18.10 -20.56 -12.43
C GLY C 324 -19.24 -21.54 -12.69
N ARG C 325 -20.47 -21.05 -12.88
CA ARG C 325 -21.69 -21.91 -12.90
C ARG C 325 -22.45 -21.79 -14.24
N LEU C 326 -22.78 -20.58 -14.71
CA LEU C 326 -23.70 -20.37 -15.87
C LEU C 326 -22.96 -19.87 -17.12
N CYS C 327 -21.63 -19.81 -17.10
CA CYS C 327 -20.79 -19.33 -18.22
C CYS C 327 -19.88 -20.45 -18.73
N VAL C 328 -19.08 -21.06 -17.84
CA VAL C 328 -18.05 -22.08 -18.19
C VAL C 328 -18.71 -23.41 -18.56
N PRO C 329 -19.55 -24.04 -17.71
CA PRO C 329 -20.07 -25.39 -18.00
C PRO C 329 -20.78 -25.55 -19.36
N VAL C 330 -21.44 -24.51 -19.85
CA VAL C 330 -22.13 -24.47 -21.18
C VAL C 330 -21.09 -24.33 -22.29
N PHE C 331 -19.92 -23.73 -22.02
CA PHE C 331 -18.91 -23.31 -23.04
C PHE C 331 -17.63 -24.15 -23.00
N ALA C 332 -17.40 -24.98 -21.98
CA ALA C 332 -16.25 -25.91 -21.87
C ALA C 332 -16.19 -26.82 -23.10
N ASN C 333 -17.37 -27.20 -23.61
CA ASN C 333 -17.54 -28.18 -24.72
C ASN C 333 -17.70 -27.44 -26.05
N MET C 334 -16.62 -26.77 -26.48
CA MET C 334 -16.50 -26.12 -27.82
C MET C 334 -15.48 -26.89 -28.68
N SER C 335 -14.81 -27.91 -28.11
CA SER C 335 -13.97 -28.90 -28.83
C SER C 335 -14.83 -29.77 -29.76
N ARG C 336 -16.14 -29.85 -29.51
CA ARG C 336 -17.12 -30.65 -30.31
C ARG C 336 -18.02 -29.68 -31.10
N GLU C 337 -17.41 -28.98 -32.06
CA GLU C 337 -18.08 -27.98 -32.94
C GLU C 337 -17.60 -28.16 -34.38
N PRO C 338 -18.50 -28.53 -35.31
CA PRO C 338 -18.18 -28.58 -36.74
C PRO C 338 -18.46 -27.30 -37.56
N PHE C 339 -18.40 -26.12 -36.92
CA PHE C 339 -18.73 -24.78 -37.49
C PHE C 339 -20.24 -24.72 -37.80
N SER C 340 -21.07 -25.32 -36.93
CA SER C 340 -22.55 -25.24 -36.98
C SER C 340 -23.01 -23.95 -36.26
N THR C 341 -24.16 -23.42 -36.67
CA THR C 341 -24.79 -22.18 -36.12
C THR C 341 -25.83 -22.53 -35.05
N ARG C 342 -25.93 -23.81 -34.65
CA ARG C 342 -26.93 -24.30 -33.66
C ARG C 342 -26.36 -24.18 -32.25
N ALA C 343 -25.04 -24.39 -32.09
CA ALA C 343 -24.28 -24.27 -30.83
C ALA C 343 -23.59 -22.90 -30.72
N LEU C 344 -23.93 -21.95 -31.60
CA LEU C 344 -23.42 -20.54 -31.54
C LEU C 344 -24.59 -19.61 -31.16
N VAL C 345 -25.71 -19.64 -31.91
CA VAL C 345 -26.87 -18.72 -31.68
C VAL C 345 -27.56 -19.10 -30.36
N LEU C 346 -27.84 -20.39 -30.14
CA LEU C 346 -28.56 -20.87 -28.92
C LEU C 346 -27.68 -20.64 -27.69
N SER C 347 -26.37 -20.86 -27.84
CA SER C 347 -25.34 -20.64 -26.81
C SER C 347 -25.26 -19.14 -26.45
N ILE C 348 -25.29 -18.26 -27.46
CA ILE C 348 -25.30 -16.77 -27.33
C ILE C 348 -26.51 -16.37 -26.49
N LEU C 349 -27.71 -16.88 -26.81
CA LEU C 349 -28.96 -16.59 -26.05
C LEU C 349 -28.86 -17.18 -24.64
N HIS C 350 -28.39 -18.42 -24.51
CA HIS C 350 -28.17 -19.09 -23.20
C HIS C 350 -27.19 -18.26 -22.34
N ALA C 351 -26.27 -17.52 -22.97
CA ALA C 351 -25.20 -16.74 -22.29
C ALA C 351 -25.51 -15.23 -22.24
N THR C 352 -26.68 -14.77 -22.71
CA THR C 352 -27.07 -13.33 -22.66
C THR C 352 -27.28 -12.89 -21.20
N LEU C 353 -27.79 -13.77 -20.34
CA LEU C 353 -28.13 -13.45 -18.93
C LEU C 353 -26.86 -13.35 -18.08
N PRO C 354 -25.89 -14.32 -18.15
CA PRO C 354 -24.57 -14.09 -17.57
C PRO C 354 -23.99 -12.75 -18.03
N GLY C 355 -24.02 -12.49 -19.34
CA GLY C 355 -23.62 -11.22 -19.98
C GLY C 355 -24.17 -10.00 -19.26
N ILE C 356 -25.49 -9.90 -19.09
CA ILE C 356 -26.16 -8.71 -18.48
C ILE C 356 -25.74 -8.60 -17.01
N PHE C 357 -25.67 -9.71 -16.28
CA PHE C 357 -25.25 -9.73 -14.85
C PHE C 357 -23.79 -9.29 -14.74
N MET C 358 -22.91 -9.77 -15.62
CA MET C 358 -21.47 -9.36 -15.65
C MET C 358 -21.39 -7.83 -15.78
N LEU C 359 -22.05 -7.25 -16.79
CA LEU C 359 -22.05 -5.78 -17.05
C LEU C 359 -22.60 -5.02 -15.83
N LEU C 360 -23.79 -5.40 -15.36
CA LEU C 360 -24.54 -4.69 -14.29
C LEU C 360 -23.81 -4.83 -12.94
N LEU C 361 -23.10 -5.94 -12.71
CA LEU C 361 -22.24 -6.12 -11.51
C LEU C 361 -20.98 -5.24 -11.63
N ILE C 362 -20.38 -5.14 -12.82
CA ILE C 362 -19.25 -4.20 -13.10
C ILE C 362 -19.71 -2.79 -12.72
N PHE C 363 -20.90 -2.38 -13.18
CA PHE C 363 -21.54 -1.07 -12.87
C PHE C 363 -21.62 -0.86 -11.36
N PHE C 364 -22.23 -1.80 -10.63
CA PHE C 364 -22.53 -1.63 -9.18
C PHE C 364 -21.24 -1.70 -8.35
N ALA C 365 -20.38 -2.68 -8.64
CA ALA C 365 -19.12 -2.95 -7.91
C ALA C 365 -18.13 -1.80 -8.11
N PHE C 366 -17.85 -1.41 -9.36
CA PHE C 366 -16.72 -0.50 -9.70
C PHE C 366 -17.21 0.93 -10.01
N LEU C 367 -18.47 1.27 -9.76
CA LEU C 367 -18.97 2.67 -9.95
C LEU C 367 -19.81 3.18 -8.76
N HIS C 368 -20.38 2.30 -7.92
CA HIS C 368 -21.18 2.70 -6.72
C HIS C 368 -20.59 2.09 -5.43
N CYS C 369 -20.07 0.86 -5.46
CA CYS C 369 -19.42 0.23 -4.27
C CYS C 369 -18.03 0.84 -4.10
N TRP C 370 -17.17 0.74 -5.12
CA TRP C 370 -15.72 0.99 -5.04
C TRP C 370 -15.40 2.49 -5.06
N LEU C 371 -15.88 3.23 -6.06
CA LEU C 371 -15.52 4.67 -6.26
C LEU C 371 -16.16 5.54 -5.17
N ASN C 372 -17.37 5.19 -4.71
CA ASN C 372 -18.05 5.88 -3.57
C ASN C 372 -17.30 5.61 -2.27
N ALA C 373 -16.75 4.40 -2.09
CA ALA C 373 -15.93 4.02 -0.91
C ALA C 373 -14.70 4.92 -0.82
N PHE C 374 -14.04 5.16 -1.95
CA PHE C 374 -12.83 6.02 -2.05
C PHE C 374 -13.22 7.49 -1.96
N ALA C 375 -14.34 7.87 -2.60
CA ALA C 375 -14.94 9.23 -2.50
C ALA C 375 -15.34 9.52 -1.04
N GLU C 376 -15.58 8.49 -0.22
CA GLU C 376 -15.82 8.65 1.24
C GLU C 376 -14.49 8.79 1.97
N MET C 377 -13.57 7.83 1.80
CA MET C 377 -12.28 7.76 2.54
C MET C 377 -11.47 9.05 2.37
N LEU C 378 -11.50 9.66 1.18
CA LEU C 378 -10.68 10.85 0.82
C LEU C 378 -11.46 12.15 1.07
N ARG C 379 -12.65 12.08 1.67
CA ARG C 379 -13.54 13.23 1.98
C ARG C 379 -13.92 13.98 0.69
N PHE C 380 -13.94 13.29 -0.44
CA PHE C 380 -14.21 13.87 -1.79
C PHE C 380 -15.71 14.10 -1.93
N GLY C 381 -16.13 15.34 -2.21
CA GLY C 381 -17.53 15.67 -2.59
C GLY C 381 -17.84 15.17 -4.00
N ASP C 382 -18.80 15.79 -4.69
CA ASP C 382 -19.05 15.57 -6.14
C ASP C 382 -18.96 14.07 -6.47
N ARG C 383 -19.93 13.27 -6.03
CA ARG C 383 -19.92 11.79 -6.18
C ARG C 383 -20.79 11.37 -7.37
N MET C 384 -20.95 12.26 -8.37
CA MET C 384 -21.76 12.00 -9.59
C MET C 384 -20.87 11.27 -10.61
N PHE C 385 -20.61 9.99 -10.38
CA PHE C 385 -19.83 9.08 -11.26
C PHE C 385 -20.72 8.54 -12.38
N TYR C 386 -22.04 8.52 -12.15
CA TYR C 386 -23.08 7.97 -13.05
C TYR C 386 -24.40 8.67 -12.74
N ARG C 387 -24.96 9.39 -13.73
CA ARG C 387 -26.38 9.82 -13.70
C ARG C 387 -27.22 8.63 -14.18
N ASP C 388 -28.55 8.75 -14.07
CA ASP C 388 -29.53 7.71 -14.48
C ASP C 388 -29.30 7.32 -15.96
N TRP C 389 -28.44 6.32 -16.19
CA TRP C 389 -28.15 5.74 -17.53
C TRP C 389 -29.31 4.84 -17.98
N TRP C 390 -29.92 4.15 -17.02
CA TRP C 390 -31.05 3.20 -17.22
C TRP C 390 -32.29 3.93 -17.76
N ASN C 391 -32.35 5.26 -17.65
CA ASN C 391 -33.44 6.13 -18.18
C ASN C 391 -33.15 6.64 -19.60
N SER C 392 -31.91 6.53 -20.08
CA SER C 392 -31.41 7.17 -21.33
C SER C 392 -32.30 6.78 -22.52
N THR C 393 -33.05 7.76 -23.06
CA THR C 393 -33.92 7.63 -24.25
C THR C 393 -33.04 7.75 -25.49
N SER C 394 -32.36 8.89 -25.65
CA SER C 394 -31.34 9.16 -26.69
C SER C 394 -30.04 8.45 -26.30
N PHE C 395 -29.32 7.91 -27.28
CA PHE C 395 -28.06 7.13 -27.07
C PHE C 395 -26.93 8.06 -26.65
N SER C 396 -26.92 9.30 -27.19
CA SER C 396 -26.03 10.41 -26.75
C SER C 396 -26.11 10.55 -25.22
N ASN C 397 -27.33 10.50 -24.66
CA ASN C 397 -27.60 10.53 -23.20
C ASN C 397 -26.96 9.31 -22.51
N TYR C 398 -26.97 8.14 -23.18
CA TYR C 398 -26.36 6.88 -22.67
C TYR C 398 -24.85 7.07 -22.50
N TYR C 399 -24.17 7.62 -23.51
CA TYR C 399 -22.72 7.99 -23.45
C TYR C 399 -22.49 9.07 -22.38
N ARG C 400 -23.43 10.02 -22.26
CA ARG C 400 -23.34 11.16 -21.32
C ARG C 400 -23.40 10.69 -19.87
N THR C 401 -24.25 9.70 -19.53
CA THR C 401 -24.63 9.38 -18.13
C THR C 401 -24.20 7.96 -17.69
N TRP C 402 -23.29 7.29 -18.43
CA TRP C 402 -22.66 6.01 -18.02
C TRP C 402 -21.17 6.22 -17.82
N ASN C 403 -20.67 6.04 -16.59
CA ASN C 403 -19.24 6.13 -16.22
C ASN C 403 -18.75 7.57 -16.49
N VAL C 404 -19.37 8.53 -15.81
CA VAL C 404 -19.28 10.00 -16.08
C VAL C 404 -17.83 10.47 -15.86
N VAL C 405 -17.04 9.79 -15.03
CA VAL C 405 -15.60 10.13 -14.75
C VAL C 405 -14.77 10.03 -16.05
N VAL C 406 -14.80 8.89 -16.74
CA VAL C 406 -13.98 8.66 -17.98
C VAL C 406 -14.60 9.48 -19.12
N HIS C 407 -15.93 9.57 -19.17
CA HIS C 407 -16.69 10.45 -20.10
C HIS C 407 -16.21 11.90 -19.96
N ASP C 408 -16.08 12.40 -18.72
CA ASP C 408 -15.65 13.79 -18.42
C ASP C 408 -14.22 14.00 -18.92
N TRP C 409 -13.31 13.07 -18.63
CA TRP C 409 -11.91 13.12 -19.16
C TRP C 409 -11.95 13.14 -20.70
N LEU C 410 -12.62 12.17 -21.31
CA LEU C 410 -12.66 12.00 -22.79
C LEU C 410 -13.26 13.26 -23.43
N TYR C 411 -14.31 13.82 -22.84
CA TYR C 411 -15.01 15.05 -23.29
C TYR C 411 -14.06 16.25 -23.22
N SER C 412 -13.48 16.49 -22.05
CA SER C 412 -12.63 17.67 -21.73
C SER C 412 -11.36 17.68 -22.60
N TYR C 413 -10.68 16.53 -22.76
CA TYR C 413 -9.28 16.43 -23.25
C TYR C 413 -9.18 15.90 -24.69
N VAL C 414 -10.28 15.47 -25.33
CA VAL C 414 -10.27 15.01 -26.75
C VAL C 414 -11.28 15.83 -27.57
N TYR C 415 -12.55 15.85 -27.18
CA TYR C 415 -13.63 16.58 -27.90
C TYR C 415 -13.31 18.08 -27.88
N GLN C 416 -13.31 18.68 -26.67
CA GLN C 416 -13.13 20.15 -26.48
C GLN C 416 -11.70 20.60 -26.84
N ASP C 417 -10.76 19.66 -27.08
CA ASP C 417 -9.39 19.95 -27.58
C ASP C 417 -9.31 19.74 -29.10
N GLY C 418 -10.03 18.74 -29.63
CA GLY C 418 -10.20 18.52 -31.07
C GLY C 418 -10.85 19.73 -31.73
N LEU C 419 -11.98 20.17 -31.16
CA LEU C 419 -12.73 21.40 -31.55
C LEU C 419 -11.77 22.60 -31.61
N ARG C 420 -10.85 22.72 -30.65
CA ARG C 420 -9.87 23.84 -30.56
C ARG C 420 -8.79 23.66 -31.62
N LEU C 421 -8.15 22.48 -31.69
CA LEU C 421 -7.04 22.18 -32.64
C LEU C 421 -7.55 22.39 -34.07
N LEU C 422 -8.58 21.64 -34.48
CA LEU C 422 -9.16 21.71 -35.85
C LEU C 422 -9.74 23.12 -36.08
N GLY C 423 -10.26 23.77 -35.04
CA GLY C 423 -11.06 25.01 -35.15
C GLY C 423 -12.33 24.74 -35.94
N ALA C 424 -12.79 23.48 -35.95
CA ALA C 424 -13.80 22.94 -36.89
C ALA C 424 -15.19 23.33 -36.41
N ARG C 425 -15.95 24.00 -37.28
CA ARG C 425 -17.41 24.24 -37.10
C ARG C 425 -18.11 22.88 -37.18
N ALA C 426 -17.64 22.01 -38.09
CA ALA C 426 -18.07 20.61 -38.26
C ALA C 426 -17.39 19.72 -37.22
N ARG C 427 -18.14 19.31 -36.18
CA ARG C 427 -17.71 18.32 -35.16
C ARG C 427 -17.68 16.90 -35.76
N GLY C 428 -18.26 16.71 -36.96
CA GLY C 428 -18.36 15.42 -37.70
C GLY C 428 -17.08 14.61 -37.70
N VAL C 429 -15.91 15.26 -37.82
CA VAL C 429 -14.57 14.61 -37.74
C VAL C 429 -14.05 14.68 -36.30
N ALA C 430 -14.35 15.76 -35.57
CA ALA C 430 -13.95 15.98 -34.15
C ALA C 430 -14.51 14.86 -33.28
N MET C 431 -15.84 14.68 -33.27
CA MET C 431 -16.51 13.46 -32.74
C MET C 431 -16.40 12.35 -33.79
N LEU C 432 -16.29 11.10 -33.35
CA LEU C 432 -15.77 9.91 -34.08
C LEU C 432 -14.24 9.85 -33.88
N GLY C 433 -13.62 10.92 -33.39
CA GLY C 433 -12.29 10.90 -32.75
C GLY C 433 -12.39 10.31 -31.35
N VAL C 434 -13.24 10.89 -30.50
CA VAL C 434 -13.56 10.39 -29.13
C VAL C 434 -14.03 8.93 -29.21
N PHE C 435 -14.93 8.63 -30.16
CA PHE C 435 -15.51 7.28 -30.39
C PHE C 435 -14.39 6.30 -30.81
N LEU C 436 -13.46 6.75 -31.67
CA LEU C 436 -12.34 5.91 -32.17
C LEU C 436 -11.37 5.59 -31.02
N VAL C 437 -11.02 6.59 -30.20
CA VAL C 437 -10.14 6.41 -29.01
C VAL C 437 -10.84 5.47 -28.02
N SER C 438 -12.13 5.71 -27.74
CA SER C 438 -12.99 4.86 -26.88
C SER C 438 -13.04 3.42 -27.43
N ALA C 439 -13.06 3.25 -28.75
CA ALA C 439 -13.15 1.94 -29.44
C ALA C 439 -11.83 1.17 -29.32
N VAL C 440 -10.68 1.82 -29.58
CA VAL C 440 -9.33 1.16 -29.55
C VAL C 440 -8.94 0.84 -28.10
N ALA C 441 -9.25 1.73 -27.14
CA ALA C 441 -8.89 1.59 -25.72
C ALA C 441 -9.44 0.26 -25.15
N HIS C 442 -10.73 -0.02 -25.39
CA HIS C 442 -11.45 -1.20 -24.85
C HIS C 442 -10.94 -2.49 -25.50
N GLU C 443 -10.71 -2.46 -26.83
CA GLU C 443 -10.16 -3.60 -27.60
C GLU C 443 -8.73 -3.88 -27.17
N TYR C 444 -7.93 -2.83 -26.96
CA TYR C 444 -6.56 -2.93 -26.41
C TYR C 444 -6.62 -3.66 -25.07
N ILE C 445 -7.48 -3.20 -24.15
CA ILE C 445 -7.70 -3.84 -22.82
C ILE C 445 -8.01 -5.33 -23.03
N PHE C 446 -9.12 -5.67 -23.71
CA PHE C 446 -9.56 -7.08 -23.94
C PHE C 446 -8.42 -7.90 -24.57
N CYS C 447 -7.97 -7.50 -25.76
CA CYS C 447 -6.84 -8.12 -26.52
C CYS C 447 -5.65 -8.37 -25.59
N PHE C 448 -5.35 -7.41 -24.71
CA PHE C 448 -4.30 -7.52 -23.67
C PHE C 448 -4.68 -8.60 -22.64
N VAL C 449 -5.88 -8.48 -22.04
CA VAL C 449 -6.28 -9.19 -20.79
C VAL C 449 -6.35 -10.71 -21.03
N LEU C 450 -6.88 -11.15 -22.18
CA LEU C 450 -7.05 -12.58 -22.52
C LEU C 450 -6.14 -12.99 -23.69
N GLY C 451 -5.24 -12.11 -24.15
CA GLY C 451 -4.26 -12.39 -25.21
C GLY C 451 -4.92 -12.78 -26.52
N PHE C 452 -5.91 -12.00 -26.97
CA PHE C 452 -6.71 -12.26 -28.21
C PHE C 452 -6.50 -11.15 -29.24
N PHE C 453 -5.97 -11.55 -30.39
CA PHE C 453 -5.57 -10.63 -31.48
C PHE C 453 -6.81 -10.11 -32.21
N TYR C 454 -7.89 -10.90 -32.30
CA TYR C 454 -9.14 -10.54 -33.04
C TYR C 454 -9.96 -9.57 -32.20
N PRO C 455 -10.30 -8.37 -32.72
CA PRO C 455 -11.29 -7.50 -32.09
C PRO C 455 -12.73 -7.85 -32.50
N VAL C 456 -13.61 -8.06 -31.51
CA VAL C 456 -15.08 -8.28 -31.69
C VAL C 456 -15.82 -7.01 -31.28
N MET C 457 -15.53 -6.50 -30.07
CA MET C 457 -16.22 -5.33 -29.48
C MET C 457 -15.74 -4.05 -30.19
N LEU C 458 -14.72 -4.09 -31.06
CA LEU C 458 -14.45 -3.00 -32.04
C LEU C 458 -15.58 -2.97 -33.06
N ILE C 459 -15.79 -4.11 -33.74
CA ILE C 459 -16.81 -4.29 -34.82
C ILE C 459 -18.18 -4.18 -34.16
N LEU C 460 -18.40 -4.87 -33.02
CA LEU C 460 -19.67 -4.78 -32.25
C LEU C 460 -19.90 -3.33 -31.77
N PHE C 461 -18.87 -2.67 -31.23
CA PHE C 461 -18.92 -1.25 -30.76
C PHE C 461 -19.41 -0.37 -31.91
N LEU C 462 -18.81 -0.53 -33.09
CA LEU C 462 -19.14 0.24 -34.32
C LEU C 462 -20.57 -0.07 -34.76
N VAL C 463 -20.94 -1.36 -34.87
CA VAL C 463 -22.26 -1.81 -35.39
C VAL C 463 -23.37 -1.39 -34.39
N ILE C 464 -23.10 -1.37 -33.08
CA ILE C 464 -24.06 -0.90 -32.04
C ILE C 464 -24.13 0.63 -32.06
N GLY C 465 -22.96 1.30 -32.17
CA GLY C 465 -22.86 2.75 -32.40
C GLY C 465 -23.76 3.18 -33.55
N GLY C 466 -23.51 2.63 -34.75
CA GLY C 466 -24.26 2.89 -35.99
C GLY C 466 -25.76 2.64 -35.84
N MET C 467 -26.16 1.65 -35.04
CA MET C 467 -27.59 1.24 -34.87
C MET C 467 -28.28 2.22 -33.92
N LEU C 468 -27.77 2.42 -32.70
CA LEU C 468 -28.46 3.21 -31.64
C LEU C 468 -28.24 4.72 -31.85
N ASN C 469 -27.09 5.14 -32.41
CA ASN C 469 -26.74 6.57 -32.61
C ASN C 469 -27.70 7.19 -33.63
N PHE C 470 -27.75 6.64 -34.85
CA PHE C 470 -28.47 7.23 -36.01
C PHE C 470 -29.76 6.45 -36.32
N MET C 471 -29.67 5.12 -36.53
CA MET C 471 -30.84 4.26 -36.84
C MET C 471 -31.75 4.19 -35.60
N ALA C 480 -40.59 5.36 -24.94
CA ALA C 480 -40.76 3.91 -25.21
C ALA C 480 -39.65 3.37 -26.15
N TRP C 481 -39.00 4.23 -26.95
CA TRP C 481 -37.79 3.89 -27.76
C TRP C 481 -36.75 3.15 -26.90
N ASN C 482 -36.62 3.54 -25.62
CA ASN C 482 -35.71 2.98 -24.57
C ASN C 482 -35.50 1.46 -24.73
N VAL C 483 -36.56 0.69 -25.06
CA VAL C 483 -36.54 -0.79 -25.15
C VAL C 483 -35.41 -1.25 -26.09
N LEU C 484 -35.32 -0.65 -27.29
CA LEU C 484 -34.36 -1.04 -28.36
C LEU C 484 -32.93 -1.02 -27.81
N MET C 485 -32.57 0.03 -27.06
CA MET C 485 -31.24 0.17 -26.40
C MET C 485 -31.00 -1.04 -25.50
N TRP C 486 -31.95 -1.34 -24.61
CA TRP C 486 -31.88 -2.48 -23.63
C TRP C 486 -31.74 -3.80 -24.38
N THR C 487 -32.52 -4.01 -25.44
CA THR C 487 -32.44 -5.21 -26.33
C THR C 487 -31.03 -5.29 -26.95
N MET C 488 -30.59 -4.21 -27.61
CA MET C 488 -29.28 -4.15 -28.32
C MET C 488 -28.12 -4.08 -27.32
N LEU C 489 -28.40 -3.85 -26.02
CA LEU C 489 -27.42 -4.04 -24.92
C LEU C 489 -27.38 -5.52 -24.52
N PHE C 490 -28.54 -6.16 -24.31
CA PHE C 490 -28.65 -7.58 -23.90
C PHE C 490 -27.81 -8.47 -24.84
N LEU C 491 -28.04 -8.38 -26.16
CA LEU C 491 -27.23 -9.10 -27.18
C LEU C 491 -25.82 -8.49 -27.23
N GLY C 492 -25.71 -7.17 -27.02
CA GLY C 492 -24.43 -6.45 -26.81
C GLY C 492 -23.53 -7.17 -25.82
N GLN C 493 -24.12 -7.82 -24.80
CA GLN C 493 -23.39 -8.69 -23.83
C GLN C 493 -23.38 -10.14 -24.32
N GLY C 494 -24.56 -10.69 -24.65
CA GLY C 494 -24.74 -12.07 -25.14
C GLY C 494 -23.69 -12.47 -26.17
N ILE C 495 -23.29 -11.53 -27.03
CA ILE C 495 -22.23 -11.72 -28.06
C ILE C 495 -20.85 -11.76 -27.39
N GLN C 496 -20.49 -10.69 -26.66
CA GLN C 496 -19.15 -10.49 -26.04
C GLN C 496 -18.68 -11.76 -25.33
N VAL C 497 -19.50 -12.26 -24.40
CA VAL C 497 -19.16 -13.42 -23.52
C VAL C 497 -18.93 -14.65 -24.41
N SER C 498 -19.92 -15.02 -25.23
CA SER C 498 -19.93 -16.27 -26.03
C SER C 498 -18.69 -16.26 -26.94
N LEU C 499 -18.59 -15.28 -27.83
CA LEU C 499 -17.48 -15.14 -28.82
C LEU C 499 -16.11 -15.15 -28.12
N TYR C 500 -16.02 -14.83 -26.81
CA TYR C 500 -14.74 -14.85 -26.05
C TYR C 500 -14.51 -16.24 -25.42
N CYS C 501 -15.48 -16.76 -24.67
CA CYS C 501 -15.41 -18.11 -24.01
C CYS C 501 -15.17 -19.20 -25.06
N GLN C 502 -15.48 -18.94 -26.34
CA GLN C 502 -15.15 -19.80 -27.51
C GLN C 502 -13.62 -19.82 -27.70
N GLU C 503 -13.01 -18.65 -27.90
CA GLU C 503 -11.57 -18.54 -28.24
C GLU C 503 -10.72 -18.61 -26.97
N TRP C 504 -11.28 -18.37 -25.77
CA TRP C 504 -10.56 -18.59 -24.48
C TRP C 504 -10.27 -20.07 -24.27
N TYR C 505 -11.05 -20.96 -24.91
CA TYR C 505 -10.87 -22.43 -24.86
C TYR C 505 -10.27 -22.97 -26.17
N ALA C 506 -10.55 -22.35 -27.33
CA ALA C 506 -9.89 -22.71 -28.62
C ALA C 506 -8.38 -22.41 -28.57
N ARG C 507 -7.92 -21.63 -27.58
CA ARG C 507 -6.50 -21.28 -27.30
C ARG C 507 -5.98 -22.13 -26.12
N ARG C 508 -6.75 -23.13 -25.66
CA ARG C 508 -6.48 -23.87 -24.40
C ARG C 508 -7.17 -25.24 -24.46
N LYS D 108 -65.15 -6.29 12.98
CA LYS D 108 -64.89 -5.26 11.93
C LYS D 108 -65.02 -5.91 10.54
N GLN D 109 -66.01 -5.48 9.75
CA GLN D 109 -66.19 -5.85 8.32
C GLN D 109 -65.60 -4.74 7.45
N LYS D 110 -65.00 -5.09 6.30
CA LYS D 110 -64.27 -4.17 5.40
C LYS D 110 -65.20 -3.03 4.93
N VAL D 111 -64.69 -1.80 4.92
CA VAL D 111 -65.36 -0.58 4.36
C VAL D 111 -64.52 -0.07 3.19
N PHE D 112 -65.19 0.31 2.09
CA PHE D 112 -64.58 0.56 0.76
C PHE D 112 -64.30 2.07 0.60
N ILE D 113 -63.13 2.40 0.04
CA ILE D 113 -62.61 3.79 -0.21
C ILE D 113 -62.14 3.84 -1.67
N ILE D 114 -61.72 5.01 -2.17
CA ILE D 114 -61.44 5.27 -3.61
C ILE D 114 -59.91 5.40 -3.83
N ARG D 115 -59.10 4.61 -3.10
CA ARG D 115 -57.63 4.54 -3.34
C ARG D 115 -57.37 3.80 -4.65
N LYS D 116 -56.23 4.12 -5.29
CA LYS D 116 -55.81 3.57 -6.60
C LYS D 116 -54.73 2.50 -6.36
N SER D 117 -54.71 1.46 -7.20
CA SER D 117 -53.78 0.30 -7.13
C SER D 117 -52.33 0.79 -7.01
N LEU D 118 -51.64 0.39 -5.92
CA LEU D 118 -50.33 0.96 -5.47
C LEU D 118 -49.33 0.98 -6.62
N LEU D 119 -49.20 -0.11 -7.38
CA LEU D 119 -48.22 -0.22 -8.50
C LEU D 119 -48.58 0.80 -9.59
N ASP D 120 -49.86 1.11 -9.81
CA ASP D 120 -50.32 2.02 -10.89
C ASP D 120 -49.82 3.44 -10.59
N GLU D 121 -50.13 3.97 -9.41
CA GLU D 121 -49.65 5.31 -8.95
C GLU D 121 -48.12 5.29 -8.83
N LEU D 122 -47.52 4.13 -8.53
CA LEU D 122 -46.05 3.92 -8.51
C LEU D 122 -45.49 3.83 -9.94
N MET D 123 -46.28 3.33 -10.90
CA MET D 123 -45.86 3.09 -12.31
C MET D 123 -45.55 4.41 -13.02
N GLU D 124 -45.94 5.56 -12.44
CA GLU D 124 -45.63 6.92 -12.96
C GLU D 124 -44.20 7.31 -12.58
N VAL D 125 -43.72 6.94 -11.38
CA VAL D 125 -42.32 7.21 -10.93
C VAL D 125 -41.39 6.54 -11.95
N GLN D 126 -40.39 7.28 -12.44
CA GLN D 126 -39.71 7.05 -13.75
C GLN D 126 -38.89 5.74 -13.70
N HIS D 127 -38.18 5.49 -12.60
CA HIS D 127 -37.24 4.34 -12.44
C HIS D 127 -37.99 3.00 -12.61
N PHE D 128 -39.28 2.96 -12.26
CA PHE D 128 -40.15 1.76 -12.40
C PHE D 128 -40.56 1.59 -13.87
N ARG D 129 -40.78 2.68 -14.59
CA ARG D 129 -40.99 2.68 -16.07
C ARG D 129 -39.74 2.08 -16.74
N THR D 130 -38.55 2.39 -16.21
CA THR D 130 -37.27 1.79 -16.66
C THR D 130 -37.29 0.27 -16.44
N ILE D 131 -37.54 -0.19 -15.20
CA ILE D 131 -37.60 -1.65 -14.86
C ILE D 131 -38.61 -2.33 -15.81
N TYR D 132 -39.78 -1.71 -16.00
CA TYR D 132 -40.87 -2.19 -16.90
C TYR D 132 -40.31 -2.38 -18.32
N HIS D 133 -39.60 -1.38 -18.83
CA HIS D 133 -38.95 -1.38 -20.17
C HIS D 133 -37.86 -2.46 -20.24
N MET D 134 -37.07 -2.63 -19.17
CA MET D 134 -36.02 -3.68 -19.05
C MET D 134 -36.63 -5.07 -19.24
N PHE D 135 -37.80 -5.32 -18.65
CA PHE D 135 -38.52 -6.63 -18.75
C PHE D 135 -39.08 -6.82 -20.16
N ILE D 136 -39.61 -5.75 -20.78
CA ILE D 136 -40.09 -5.78 -22.20
C ILE D 136 -38.90 -6.04 -23.13
N ALA D 137 -37.73 -5.47 -22.85
CA ALA D 137 -36.46 -5.76 -23.55
C ALA D 137 -36.16 -7.26 -23.46
N GLY D 138 -36.31 -7.83 -22.25
CA GLY D 138 -36.15 -9.28 -21.98
C GLY D 138 -37.03 -10.13 -22.87
N LEU D 139 -38.29 -9.72 -23.06
CA LEU D 139 -39.26 -10.38 -23.97
C LEU D 139 -38.75 -10.24 -25.42
N CYS D 140 -38.38 -9.02 -25.81
CA CYS D 140 -37.87 -8.68 -27.18
C CYS D 140 -36.65 -9.55 -27.52
N VAL D 141 -35.79 -9.83 -26.54
CA VAL D 141 -34.58 -10.71 -26.71
C VAL D 141 -35.03 -12.16 -26.98
N PHE D 142 -36.00 -12.67 -26.21
CA PHE D 142 -36.53 -14.04 -26.38
C PHE D 142 -37.16 -14.19 -27.77
N ILE D 143 -37.98 -13.21 -28.19
CA ILE D 143 -38.71 -13.28 -29.49
C ILE D 143 -37.71 -13.22 -30.65
N ILE D 144 -36.74 -12.29 -30.63
CA ILE D 144 -35.72 -12.16 -31.71
C ILE D 144 -34.91 -13.46 -31.80
N SER D 145 -34.48 -14.01 -30.66
CA SER D 145 -33.56 -15.17 -30.60
C SER D 145 -34.29 -16.45 -31.01
N THR D 146 -35.48 -16.70 -30.45
CA THR D 146 -36.35 -17.86 -30.82
C THR D 146 -36.67 -17.80 -32.32
N LEU D 147 -37.03 -16.61 -32.83
CA LEU D 147 -37.31 -16.38 -34.28
C LEU D 147 -36.09 -16.79 -35.09
N ALA D 148 -34.92 -16.20 -34.80
CA ALA D 148 -33.64 -16.42 -35.54
C ALA D 148 -33.20 -17.89 -35.45
N ILE D 149 -33.46 -18.57 -34.33
CA ILE D 149 -33.09 -20.01 -34.12
C ILE D 149 -34.05 -20.91 -34.92
N ASP D 150 -35.34 -20.85 -34.62
CA ASP D 150 -36.35 -21.83 -35.12
C ASP D 150 -36.69 -21.55 -36.60
N PHE D 151 -36.34 -20.37 -37.13
CA PHE D 151 -36.39 -20.03 -38.58
C PHE D 151 -35.53 -21.02 -39.37
N ILE D 152 -34.32 -21.33 -38.85
CA ILE D 152 -33.36 -22.32 -39.43
C ILE D 152 -33.45 -23.62 -38.63
N LEU D 158 -43.36 -23.54 -36.46
CA LEU D 158 -42.06 -22.82 -36.40
C LEU D 158 -41.73 -22.47 -34.95
N LEU D 159 -42.57 -21.63 -34.32
CA LEU D 159 -42.37 -21.13 -32.93
C LEU D 159 -42.76 -22.21 -31.90
N GLU D 160 -42.70 -21.89 -30.61
CA GLU D 160 -43.13 -22.76 -29.48
C GLU D 160 -44.65 -22.61 -29.23
N PHE D 161 -45.41 -22.11 -30.21
CA PHE D 161 -46.89 -22.13 -30.26
C PHE D 161 -47.43 -23.56 -30.08
N ASP D 162 -46.56 -24.57 -30.16
CA ASP D 162 -46.83 -25.98 -29.73
C ASP D 162 -47.60 -26.00 -28.41
N LEU D 163 -47.18 -25.21 -27.41
CA LEU D 163 -47.79 -25.17 -26.05
C LEU D 163 -49.18 -24.54 -26.11
N LEU D 164 -49.27 -23.30 -26.63
CA LEU D 164 -50.52 -22.51 -26.76
C LEU D 164 -51.60 -23.33 -27.48
N ILE D 165 -51.29 -23.94 -28.64
CA ILE D 165 -52.28 -24.75 -29.41
C ILE D 165 -52.62 -26.02 -28.62
N PHE D 166 -51.64 -26.67 -28.00
CA PHE D 166 -51.82 -27.91 -27.18
C PHE D 166 -52.63 -27.58 -25.92
N SER D 167 -52.09 -26.71 -25.06
CA SER D 167 -52.63 -26.36 -23.72
C SER D 167 -54.09 -25.87 -23.84
N PHE D 168 -54.39 -25.06 -24.86
CA PHE D 168 -55.76 -24.64 -25.24
C PHE D 168 -56.30 -25.61 -26.30
N GLY D 169 -56.52 -26.86 -25.90
CA GLY D 169 -56.96 -27.96 -26.79
C GLY D 169 -58.44 -27.86 -27.12
N GLN D 170 -59.31 -27.91 -26.09
CA GLN D 170 -60.80 -27.89 -26.24
C GLN D 170 -61.37 -26.60 -25.66
N LEU D 171 -60.62 -25.49 -25.74
CA LEU D 171 -61.00 -24.15 -25.21
C LEU D 171 -62.42 -23.78 -25.64
N PRO D 172 -62.85 -24.03 -26.91
CA PRO D 172 -64.26 -23.87 -27.28
C PRO D 172 -65.21 -24.60 -26.31
N LEU D 173 -64.97 -25.89 -26.03
CA LEU D 173 -65.84 -26.71 -25.14
C LEU D 173 -65.74 -26.17 -23.71
N ALA D 174 -64.55 -25.72 -23.29
CA ALA D 174 -64.26 -25.10 -21.97
C ALA D 174 -65.16 -23.88 -21.75
N LEU D 175 -65.22 -22.97 -22.73
CA LEU D 175 -66.08 -21.76 -22.63
C LEU D 175 -67.56 -22.15 -22.73
N VAL D 176 -67.92 -23.08 -23.62
CA VAL D 176 -69.33 -23.54 -23.82
C VAL D 176 -69.83 -24.27 -22.57
N THR D 177 -68.95 -24.90 -21.78
CA THR D 177 -69.28 -25.57 -20.49
C THR D 177 -69.09 -24.61 -19.31
N TRP D 178 -68.37 -23.49 -19.48
CA TRP D 178 -68.35 -22.36 -18.51
C TRP D 178 -69.72 -21.70 -18.45
N VAL D 179 -70.38 -21.51 -19.61
CA VAL D 179 -71.64 -20.71 -19.76
C VAL D 179 -72.71 -21.20 -18.79
N PRO D 180 -73.11 -22.51 -18.80
CA PRO D 180 -74.23 -22.98 -17.97
C PRO D 180 -73.96 -22.84 -16.46
N MET D 181 -72.72 -23.11 -16.04
CA MET D 181 -72.21 -22.92 -14.65
C MET D 181 -72.43 -21.47 -14.21
N PHE D 182 -72.06 -20.51 -15.07
CA PHE D 182 -72.25 -19.05 -14.85
C PHE D 182 -73.75 -18.74 -14.72
N LEU D 183 -74.57 -19.26 -15.64
CA LEU D 183 -76.05 -19.08 -15.63
C LEU D 183 -76.64 -19.64 -14.32
N SER D 184 -76.15 -20.79 -13.85
CA SER D 184 -76.63 -21.48 -12.62
C SER D 184 -76.28 -20.65 -11.37
N THR D 185 -75.01 -20.28 -11.21
CA THR D 185 -74.50 -19.46 -10.08
C THR D 185 -75.12 -18.06 -10.11
N LEU D 186 -75.52 -17.57 -11.27
CA LEU D 186 -76.28 -16.30 -11.44
C LEU D 186 -77.68 -16.47 -10.84
N LEU D 187 -78.45 -17.43 -11.35
CA LEU D 187 -79.91 -17.55 -11.04
C LEU D 187 -80.11 -18.15 -9.64
N ALA D 188 -79.58 -19.35 -9.39
CA ALA D 188 -79.94 -20.24 -8.26
C ALA D 188 -79.91 -19.50 -6.92
N PRO D 189 -78.81 -18.82 -6.52
CA PRO D 189 -78.70 -18.25 -5.17
C PRO D 189 -79.70 -17.11 -4.94
N TYR D 190 -79.93 -16.28 -5.97
CA TYR D 190 -80.83 -15.09 -5.94
C TYR D 190 -82.28 -15.57 -5.73
N GLN D 191 -82.76 -16.47 -6.59
CA GLN D 191 -84.11 -17.08 -6.53
C GLN D 191 -84.31 -17.76 -5.17
N ALA D 192 -83.32 -18.57 -4.74
CA ALA D 192 -83.31 -19.28 -3.43
C ALA D 192 -83.56 -18.27 -2.31
N LEU D 193 -82.72 -17.24 -2.21
CA LEU D 193 -82.79 -16.19 -1.16
C LEU D 193 -84.09 -15.38 -1.28
N ARG D 194 -84.57 -15.14 -2.50
CA ARG D 194 -85.76 -14.28 -2.76
C ARG D 194 -87.03 -14.97 -2.22
N LEU D 195 -87.25 -16.24 -2.56
CA LEU D 195 -88.39 -17.04 -2.02
C LEU D 195 -88.20 -17.23 -0.51
N TRP D 196 -86.99 -17.59 -0.07
CA TRP D 196 -86.63 -17.80 1.35
C TRP D 196 -86.88 -16.53 2.17
N ALA D 197 -86.77 -15.35 1.55
CA ALA D 197 -87.08 -14.02 2.14
C ALA D 197 -88.56 -13.64 1.90
N ARG D 198 -89.45 -14.62 1.67
CA ARG D 198 -90.92 -14.41 1.56
C ARG D 198 -91.61 -15.28 2.63
N GLY D 199 -91.06 -15.31 3.85
CA GLY D 199 -91.56 -16.12 4.98
C GLY D 199 -90.48 -16.38 6.01
N GLY D 206 -89.38 -22.38 2.16
CA GLY D 206 -89.85 -23.04 0.93
C GLY D 206 -88.92 -24.14 0.48
N LEU D 207 -88.74 -24.30 -0.84
CA LEU D 207 -87.91 -25.35 -1.48
C LEU D 207 -86.50 -24.83 -1.80
N GLY D 208 -86.19 -23.57 -1.44
CA GLY D 208 -84.87 -22.94 -1.64
C GLY D 208 -83.73 -23.81 -1.11
N CYS D 209 -83.91 -24.39 0.08
CA CYS D 209 -82.97 -25.32 0.77
C CYS D 209 -82.48 -26.41 -0.20
N ALA D 210 -83.36 -26.92 -1.07
CA ALA D 210 -83.04 -27.92 -2.12
C ALA D 210 -82.38 -27.25 -3.32
N LEU D 211 -82.84 -26.05 -3.70
CA LEU D 211 -82.40 -25.33 -4.94
C LEU D 211 -80.91 -24.97 -4.82
N LEU D 212 -80.50 -24.32 -3.72
CA LEU D 212 -79.09 -23.86 -3.53
C LEU D 212 -78.16 -25.08 -3.39
N ALA D 213 -78.65 -26.17 -2.80
CA ALA D 213 -77.94 -27.47 -2.69
C ALA D 213 -77.75 -28.07 -4.09
N ALA D 214 -78.80 -28.06 -4.92
CA ALA D 214 -78.75 -28.47 -6.35
C ALA D 214 -77.74 -27.58 -7.10
N HIS D 215 -77.72 -26.28 -6.81
CA HIS D 215 -76.71 -25.32 -7.33
C HIS D 215 -75.30 -25.73 -6.88
N ALA D 216 -75.12 -26.04 -5.59
CA ALA D 216 -73.83 -26.48 -5.02
C ALA D 216 -73.33 -27.73 -5.77
N VAL D 217 -74.25 -28.61 -6.18
CA VAL D 217 -73.94 -29.86 -6.96
C VAL D 217 -73.60 -29.49 -8.41
N VAL D 218 -74.42 -28.66 -9.08
CA VAL D 218 -74.37 -28.46 -10.57
C VAL D 218 -72.99 -27.95 -11.02
N LEU D 219 -72.20 -27.31 -10.14
CA LEU D 219 -70.82 -26.85 -10.47
C LEU D 219 -69.77 -27.53 -9.58
N CYS D 220 -70.13 -28.58 -8.83
CA CYS D 220 -69.19 -29.44 -8.05
C CYS D 220 -68.91 -30.74 -8.82
N ALA D 221 -69.85 -31.21 -9.64
CA ALA D 221 -69.75 -32.43 -10.47
C ALA D 221 -69.40 -32.07 -11.92
N LEU D 222 -70.17 -31.15 -12.53
CA LEU D 222 -70.08 -30.76 -13.97
C LEU D 222 -68.63 -30.43 -14.34
N PRO D 223 -67.93 -29.47 -13.69
CA PRO D 223 -66.58 -29.11 -14.13
C PRO D 223 -65.53 -30.20 -13.88
N VAL D 224 -65.84 -31.21 -13.05
CA VAL D 224 -64.98 -32.41 -12.81
C VAL D 224 -65.24 -33.43 -13.93
N HIS D 225 -66.52 -33.74 -14.18
CA HIS D 225 -66.99 -34.62 -15.28
C HIS D 225 -66.37 -34.16 -16.60
N VAL D 226 -66.62 -32.91 -16.98
CA VAL D 226 -66.17 -32.31 -18.27
C VAL D 226 -64.64 -32.24 -18.28
N ALA D 227 -63.99 -32.13 -17.12
CA ALA D 227 -62.52 -32.13 -16.96
C ALA D 227 -61.93 -33.51 -17.25
N VAL D 228 -62.42 -34.55 -16.57
CA VAL D 228 -61.81 -35.92 -16.61
C VAL D 228 -62.34 -36.69 -17.83
N GLU D 229 -63.66 -36.82 -17.96
CA GLU D 229 -64.35 -37.74 -18.91
C GLU D 229 -64.03 -37.36 -20.37
N HIS D 230 -63.58 -36.12 -20.65
CA HIS D 230 -63.26 -35.61 -22.01
C HIS D 230 -61.76 -35.36 -22.21
N GLN D 231 -60.90 -35.76 -21.25
CA GLN D 231 -59.41 -35.79 -21.41
C GLN D 231 -58.91 -34.39 -21.77
N LEU D 232 -59.25 -33.37 -20.98
CA LEU D 232 -58.91 -31.95 -21.23
C LEU D 232 -57.41 -31.72 -21.02
N PRO D 233 -56.76 -30.82 -21.79
CA PRO D 233 -55.40 -30.37 -21.50
C PRO D 233 -55.33 -29.50 -20.24
N PRO D 234 -54.12 -29.15 -19.74
CA PRO D 234 -54.00 -28.39 -18.49
C PRO D 234 -54.64 -26.99 -18.48
N ALA D 235 -54.33 -26.14 -19.47
CA ALA D 235 -54.76 -24.72 -19.52
C ALA D 235 -56.29 -24.65 -19.45
N SER D 236 -56.99 -25.22 -20.44
CA SER D 236 -58.47 -25.22 -20.55
C SER D 236 -59.11 -25.96 -19.36
N ARG D 237 -58.34 -26.74 -18.60
CA ARG D 237 -58.76 -27.33 -17.29
C ARG D 237 -58.68 -26.25 -16.20
N CYS D 238 -57.57 -25.49 -16.15
CA CYS D 238 -57.32 -24.44 -15.12
C CYS D 238 -58.36 -23.32 -15.23
N VAL D 239 -58.82 -23.01 -16.46
CA VAL D 239 -59.93 -22.07 -16.74
C VAL D 239 -61.12 -22.45 -15.85
N LEU D 240 -61.68 -23.65 -16.05
CA LEU D 240 -62.94 -24.10 -15.40
C LEU D 240 -62.74 -24.26 -13.88
N VAL D 241 -61.62 -24.80 -13.42
CA VAL D 241 -61.36 -25.03 -11.96
C VAL D 241 -61.30 -23.68 -11.23
N PHE D 242 -60.64 -22.67 -11.83
CA PHE D 242 -60.59 -21.29 -11.28
C PHE D 242 -62.03 -20.73 -11.20
N GLU D 243 -62.78 -20.88 -12.29
CA GLU D 243 -64.18 -20.39 -12.43
C GLU D 243 -65.09 -21.03 -11.38
N GLN D 244 -64.92 -22.33 -11.09
CA GLN D 244 -65.79 -23.04 -10.11
C GLN D 244 -65.48 -22.56 -8.68
N VAL D 245 -64.20 -22.43 -8.31
CA VAL D 245 -63.80 -21.90 -6.96
C VAL D 245 -64.28 -20.46 -6.85
N ARG D 246 -63.98 -19.65 -7.87
CA ARG D 246 -64.41 -18.22 -7.96
C ARG D 246 -65.91 -18.14 -7.64
N PHE D 247 -66.74 -18.87 -8.39
CA PHE D 247 -68.22 -18.81 -8.28
C PHE D 247 -68.68 -19.31 -6.90
N LEU D 248 -68.15 -20.44 -6.42
CA LEU D 248 -68.43 -20.97 -5.05
C LEU D 248 -68.19 -19.86 -4.02
N MET D 249 -66.98 -19.25 -4.07
CA MET D 249 -66.53 -18.22 -3.09
C MET D 249 -67.53 -17.06 -3.04
N LYS D 250 -67.84 -16.44 -4.19
CA LYS D 250 -68.64 -15.19 -4.25
C LYS D 250 -70.15 -15.49 -4.12
N SER D 251 -70.62 -16.65 -4.59
CA SER D 251 -72.02 -17.12 -4.36
C SER D 251 -72.27 -17.23 -2.85
N TYR D 252 -71.42 -17.99 -2.15
CA TYR D 252 -71.47 -18.19 -0.68
C TYR D 252 -71.33 -16.84 0.05
N SER D 253 -70.40 -15.98 -0.43
CA SER D 253 -70.15 -14.62 0.10
C SER D 253 -71.47 -13.83 0.12
N PHE D 254 -72.14 -13.73 -1.04
CA PHE D 254 -73.45 -13.04 -1.22
C PHE D 254 -74.48 -13.63 -0.24
N LEU D 255 -74.57 -14.96 -0.18
CA LEU D 255 -75.50 -15.69 0.73
C LEU D 255 -75.29 -15.21 2.17
N ARG D 256 -74.07 -15.36 2.70
CA ARG D 256 -73.74 -15.05 4.12
C ARG D 256 -73.90 -13.54 4.41
N GLU D 257 -73.81 -12.68 3.39
CA GLU D 257 -74.09 -11.22 3.51
C GLU D 257 -75.59 -10.97 3.62
N ALA D 258 -76.38 -11.52 2.68
CA ALA D 258 -77.82 -11.20 2.52
C ALA D 258 -78.65 -11.85 3.64
N VAL D 259 -78.28 -13.05 4.10
CA VAL D 259 -79.07 -13.88 5.09
C VAL D 259 -79.34 -13.09 6.37
N PRO D 260 -78.34 -12.55 7.10
CA PRO D 260 -78.60 -11.84 8.37
C PRO D 260 -79.60 -10.68 8.25
N GLY D 261 -79.66 -10.03 7.09
CA GLY D 261 -80.65 -8.99 6.75
C GLY D 261 -82.09 -9.51 6.73
N ILE D 262 -82.28 -10.81 6.47
CA ILE D 262 -83.61 -11.48 6.31
C ILE D 262 -84.17 -11.88 7.69
N LEU D 263 -83.34 -12.00 8.73
CA LEU D 263 -83.70 -12.66 10.02
C LEU D 263 -84.46 -11.70 10.98
N ARG D 264 -85.02 -10.59 10.49
CA ARG D 264 -85.92 -9.71 11.29
C ARG D 264 -87.24 -10.45 11.55
N ALA D 265 -87.71 -10.44 12.80
CA ALA D 265 -88.92 -11.16 13.28
C ALA D 265 -90.19 -10.52 12.69
N ALA D 273 -84.80 -7.84 0.69
CA ALA D 273 -84.67 -8.14 -0.76
C ALA D 273 -83.47 -7.38 -1.33
N PRO D 274 -82.37 -8.06 -1.76
CA PRO D 274 -81.25 -7.37 -2.39
C PRO D 274 -81.54 -7.09 -3.86
N SER D 275 -81.11 -5.93 -4.38
CA SER D 275 -81.33 -5.49 -5.78
C SER D 275 -80.56 -6.42 -6.74
N PHE D 276 -81.25 -7.00 -7.72
CA PHE D 276 -80.74 -8.02 -8.67
C PHE D 276 -79.54 -7.46 -9.45
N SER D 277 -79.71 -6.27 -10.04
CA SER D 277 -78.68 -5.55 -10.85
C SER D 277 -77.35 -5.48 -10.09
N SER D 278 -77.40 -5.17 -8.79
CA SER D 278 -76.21 -5.11 -7.88
C SER D 278 -75.56 -6.50 -7.76
N TYR D 279 -76.38 -7.57 -7.72
CA TYR D 279 -75.89 -8.97 -7.64
C TYR D 279 -75.12 -9.32 -8.92
N LEU D 280 -75.76 -9.18 -10.09
CA LEU D 280 -75.16 -9.47 -11.41
C LEU D 280 -73.86 -8.67 -11.59
N TYR D 281 -73.89 -7.39 -11.21
CA TYR D 281 -72.71 -6.50 -11.17
C TYR D 281 -71.63 -7.14 -10.29
N PHE D 282 -71.97 -7.39 -9.01
CA PHE D 282 -71.10 -8.02 -7.99
C PHE D 282 -70.44 -9.29 -8.54
N LEU D 283 -71.19 -10.11 -9.30
CA LEU D 283 -70.68 -11.39 -9.86
C LEU D 283 -69.52 -11.14 -10.84
N PHE D 284 -69.39 -9.93 -11.41
CA PHE D 284 -68.26 -9.53 -12.30
C PHE D 284 -67.28 -8.57 -11.59
N CYS D 285 -67.66 -7.99 -10.44
CA CYS D 285 -66.81 -7.05 -9.67
C CYS D 285 -65.54 -7.76 -9.23
N PRO D 286 -64.36 -7.08 -9.27
CA PRO D 286 -63.08 -7.73 -8.96
C PRO D 286 -62.86 -8.16 -7.49
N THR D 287 -63.81 -7.87 -6.59
CA THR D 287 -63.74 -8.20 -5.13
C THR D 287 -64.75 -9.30 -4.80
N LEU D 288 -64.46 -10.10 -3.77
CA LEU D 288 -65.27 -11.28 -3.34
C LEU D 288 -66.25 -10.91 -2.23
N ILE D 289 -66.04 -9.78 -1.54
CA ILE D 289 -67.00 -9.24 -0.53
C ILE D 289 -68.19 -8.66 -1.29
N TYR D 290 -69.42 -8.98 -0.86
CA TYR D 290 -70.69 -8.40 -1.39
C TYR D 290 -71.12 -7.25 -0.49
N ARG D 291 -71.23 -6.03 -1.05
CA ARG D 291 -71.61 -4.79 -0.32
C ARG D 291 -72.83 -4.08 -0.93
N GLU D 292 -73.16 -4.36 -2.21
CA GLU D 292 -74.21 -3.67 -3.03
C GLU D 292 -74.17 -2.15 -2.85
N THR D 293 -72.98 -1.58 -2.61
CA THR D 293 -72.71 -0.11 -2.60
C THR D 293 -71.63 0.16 -3.65
N TYR D 294 -70.43 -0.40 -3.43
CA TYR D 294 -69.26 -0.40 -4.35
C TYR D 294 -69.02 1.02 -4.87
N PRO D 295 -68.31 1.88 -4.10
CA PRO D 295 -68.14 3.29 -4.49
C PRO D 295 -67.34 3.41 -5.79
N ARG D 296 -67.92 4.10 -6.78
CA ARG D 296 -67.51 4.04 -8.21
C ARG D 296 -66.82 5.32 -8.64
N THR D 297 -66.17 5.27 -9.82
CA THR D 297 -65.38 6.36 -10.45
C THR D 297 -66.24 7.04 -11.51
N PRO D 298 -66.03 8.35 -11.80
CA PRO D 298 -66.82 9.08 -12.80
C PRO D 298 -67.08 8.38 -14.15
N TYR D 299 -66.03 7.91 -14.84
CA TYR D 299 -66.10 7.36 -16.23
C TYR D 299 -65.01 6.30 -16.45
N VAL D 300 -64.79 5.92 -17.71
CA VAL D 300 -64.03 4.70 -18.13
C VAL D 300 -62.96 5.12 -19.16
N ARG D 301 -61.68 5.04 -18.79
CA ARG D 301 -60.52 5.36 -19.65
C ARG D 301 -60.18 4.14 -20.53
N TRP D 302 -60.87 4.01 -21.67
CA TRP D 302 -60.80 2.82 -22.56
C TRP D 302 -59.39 2.64 -23.14
N ASN D 303 -58.61 3.72 -23.26
CA ASN D 303 -57.16 3.70 -23.58
C ASN D 303 -56.43 2.86 -22.52
N TYR D 304 -56.74 3.11 -21.23
CA TYR D 304 -56.07 2.44 -20.07
C TYR D 304 -56.43 0.95 -20.05
N VAL D 305 -57.69 0.58 -20.28
CA VAL D 305 -58.13 -0.85 -20.27
C VAL D 305 -57.53 -1.58 -21.47
N ALA D 306 -57.46 -0.93 -22.64
CA ALA D 306 -56.82 -1.47 -23.86
C ALA D 306 -55.34 -1.79 -23.58
N LYS D 307 -54.63 -0.85 -22.95
CA LYS D 307 -53.22 -1.01 -22.49
C LYS D 307 -53.12 -2.22 -21.54
N ASN D 308 -54.02 -2.30 -20.55
CA ASN D 308 -54.01 -3.35 -19.49
C ASN D 308 -54.15 -4.74 -20.12
N PHE D 309 -55.11 -4.93 -21.03
CA PHE D 309 -55.36 -6.24 -21.72
C PHE D 309 -54.20 -6.57 -22.67
N ALA D 310 -53.61 -5.56 -23.33
CA ALA D 310 -52.40 -5.72 -24.16
C ALA D 310 -51.25 -6.27 -23.31
N GLN D 311 -51.04 -5.70 -22.12
CA GLN D 311 -50.00 -6.13 -21.14
C GLN D 311 -50.30 -7.56 -20.65
N ALA D 312 -51.56 -7.87 -20.33
CA ALA D 312 -52.02 -9.21 -19.87
C ALA D 312 -51.68 -10.27 -20.92
N LEU D 313 -51.99 -10.01 -22.20
CA LEU D 313 -51.67 -10.92 -23.33
C LEU D 313 -50.15 -11.05 -23.48
N GLY D 314 -49.43 -9.93 -23.39
CA GLY D 314 -47.96 -9.89 -23.39
C GLY D 314 -47.37 -10.79 -22.30
N CYS D 315 -47.95 -10.74 -21.09
CA CYS D 315 -47.57 -11.57 -19.92
C CYS D 315 -47.78 -13.06 -20.22
N VAL D 316 -48.92 -13.42 -20.82
CA VAL D 316 -49.23 -14.83 -21.23
C VAL D 316 -48.16 -15.30 -22.23
N LEU D 317 -47.80 -14.46 -23.21
CA LEU D 317 -46.75 -14.78 -24.23
C LEU D 317 -45.40 -14.96 -23.54
N TYR D 318 -45.09 -14.13 -22.52
CA TYR D 318 -43.83 -14.20 -21.73
C TYR D 318 -43.76 -15.54 -21.00
N ALA D 319 -44.83 -15.91 -20.29
CA ALA D 319 -44.98 -17.18 -19.53
C ALA D 319 -44.85 -18.37 -20.48
N CYS D 320 -45.49 -18.30 -21.65
CA CYS D 320 -45.43 -19.32 -22.75
C CYS D 320 -43.96 -19.55 -23.15
N PHE D 321 -43.23 -18.47 -23.41
CA PHE D 321 -41.79 -18.49 -23.79
C PHE D 321 -40.96 -19.16 -22.69
N ILE D 322 -41.17 -18.78 -21.42
CA ILE D 322 -40.46 -19.38 -20.24
C ILE D 322 -40.72 -20.89 -20.20
N LEU D 323 -41.99 -21.31 -20.19
CA LEU D 323 -42.37 -22.75 -20.10
C LEU D 323 -41.90 -23.50 -21.36
N GLY D 324 -41.82 -22.83 -22.51
CA GLY D 324 -41.39 -23.44 -23.79
C GLY D 324 -39.88 -23.60 -23.90
N ARG D 325 -39.10 -22.75 -23.22
CA ARG D 325 -37.63 -22.60 -23.48
C ARG D 325 -36.79 -23.02 -22.27
N LEU D 326 -37.05 -22.52 -21.06
CA LEU D 326 -36.15 -22.69 -19.89
C LEU D 326 -36.73 -23.67 -18.85
N CYS D 327 -37.88 -24.27 -19.12
CA CYS D 327 -38.59 -25.22 -18.19
C CYS D 327 -38.60 -26.63 -18.80
N VAL D 328 -39.13 -26.77 -20.02
CA VAL D 328 -39.37 -28.10 -20.68
C VAL D 328 -38.04 -28.70 -21.14
N PRO D 329 -37.20 -28.03 -21.95
CA PRO D 329 -35.99 -28.67 -22.49
C PRO D 329 -35.03 -29.29 -21.46
N VAL D 330 -34.96 -28.71 -20.26
CA VAL D 330 -34.13 -29.21 -19.12
C VAL D 330 -34.82 -30.42 -18.47
N PHE D 331 -36.16 -30.53 -18.56
CA PHE D 331 -36.99 -31.52 -17.81
C PHE D 331 -37.60 -32.61 -18.69
N ALA D 332 -37.52 -32.50 -20.02
CA ALA D 332 -38.00 -33.52 -21.00
C ALA D 332 -37.30 -34.85 -20.73
N ASN D 333 -36.03 -34.79 -20.31
CA ASN D 333 -35.12 -35.95 -20.13
C ASN D 333 -35.09 -36.35 -18.65
N MET D 334 -36.23 -36.84 -18.15
CA MET D 334 -36.39 -37.45 -16.81
C MET D 334 -36.61 -38.97 -16.93
N SER D 335 -36.79 -39.48 -18.16
CA SER D 335 -36.79 -40.93 -18.50
C SER D 335 -35.43 -41.57 -18.19
N ARG D 336 -34.35 -40.76 -18.13
CA ARG D 336 -32.96 -41.19 -17.84
C ARG D 336 -32.59 -40.71 -16.43
N GLU D 337 -33.25 -41.31 -15.41
CA GLU D 337 -33.03 -41.02 -13.97
C GLU D 337 -33.03 -42.32 -13.18
N PRO D 338 -31.89 -42.67 -12.54
CA PRO D 338 -31.82 -43.82 -11.62
C PRO D 338 -32.10 -43.54 -10.14
N PHE D 339 -32.90 -42.51 -9.83
CA PHE D 339 -33.21 -42.01 -8.47
C PHE D 339 -31.95 -41.39 -7.85
N SER D 340 -31.14 -40.70 -8.66
CA SER D 340 -29.96 -39.91 -8.22
C SER D 340 -30.44 -38.52 -7.76
N THR D 341 -29.67 -37.88 -6.87
CA THR D 341 -29.94 -36.54 -6.29
C THR D 341 -29.11 -35.47 -7.03
N ARG D 342 -28.44 -35.83 -8.13
CA ARG D 342 -27.57 -34.91 -8.92
C ARG D 342 -28.43 -34.21 -9.99
N ALA D 343 -29.42 -34.91 -10.55
CA ALA D 343 -30.38 -34.39 -11.57
C ALA D 343 -31.69 -33.93 -10.91
N LEU D 344 -31.74 -33.86 -9.58
CA LEU D 344 -32.91 -33.33 -8.82
C LEU D 344 -32.52 -31.98 -8.19
N VAL D 345 -31.43 -31.90 -7.42
CA VAL D 345 -31.00 -30.67 -6.69
C VAL D 345 -30.53 -29.62 -7.72
N LEU D 346 -29.67 -30.01 -8.67
CA LEU D 346 -29.09 -29.07 -9.68
C LEU D 346 -30.21 -28.60 -10.62
N SER D 347 -31.13 -29.50 -10.97
CA SER D 347 -32.31 -29.23 -11.83
C SER D 347 -33.26 -28.25 -11.11
N ILE D 348 -33.49 -28.45 -9.81
CA ILE D 348 -34.31 -27.55 -8.93
C ILE D 348 -33.70 -26.15 -8.96
N LEU D 349 -32.38 -26.02 -8.77
CA LEU D 349 -31.68 -24.69 -8.82
C LEU D 349 -31.78 -24.12 -10.23
N HIS D 350 -31.48 -24.91 -11.26
CA HIS D 350 -31.60 -24.50 -12.69
C HIS D 350 -33.01 -23.97 -12.97
N ALA D 351 -34.03 -24.52 -12.30
CA ALA D 351 -35.47 -24.21 -12.52
C ALA D 351 -36.03 -23.22 -11.50
N THR D 352 -35.23 -22.67 -10.58
CA THR D 352 -35.70 -21.65 -9.58
C THR D 352 -36.08 -20.35 -10.29
N LEU D 353 -35.36 -19.98 -11.37
CA LEU D 353 -35.57 -18.70 -12.08
C LEU D 353 -36.84 -18.74 -12.94
N PRO D 354 -37.10 -19.81 -13.74
CA PRO D 354 -38.44 -20.00 -14.32
C PRO D 354 -39.51 -19.88 -13.22
N GLY D 355 -39.35 -20.61 -12.12
CA GLY D 355 -40.22 -20.57 -10.92
C GLY D 355 -40.58 -19.15 -10.50
N ILE D 356 -39.58 -18.29 -10.25
CA ILE D 356 -39.81 -16.90 -9.76
C ILE D 356 -40.52 -16.08 -10.84
N PHE D 357 -40.13 -16.22 -12.11
CA PHE D 357 -40.78 -15.49 -13.25
C PHE D 357 -42.23 -15.95 -13.38
N MET D 358 -42.51 -17.25 -13.28
CA MET D 358 -43.89 -17.81 -13.34
C MET D 358 -44.75 -17.12 -12.26
N LEU D 359 -44.30 -17.14 -10.99
CA LEU D 359 -45.04 -16.53 -9.84
C LEU D 359 -45.25 -15.03 -10.09
N LEU D 360 -44.17 -14.30 -10.39
CA LEU D 360 -44.16 -12.81 -10.50
C LEU D 360 -44.99 -12.37 -11.73
N LEU D 361 -45.02 -13.18 -12.79
CA LEU D 361 -45.88 -12.92 -13.99
C LEU D 361 -47.35 -13.19 -13.63
N ILE D 362 -47.64 -14.25 -12.86
CA ILE D 362 -49.01 -14.52 -12.30
C ILE D 362 -49.47 -13.27 -11.55
N PHE D 363 -48.61 -12.73 -10.66
CA PHE D 363 -48.85 -11.50 -9.87
C PHE D 363 -49.22 -10.34 -10.80
N PHE D 364 -48.39 -10.03 -11.79
CA PHE D 364 -48.55 -8.82 -12.64
C PHE D 364 -49.74 -8.98 -13.58
N ALA D 365 -49.87 -10.15 -14.22
CA ALA D 365 -50.91 -10.47 -15.22
C ALA D 365 -52.29 -10.51 -14.56
N PHE D 366 -52.46 -11.27 -13.47
CA PHE D 366 -53.79 -11.59 -12.90
C PHE D 366 -54.08 -10.79 -11.62
N LEU D 367 -53.28 -9.77 -11.29
CA LEU D 367 -53.57 -8.89 -10.11
C LEU D 367 -53.38 -7.39 -10.41
N HIS D 368 -52.64 -7.00 -11.47
CA HIS D 368 -52.47 -5.59 -11.88
C HIS D 368 -52.89 -5.35 -13.33
N CYS D 369 -52.68 -6.31 -14.25
CA CYS D 369 -53.14 -6.19 -15.66
C CYS D 369 -54.65 -6.48 -15.72
N TRP D 370 -55.06 -7.66 -15.26
CA TRP D 370 -56.41 -8.24 -15.50
C TRP D 370 -57.47 -7.61 -14.58
N LEU D 371 -57.25 -7.63 -13.27
CA LEU D 371 -58.27 -7.18 -12.27
C LEU D 371 -58.45 -5.66 -12.32
N ASN D 372 -57.38 -4.91 -12.58
CA ASN D 372 -57.42 -3.43 -12.77
C ASN D 372 -58.18 -3.09 -14.07
N ALA D 373 -58.02 -3.90 -15.13
CA ALA D 373 -58.74 -3.76 -16.42
C ALA D 373 -60.25 -3.86 -16.19
N PHE D 374 -60.67 -4.84 -15.38
CA PHE D 374 -62.10 -5.08 -15.04
C PHE D 374 -62.58 -4.02 -14.04
N ALA D 375 -61.75 -3.66 -13.06
CA ALA D 375 -62.00 -2.56 -12.11
C ALA D 375 -62.15 -1.23 -12.86
N GLU D 376 -61.57 -1.11 -14.06
CA GLU D 376 -61.76 0.07 -14.95
C GLU D 376 -63.10 -0.07 -15.70
N MET D 377 -63.30 -1.17 -16.43
CA MET D 377 -64.47 -1.40 -17.32
C MET D 377 -65.79 -1.24 -16.54
N LEU D 378 -65.82 -1.67 -15.28
CA LEU D 378 -67.06 -1.70 -14.44
C LEU D 378 -67.17 -0.43 -13.57
N ARG D 379 -66.29 0.56 -13.77
CA ARG D 379 -66.23 1.85 -13.02
C ARG D 379 -66.04 1.58 -11.51
N PHE D 380 -65.40 0.47 -11.15
CA PHE D 380 -65.19 0.01 -9.74
C PHE D 380 -64.05 0.83 -9.12
N GLY D 381 -64.31 1.55 -8.04
CA GLY D 381 -63.27 2.18 -7.18
C GLY D 381 -62.56 1.13 -6.36
N ASP D 382 -61.82 1.52 -5.31
CA ASP D 382 -61.19 0.58 -4.34
C ASP D 382 -60.41 -0.50 -5.11
N ARG D 383 -59.29 -0.12 -5.73
CA ARG D 383 -58.48 -1.02 -6.60
C ARG D 383 -57.29 -1.59 -5.80
N MET D 384 -57.41 -1.69 -4.48
CA MET D 384 -56.35 -2.25 -3.59
C MET D 384 -56.50 -3.78 -3.54
N PHE D 385 -56.05 -4.45 -4.60
CA PHE D 385 -56.02 -5.92 -4.75
C PHE D 385 -54.75 -6.49 -4.11
N TYR D 386 -53.73 -5.63 -3.94
CA TYR D 386 -52.38 -5.98 -3.43
C TYR D 386 -51.74 -4.70 -2.89
N ARG D 387 -51.44 -4.67 -1.59
CA ARG D 387 -50.51 -3.68 -0.99
C ARG D 387 -49.08 -4.20 -1.23
N ASP D 388 -48.08 -3.38 -0.89
CA ASP D 388 -46.63 -3.70 -1.04
C ASP D 388 -46.30 -5.01 -0.30
N TRP D 389 -46.44 -6.14 -0.99
CA TRP D 389 -46.08 -7.50 -0.48
C TRP D 389 -44.56 -7.66 -0.46
N TRP D 390 -43.89 -7.07 -1.46
CA TRP D 390 -42.41 -7.13 -1.67
C TRP D 390 -41.66 -6.43 -0.51
N ASN D 391 -42.37 -5.66 0.34
CA ASN D 391 -41.81 -4.97 1.53
C ASN D 391 -42.06 -5.77 2.82
N SER D 392 -42.86 -6.84 2.79
CA SER D 392 -43.35 -7.58 3.99
C SER D 392 -42.16 -8.12 4.79
N THR D 393 -41.94 -7.55 5.98
CA THR D 393 -40.89 -7.95 6.95
C THR D 393 -41.40 -9.17 7.74
N SER D 394 -42.54 -9.02 8.41
CA SER D 394 -43.30 -10.10 9.09
C SER D 394 -44.07 -10.89 8.03
N PHE D 395 -44.17 -12.22 8.20
CA PHE D 395 -44.82 -13.14 7.24
C PHE D 395 -46.34 -12.96 7.29
N SER D 396 -46.89 -12.66 8.48
CA SER D 396 -48.31 -12.24 8.66
C SER D 396 -48.65 -11.10 7.69
N ASN D 397 -47.74 -10.12 7.54
CA ASN D 397 -47.85 -8.99 6.58
C ASN D 397 -47.87 -9.54 5.15
N TYR D 398 -47.11 -10.61 4.85
CA TYR D 398 -47.04 -11.25 3.52
C TYR D 398 -48.42 -11.84 3.16
N TYR D 399 -49.06 -12.57 4.08
CA TYR D 399 -50.44 -13.09 3.93
C TYR D 399 -51.42 -11.91 3.81
N ARG D 400 -51.19 -10.85 4.58
CA ARG D 400 -52.08 -9.65 4.65
C ARG D 400 -52.09 -8.88 3.33
N THR D 401 -50.96 -8.77 2.61
CA THR D 401 -50.76 -7.81 1.50
C THR D 401 -50.45 -8.50 0.16
N TRP D 402 -50.69 -9.82 0.03
CA TRP D 402 -50.60 -10.57 -1.25
C TRP D 402 -52.00 -11.11 -1.61
N ASN D 403 -52.56 -10.65 -2.74
CA ASN D 403 -53.87 -11.09 -3.28
C ASN D 403 -54.97 -10.76 -2.26
N VAL D 404 -55.12 -9.46 -1.97
CA VAL D 404 -55.92 -8.90 -0.84
C VAL D 404 -57.40 -9.26 -1.04
N VAL D 405 -57.86 -9.50 -2.27
CA VAL D 405 -59.27 -9.88 -2.59
C VAL D 405 -59.63 -11.23 -1.93
N VAL D 406 -58.84 -12.29 -2.16
CA VAL D 406 -59.12 -13.65 -1.63
C VAL D 406 -58.83 -13.64 -0.12
N HIS D 407 -57.77 -12.93 0.29
CA HIS D 407 -57.42 -12.68 1.71
C HIS D 407 -58.62 -12.07 2.44
N ASP D 408 -59.25 -11.05 1.85
CA ASP D 408 -60.42 -10.32 2.43
C ASP D 408 -61.58 -11.29 2.61
N TRP D 409 -61.91 -12.08 1.57
CA TRP D 409 -62.95 -13.14 1.65
C TRP D 409 -62.61 -14.12 2.77
N LEU D 410 -61.41 -14.71 2.73
CA LEU D 410 -60.97 -15.75 3.70
C LEU D 410 -61.01 -15.20 5.12
N TYR D 411 -60.56 -13.96 5.32
CA TYR D 411 -60.55 -13.23 6.63
C TYR D 411 -61.98 -13.04 7.13
N SER D 412 -62.84 -12.43 6.30
CA SER D 412 -64.23 -12.04 6.67
C SER D 412 -65.10 -13.26 6.97
N TYR D 413 -64.99 -14.34 6.18
CA TYR D 413 -65.99 -15.45 6.13
C TYR D 413 -65.48 -16.74 6.80
N VAL D 414 -64.22 -16.82 7.24
CA VAL D 414 -63.68 -18.02 7.95
C VAL D 414 -63.11 -17.60 9.32
N TYR D 415 -62.18 -16.65 9.35
CA TYR D 415 -61.50 -16.20 10.61
C TYR D 415 -62.53 -15.52 11.52
N GLN D 416 -63.15 -14.43 11.03
CA GLN D 416 -64.12 -13.60 11.81
C GLN D 416 -65.45 -14.34 12.02
N ASP D 417 -65.67 -15.47 11.34
CA ASP D 417 -66.84 -16.37 11.55
C ASP D 417 -66.45 -17.54 12.48
N GLY D 418 -65.22 -18.06 12.36
CA GLY D 418 -64.63 -19.04 13.29
C GLY D 418 -64.61 -18.50 14.71
N LEU D 419 -64.08 -17.27 14.88
CA LEU D 419 -64.04 -16.53 16.17
C LEU D 419 -65.45 -16.43 16.77
N ARG D 420 -66.47 -16.19 15.94
CA ARG D 420 -67.89 -16.05 16.37
C ARG D 420 -68.46 -17.43 16.74
N LEU D 421 -68.30 -18.44 15.86
CA LEU D 421 -68.84 -19.81 16.06
C LEU D 421 -68.23 -20.43 17.32
N LEU D 422 -66.89 -20.50 17.38
CA LEU D 422 -66.16 -21.07 18.55
C LEU D 422 -66.40 -20.19 19.79
N GLY D 423 -66.56 -18.88 19.60
CA GLY D 423 -66.53 -17.87 20.68
C GLY D 423 -65.18 -17.87 21.38
N ALA D 424 -64.14 -18.30 20.66
CA ALA D 424 -62.82 -18.68 21.23
C ALA D 424 -61.99 -17.42 21.48
N ARG D 425 -61.54 -17.25 22.72
CA ARG D 425 -60.51 -16.24 23.11
C ARG D 425 -59.19 -16.66 22.45
N ALA D 426 -58.93 -17.98 22.40
CA ALA D 426 -57.79 -18.61 21.72
C ALA D 426 -58.09 -18.75 20.22
N ARG D 427 -57.48 -17.89 19.39
CA ARG D 427 -57.52 -17.95 17.91
C ARG D 427 -56.67 -19.13 17.39
N GLY D 428 -55.83 -19.73 18.26
CA GLY D 428 -54.91 -20.85 17.95
C GLY D 428 -55.53 -21.96 17.11
N VAL D 429 -56.81 -22.30 17.34
CA VAL D 429 -57.58 -23.29 16.55
C VAL D 429 -58.36 -22.56 15.44
N ALA D 430 -58.83 -21.33 15.71
CA ALA D 430 -59.58 -20.48 14.75
C ALA D 430 -58.72 -20.19 13.52
N MET D 431 -57.52 -19.62 13.71
CA MET D 431 -56.45 -19.56 12.68
C MET D 431 -55.72 -20.91 12.68
N LEU D 432 -55.23 -21.33 11.51
CA LEU D 432 -54.86 -22.72 11.13
C LEU D 432 -56.11 -23.43 10.56
N GLY D 433 -57.31 -22.87 10.78
CA GLY D 433 -58.52 -23.16 9.99
C GLY D 433 -58.44 -22.49 8.62
N VAL D 434 -58.23 -21.17 8.61
CA VAL D 434 -58.00 -20.34 7.37
C VAL D 434 -56.82 -20.93 6.59
N PHE D 435 -55.72 -21.26 7.28
CA PHE D 435 -54.49 -21.83 6.69
C PHE D 435 -54.79 -23.21 6.09
N LEU D 436 -55.60 -24.03 6.78
CA LEU D 436 -55.96 -25.41 6.33
C LEU D 436 -56.83 -25.31 5.06
N VAL D 437 -57.82 -24.42 5.05
CA VAL D 437 -58.71 -24.19 3.86
C VAL D 437 -57.85 -23.67 2.70
N SER D 438 -56.98 -22.68 2.97
CA SER D 438 -56.00 -22.11 2.00
C SER D 438 -55.10 -23.23 1.45
N ALA D 439 -54.69 -24.18 2.29
CA ALA D 439 -53.77 -25.29 1.94
C ALA D 439 -54.46 -26.32 1.04
N VAL D 440 -55.69 -26.74 1.37
CA VAL D 440 -56.45 -27.77 0.61
C VAL D 440 -56.92 -27.19 -0.73
N ALA D 441 -57.34 -25.92 -0.76
CA ALA D 441 -57.87 -25.23 -1.97
C ALA D 441 -56.84 -25.27 -3.10
N HIS D 442 -55.58 -24.91 -2.81
CA HIS D 442 -54.47 -24.81 -3.79
C HIS D 442 -54.07 -26.20 -4.28
N GLU D 443 -54.00 -27.18 -3.38
CA GLU D 443 -53.67 -28.60 -3.71
C GLU D 443 -54.79 -29.22 -4.53
N TYR D 444 -56.04 -28.94 -4.19
CA TYR D 444 -57.23 -29.33 -4.97
C TYR D 444 -57.06 -28.79 -6.40
N ILE D 445 -56.80 -27.49 -6.55
CA ILE D 445 -56.56 -26.82 -7.87
C ILE D 445 -55.47 -27.61 -8.62
N PHE D 446 -54.24 -27.65 -8.09
CA PHE D 446 -53.08 -28.34 -8.75
C PHE D 446 -53.45 -29.78 -9.11
N CYS D 447 -53.78 -30.60 -8.10
CA CYS D 447 -54.20 -32.02 -8.22
C CYS D 447 -55.24 -32.16 -9.34
N PHE D 448 -56.18 -31.22 -9.43
CA PHE D 448 -57.21 -31.15 -10.50
C PHE D 448 -56.54 -30.83 -11.84
N VAL D 449 -55.76 -29.74 -11.91
CA VAL D 449 -55.32 -29.07 -13.17
C VAL D 449 -54.41 -30.02 -13.99
N LEU D 450 -53.50 -30.73 -13.33
CA LEU D 450 -52.52 -31.63 -13.99
C LEU D 450 -52.82 -33.11 -13.64
N GLY D 451 -53.89 -33.39 -12.90
CA GLY D 451 -54.34 -34.76 -12.58
C GLY D 451 -53.35 -35.52 -11.71
N PHE D 452 -52.80 -34.86 -10.67
CA PHE D 452 -51.75 -35.41 -9.78
C PHE D 452 -52.27 -35.61 -8.36
N PHE D 453 -52.27 -36.86 -7.92
CA PHE D 453 -52.84 -37.31 -6.63
C PHE D 453 -51.94 -36.88 -5.46
N TYR D 454 -50.62 -36.81 -5.66
CA TYR D 454 -49.63 -36.46 -4.61
C TYR D 454 -49.65 -34.95 -4.37
N PRO D 455 -49.91 -34.48 -3.12
CA PRO D 455 -49.68 -33.09 -2.76
C PRO D 455 -48.22 -32.82 -2.36
N VAL D 456 -47.58 -31.85 -3.03
CA VAL D 456 -46.24 -31.30 -2.66
C VAL D 456 -46.46 -29.96 -1.95
N MET D 457 -47.27 -29.09 -2.55
CA MET D 457 -47.47 -27.69 -2.09
C MET D 457 -48.33 -27.66 -0.83
N LEU D 458 -48.96 -28.77 -0.43
CA LEU D 458 -49.54 -28.96 0.92
C LEU D 458 -48.38 -29.05 1.92
N ILE D 459 -47.47 -29.99 1.69
CA ILE D 459 -46.30 -30.27 2.57
C ILE D 459 -45.36 -29.05 2.50
N LEU D 460 -45.07 -28.54 1.29
CA LEU D 460 -44.24 -27.32 1.13
C LEU D 460 -44.95 -26.12 1.79
N PHE D 461 -46.26 -25.95 1.57
CA PHE D 461 -47.08 -24.86 2.19
C PHE D 461 -46.89 -24.89 3.71
N LEU D 462 -47.03 -26.08 4.31
CA LEU D 462 -46.91 -26.30 5.77
C LEU D 462 -45.47 -26.02 6.22
N VAL D 463 -44.47 -26.59 5.54
CA VAL D 463 -43.03 -26.49 5.92
C VAL D 463 -42.55 -25.03 5.76
N ILE D 464 -43.09 -24.28 4.78
CA ILE D 464 -42.77 -22.83 4.56
C ILE D 464 -43.53 -22.00 5.61
N GLY D 465 -44.82 -22.32 5.84
CA GLY D 465 -45.61 -21.75 6.94
C GLY D 465 -44.85 -21.81 8.25
N GLY D 466 -44.52 -23.04 8.70
CA GLY D 466 -43.76 -23.32 9.94
C GLY D 466 -42.45 -22.57 10.02
N MET D 467 -41.76 -22.37 8.89
CA MET D 467 -40.41 -21.73 8.84
C MET D 467 -40.55 -20.21 8.98
N LEU D 468 -41.34 -19.56 8.11
CA LEU D 468 -41.44 -18.08 8.04
C LEU D 468 -42.39 -17.52 9.12
N ASN D 469 -43.41 -18.27 9.52
CA ASN D 469 -44.43 -17.83 10.52
C ASN D 469 -43.76 -17.67 11.89
N PHE D 470 -43.15 -18.75 12.42
CA PHE D 470 -42.64 -18.84 13.82
C PHE D 470 -41.10 -18.79 13.83
N MET D 471 -40.43 -19.67 13.08
CA MET D 471 -38.94 -19.74 13.02
C MET D 471 -38.42 -18.48 12.29
N ALA D 480 -34.08 -6.13 7.54
CA ALA D 480 -33.12 -7.03 6.85
C ALA D 480 -33.51 -8.51 6.93
N TRP D 481 -34.39 -8.92 7.86
CA TRP D 481 -35.02 -10.26 7.93
C TRP D 481 -35.65 -10.64 6.59
N ASN D 482 -36.22 -9.65 5.89
CA ASN D 482 -36.88 -9.73 4.56
C ASN D 482 -36.22 -10.75 3.62
N VAL D 483 -34.88 -10.82 3.61
CA VAL D 483 -34.07 -11.69 2.68
C VAL D 483 -34.56 -13.14 2.78
N LEU D 484 -34.70 -13.65 4.02
CA LEU D 484 -35.05 -15.08 4.29
C LEU D 484 -36.36 -15.45 3.58
N MET D 485 -37.37 -14.58 3.64
CA MET D 485 -38.68 -14.77 2.94
C MET D 485 -38.41 -14.94 1.44
N TRP D 486 -37.66 -14.00 0.83
CA TRP D 486 -37.33 -14.00 -0.61
C TRP D 486 -36.58 -15.29 -0.99
N THR D 487 -35.60 -15.70 -0.18
CA THR D 487 -34.84 -16.97 -0.35
C THR D 487 -35.80 -18.16 -0.29
N MET D 488 -36.59 -18.26 0.78
CA MET D 488 -37.55 -19.38 1.01
C MET D 488 -38.76 -19.28 0.07
N LEU D 489 -38.92 -18.15 -0.64
CA LEU D 489 -39.87 -18.02 -1.78
C LEU D 489 -39.21 -18.56 -3.06
N PHE D 490 -37.95 -18.17 -3.35
CA PHE D 490 -37.18 -18.60 -4.55
C PHE D 490 -37.21 -20.13 -4.66
N LEU D 491 -36.79 -20.84 -3.61
CA LEU D 491 -36.85 -22.33 -3.53
C LEU D 491 -38.32 -22.76 -3.44
N GLY D 492 -39.15 -21.97 -2.76
CA GLY D 492 -40.62 -22.11 -2.72
C GLY D 492 -41.23 -22.27 -4.11
N GLN D 493 -40.59 -21.69 -5.14
CA GLN D 493 -40.94 -21.88 -6.58
C GLN D 493 -40.05 -22.98 -7.19
N GLY D 494 -38.73 -22.89 -7.01
CA GLY D 494 -37.74 -23.85 -7.55
C GLY D 494 -38.16 -25.30 -7.33
N ILE D 495 -38.78 -25.60 -6.19
CA ILE D 495 -39.33 -26.93 -5.83
C ILE D 495 -40.58 -27.21 -6.68
N GLN D 496 -41.59 -26.31 -6.61
CA GLN D 496 -42.94 -26.48 -7.23
C GLN D 496 -42.82 -26.94 -8.68
N VAL D 497 -42.07 -26.17 -9.48
CA VAL D 497 -41.92 -26.40 -10.95
C VAL D 497 -41.28 -27.77 -11.18
N SER D 498 -40.09 -28.01 -10.58
CA SER D 498 -39.25 -29.21 -10.80
C SER D 498 -40.09 -30.45 -10.45
N LEU D 499 -40.50 -30.58 -9.19
CA LEU D 499 -41.27 -31.74 -8.67
C LEU D 499 -42.54 -31.99 -9.50
N TYR D 500 -43.05 -31.00 -10.24
CA TYR D 500 -44.25 -31.18 -11.12
C TYR D 500 -43.84 -31.61 -12.53
N CYS D 501 -42.92 -30.88 -13.18
CA CYS D 501 -42.40 -31.21 -14.54
C CYS D 501 -41.79 -32.61 -14.57
N GLN D 502 -41.40 -33.15 -13.41
CA GLN D 502 -40.96 -34.57 -13.22
C GLN D 502 -42.15 -35.50 -13.47
N GLU D 503 -43.24 -35.33 -12.70
CA GLU D 503 -44.40 -36.26 -12.73
C GLU D 503 -45.35 -35.89 -13.88
N TRP D 504 -45.27 -34.69 -14.45
CA TRP D 504 -46.03 -34.31 -15.67
C TRP D 504 -45.50 -35.12 -16.87
N TYR D 505 -44.26 -35.61 -16.81
CA TYR D 505 -43.62 -36.47 -17.85
C TYR D 505 -43.54 -37.93 -17.40
N ALA D 506 -43.40 -38.23 -16.10
CA ALA D 506 -43.47 -39.61 -15.57
C ALA D 506 -44.87 -40.22 -15.77
N ARG D 507 -45.88 -39.38 -16.08
CA ARG D 507 -47.29 -39.75 -16.40
C ARG D 507 -47.51 -39.67 -17.92
N ARG D 508 -46.44 -39.50 -18.71
CA ARG D 508 -46.54 -39.20 -20.16
C ARG D 508 -45.22 -39.57 -20.85
C10 ROV E . 16.07 -1.51 23.23
C11 ROV E . 15.55 -0.13 22.86
C12 ROV E . 15.55 -2.00 24.62
C14 ROV E . 16.69 -2.44 20.01
C01 ROV E . 21.76 -3.85 21.43
C02 ROV E . 20.49 -3.09 20.89
C03 ROV E . 20.87 -2.23 19.65
C04 ROV E . 19.74 -2.31 21.98
C05 ROV E . 18.33 -2.30 22.05
C06 ROV E . 17.64 -1.57 23.10
C07 ROV E . 18.38 -0.85 24.02
C08 ROV E . 19.77 -0.85 23.95
C09 ROV E . 20.46 -1.58 22.93
N13 ROV E . 17.56 -3.08 21.04
O15 ROV E . 16.53 -1.24 19.98
N16 ROV E . 15.98 -3.36 19.06
C17 ROV E . 15.08 -2.86 18.01
C18 ROV E . 15.86 -2.40 16.74
C19 ROV E . 16.04 -0.72 16.73
C20 ROV E . 16.29 -0.35 15.44
C21 ROV E . 15.78 -1.60 14.55
C22 ROV E . 15.06 -2.53 15.63
C23 ROV E . 17.18 -3.20 16.55
C24 ROV E . 18.45 -2.58 16.50
C25 ROV E . 19.62 -3.34 16.32
C26 ROV E . 19.54 -4.70 16.16
C27 ROV E . 18.30 -5.35 16.19
C28 ROV E . 17.12 -4.59 16.39
N29 ROV E . 20.76 -5.44 15.96
C30 ROV E . 21.03 -6.00 14.65
C31 ROV E . 21.70 -5.57 17.07
C1 CLR F . 11.17 -2.64 9.79
C2 CLR F . 9.70 -2.51 10.16
C3 CLR F . 9.13 -1.16 9.70
C4 CLR F . 9.25 -1.05 8.18
C5 CLR F . 10.68 -1.32 7.77
C6 CLR F . 11.33 -0.47 6.96
C7 CLR F . 12.33 -0.96 5.95
C8 CLR F . 13.00 -2.25 6.42
C9 CLR F . 12.85 -2.44 7.93
C10 CLR F . 11.37 -2.55 8.28
C11 CLR F . 13.64 -3.65 8.48
C12 CLR F . 15.07 -3.74 7.95
C13 CLR F . 15.02 -3.63 6.44
C14 CLR F . 14.48 -2.27 6.10
C15 CLR F . 14.89 -2.01 4.66
C16 CLR F . 16.20 -2.79 4.49
C17 CLR F . 16.36 -3.69 5.72
C18 CLR F . 14.10 -4.70 5.88
C19 CLR F . 10.76 -3.78 7.61
C20 CLR F . 16.73 -5.11 5.33
C21 CLR F . 17.56 -5.77 6.44
C22 CLR F . 17.49 -5.14 4.00
C23 CLR F . 18.98 -5.24 4.23
C24 CLR F . 19.74 -5.08 2.92
C25 CLR F . 21.11 -5.75 2.98
C26 CLR F . 22.18 -4.79 3.48
C27 CLR F . 21.05 -7.01 3.84
O1 CLR F . 7.76 -1.07 10.08
C1 CLR G . 27.96 12.83 15.49
C2 CLR G . 28.87 12.96 16.71
C3 CLR G . 28.28 12.26 17.92
C4 CLR G . 28.12 10.77 17.62
C5 CLR G . 27.36 10.60 16.34
C6 CLR G . 26.30 9.78 16.28
C7 CLR G . 25.97 8.99 15.04
C8 CLR G . 26.46 9.72 13.79
C9 CLR G . 26.69 11.20 14.06
C10 CLR G . 27.78 11.37 15.11
C11 CLR G . 27.02 12.02 12.80
C12 CLR G . 26.11 11.72 11.61
C13 CLR G . 26.07 10.21 11.42
C14 CLR G . 25.45 9.61 12.65
C15 CLR G . 25.00 8.21 12.25
C16 CLR G . 24.69 8.33 10.75
C17 CLR G . 25.21 9.68 10.28
C18 CLR G . 27.50 9.69 11.25
C19 CLR G . 29.09 10.79 14.60
C20 CLR G . 26.01 9.56 8.98
C21 CLR G . 25.94 10.86 8.19
C22 CLR G . 25.51 8.39 8.15
C23 CLR G . 25.47 8.74 6.67
C24 CLR G . 24.81 7.63 5.86
C25 CLR G . 24.67 8.03 4.40
C26 CLR G . 23.85 9.31 4.25
C27 CLR G . 26.03 8.18 3.74
O1 CLR G . 29.16 12.43 19.04
C1 OLA H . 4.71 0.29 7.04
O1 OLA H . 3.59 0.18 7.57
O2 OLA H . 5.11 -0.50 6.16
C2 OLA H . 5.67 1.39 7.46
C3 OLA H . 5.19 2.32 8.59
C4 OLA H . 6.30 2.49 9.62
C5 OLA H . 6.24 3.76 10.46
C6 OLA H . 5.88 3.53 11.92
C7 OLA H . 6.84 2.63 12.68
C8 OLA H . 6.86 2.92 14.19
C9 OLA H . 6.54 1.65 14.94
C10 OLA H . 7.40 0.86 15.60
C11 OLA H . 8.89 1.07 15.73
C12 OLA H . 9.55 -0.18 15.17
C13 OLA H . 9.33 -1.42 16.02
C14 OLA H . 10.41 -2.46 15.76
C15 OLA H . 10.32 -3.63 16.74
C16 OLA H . 11.67 -3.89 17.37
C17 OLA H . 11.66 -5.09 18.32
C18 OLA H . 11.83 -4.63 19.75
C10 ROV I . 50.86 22.99 3.49
C11 ROV I . 50.46 23.70 4.77
C12 ROV I . 51.16 24.00 2.33
C14 ROV I . 51.90 20.15 5.06
C01 ROV I . 48.81 17.20 1.69
C02 ROV I . 49.38 17.99 2.92
C03 ROV I . 48.88 17.33 4.25
C04 ROV I . 49.10 19.50 2.84
C05 ROV I . 50.08 20.45 3.20
C06 ROV I . 49.80 21.88 3.10
C07 ROV I . 48.56 22.30 2.66
C08 ROV I . 47.59 21.36 2.31
C09 ROV I . 47.86 19.96 2.39
N13 ROV I . 51.41 19.97 3.66
O15 ROV I . 51.26 20.73 5.90
N16 ROV I . 53.27 19.60 5.35
C17 ROV I . 53.89 19.71 6.68
C18 ROV I . 53.41 18.59 7.65
C19 ROV I . 52.21 19.17 8.67
C20 ROV I . 52.16 18.33 9.75
C21 ROV I . 53.58 17.56 9.73
C22 ROV I . 54.37 18.33 8.58
C23 ROV I . 53.04 17.28 6.87
C24 ROV I . 51.75 16.72 6.92
C25 ROV I . 51.46 15.53 6.23
C26 ROV I . 52.44 14.91 5.48
C27 ROV I . 53.72 15.45 5.42
C28 ROV I . 54.02 16.64 6.12
N29 ROV I . 52.10 13.69 4.79
C30 ROV I . 52.63 12.44 5.30
C31 ROV I . 51.22 13.75 3.63
C1 CLR J . 58.87 17.01 13.82
C2 CLR J . 59.74 18.23 14.07
C3 CLR J . 59.42 18.88 15.42
C4 CLR J . 59.69 17.88 16.54
C5 CLR J . 58.97 16.59 16.24
C6 CLR J . 58.18 16.03 17.17
C7 CLR J . 58.08 14.52 17.30
C8 CLR J . 58.27 13.85 15.94
C9 CLR J . 58.08 14.83 14.79
C10 CLR J . 59.11 15.95 14.89
C11 CLR J . 58.13 14.17 13.40
C12 CLR J . 57.30 12.89 13.30
C13 CLR J . 57.70 11.98 14.46
C14 CLR J . 57.31 12.70 15.74
C15 CLR J . 57.27 11.61 16.81
C16 CLR J . 56.88 10.34 16.06
C17 CLR J . 56.98 10.65 14.56
C18 CLR J . 59.20 11.75 14.44
C19 CLR J . 60.52 15.39 14.76
C20 CLR J . 57.73 9.55 13.81
C21 CLR J . 57.24 9.46 12.36
C22 CLR J . 57.58 8.21 14.52
C23 CLR J . 56.53 7.35 13.85
C24 CLR J . 56.27 6.08 14.66
C25 CLR J . 55.70 4.98 13.77
C26 CLR J . 54.18 5.05 13.70
C27 CLR J . 56.32 5.02 12.38
O1 CLR J . 60.25 20.03 15.60
C1 CLR K . 35.31 16.48 14.65
C2 CLR K . 34.24 16.73 13.61
C3 CLR K . 34.77 17.58 12.46
C4 CLR K . 35.92 16.85 11.77
C5 CLR K . 36.94 16.46 12.82
C6 CLR K . 38.23 16.75 12.64
C7 CLR K . 39.33 15.83 13.11
C8 CLR K . 38.87 15.04 14.34
C9 CLR K . 37.67 15.69 15.02
C10 CLR K . 36.50 15.73 14.05
C11 CLR K . 37.28 15.02 16.34
C12 CLR K . 38.46 14.71 17.27
C13 CLR K . 39.51 13.98 16.45
C14 CLR K . 39.97 14.91 15.37
C15 CLR K . 41.32 14.34 14.90
C16 CLR K . 41.89 13.65 16.13
C17 CLR K . 40.78 13.58 17.19
C18 CLR K . 38.88 12.74 15.82
C19 CLR K . 36.08 14.32 13.67
C20 CLR K . 40.67 12.19 17.81
C21 CLR K . 40.10 12.28 19.21
C22 CLR K . 42.01 11.49 17.81
C23 CLR K . 42.23 10.71 19.10
C24 CLR K . 43.64 10.15 19.18
C25 CLR K . 43.89 9.47 20.52
C26 CLR K . 43.67 10.44 21.67
C27 CLR K . 43.01 8.23 20.67
O1 CLR K . 33.72 17.81 11.51
C1 OLA L . 62.30 20.63 19.70
O1 OLA L . 63.02 21.63 19.48
O2 OLA L . 62.77 19.51 19.91
C2 OLA L . 60.79 20.76 19.70
C3 OLA L . 60.23 22.19 19.58
C4 OLA L . 59.03 22.19 18.65
C5 OLA L . 58.01 23.31 18.88
C6 OLA L . 58.00 24.38 17.79
C7 OLA L . 57.67 23.86 16.39
C8 OLA L . 57.06 24.95 15.49
C9 OLA L . 57.90 25.10 14.24
C10 OLA L . 57.62 24.63 13.03
C11 OLA L . 56.38 23.86 12.62
C12 OLA L . 56.86 22.54 12.04
C13 OLA L . 57.57 22.71 10.70
C14 OLA L . 57.55 21.41 9.91
C15 OLA L . 58.08 21.60 8.49
C16 OLA L . 57.10 21.02 7.49
C17 OLA L . 57.60 21.12 6.06
C18 OLA L . 56.80 22.15 5.28
C10 ROV M . -17.46 4.77 -21.89
C11 ROV M . -17.77 5.50 -20.61
C12 ROV M . -17.14 5.73 -23.08
C14 ROV M . -16.56 1.87 -20.34
C01 ROV M . -20.00 -0.87 -23.57
C02 ROV M . -19.32 -0.12 -22.37
C03 ROV M . -19.80 -0.72 -21.00
C04 ROV M . -19.50 1.41 -22.45
C05 ROV M . -18.44 2.28 -22.13
C06 ROV M . -18.61 3.73 -22.23
C07 ROV M . -19.83 4.24 -22.62
C08 ROV M . -20.89 3.38 -22.93
C09 ROV M . -20.71 1.96 -22.84
N13 ROV M . -17.12 1.71 -21.72
O15 ROV M . -17.13 2.52 -19.51
N16 ROV M . -15.24 1.22 -20.08
C17 ROV M . -14.56 1.32 -18.77
C18 ROV M . -15.10 0.26 -17.76
C19 ROV M . -16.22 0.95 -16.72
C20 ROV M . -16.30 0.15 -15.62
C21 ROV M . -14.94 -0.73 -15.66
C22 ROV M . -14.12 -0.05 -16.85
C23 ROV M . -15.59 -1.04 -18.48
C24 ROV M . -16.92 -1.50 -18.37
C25 ROV M . -17.32 -2.68 -19.02
C26 ROV M . -16.43 -3.40 -19.77
C27 ROV M . -15.10 -2.96 -19.91
C28 ROV M . -14.69 -1.78 -19.26
N29 ROV M . -16.88 -4.61 -20.42
C30 ROV M . -16.43 -5.88 -19.91
C31 ROV M . -17.81 -4.50 -21.54
C1 CLR N . -9.57 -1.59 -11.74
C2 CLR N . -8.61 -0.43 -11.54
C3 CLR N . -8.84 0.26 -10.20
C4 CLR N . -8.60 -0.73 -9.07
C5 CLR N . -9.42 -1.97 -9.31
C6 CLR N . -10.21 -2.46 -8.35
C7 CLR N . -10.43 -3.95 -8.19
C8 CLR N . -10.32 -4.66 -9.54
C9 CLR N . -10.47 -3.69 -10.71
C10 CLR N . -9.37 -2.64 -10.66
C11 CLR N . -10.52 -4.39 -12.07
C12 CLR N . -11.44 -5.61 -12.12
C13 CLR N . -11.07 -6.51 -10.95
C14 CLR N . -11.36 -5.75 -9.69
C15 CLR N . -11.45 -6.80 -8.59
C16 CLR N . -11.95 -8.06 -9.31
C17 CLR N . -11.87 -7.80 -10.81
C18 CLR N . -9.59 -6.85 -11.02
C19 CLR N . -8.01 -3.31 -10.82
C20 CLR N . -11.23 -8.95 -11.56
C21 CLR N . -11.76 -9.04 -12.99
C22 CLR N . -11.45 -10.27 -10.82
C23 CLR N . -12.60 -11.05 -11.42
C24 CLR N . -12.94 -12.26 -10.57
C25 CLR N . -13.61 -13.36 -11.40
C26 CLR N . -15.12 -13.19 -11.40
C27 CLR N . -13.05 -13.37 -12.82
O1 CLR N . -7.92 1.36 -10.07
C1 CLR O . -32.97 -0.25 -10.02
C2 CLR O . -34.07 0.07 -11.03
C3 CLR O . -33.52 0.86 -12.21
C4 CLR O . -32.45 0.03 -12.93
C5 CLR O . -31.43 -0.44 -11.93
C6 CLR O . -30.12 -0.25 -12.15
C7 CLR O . -29.09 -1.26 -11.71
C8 CLR O . -29.57 -1.99 -10.45
C9 CLR O . -30.68 -1.22 -9.74
C10 CLR O . -31.88 -1.10 -10.66
C11 CLR O . -31.08 -1.84 -8.39
C12 CLR O . -29.89 -2.22 -7.51
C13 CLR O . -28.94 -3.06 -8.34
C14 CLR O . -28.43 -2.19 -9.46
C15 CLR O . -27.17 -2.88 -9.97
C16 CLR O . -26.60 -3.60 -8.74
C17 CLR O . -27.68 -3.56 -7.65
C18 CLR O . -29.69 -4.26 -8.92
C19 CLR O . -32.43 -2.48 -11.00
C20 CLR O . -27.88 -4.92 -7.00
C21 CLR O . -28.39 -4.77 -5.57
C22 CLR O . -26.60 -5.74 -7.04
C23 CLR O . -26.39 -6.50 -5.73
C24 CLR O . -25.03 -7.18 -5.70
C25 CLR O . -24.78 -7.84 -4.36
C26 CLR O . -24.86 -6.84 -3.23
C27 CLR O . -25.75 -9.00 -4.13
O1 CLR O . -34.58 1.16 -13.12
C1 OLA P . -5.61 1.85 -6.22
O1 OLA P . -4.82 2.80 -6.40
O2 OLA P . -5.21 0.66 -6.19
C2 OLA P . -7.10 2.09 -6.05
C3 OLA P . -7.55 3.56 -6.15
C4 OLA P . -8.77 3.65 -7.07
C5 OLA P . -9.70 4.85 -6.83
C6 OLA P . -9.66 5.90 -7.93
C7 OLA P . -10.07 5.39 -9.31
C8 OLA P . -10.65 6.49 -10.21
C9 OLA P . -9.84 6.55 -11.49
C10 OLA P . -10.22 6.09 -12.68
C11 OLA P . -11.51 5.39 -13.03
C12 OLA P . -11.14 4.03 -13.60
C13 OLA P . -10.46 4.11 -14.96
C14 OLA P . -10.62 2.80 -15.72
C15 OLA P . -10.12 2.92 -17.15
C16 OLA P . -11.18 2.40 -18.12
C17 OLA P . -10.71 2.45 -19.58
C18 OLA P . -11.47 3.50 -20.35
C10 ROV Q . -53.38 -16.54 -0.54
C11 ROV Q . -53.81 -15.12 -0.89
C12 ROV Q . -53.90 -16.99 0.87
C14 ROV Q . -52.91 -17.48 -3.78
C01 ROV Q . -47.93 -19.27 -2.49
C02 ROV Q . -49.14 -18.43 -3.01
C03 ROV Q . -48.71 -17.58 -4.25
C04 ROV Q . -49.81 -17.60 -1.88
C05 ROV Q . -51.21 -17.48 -1.78
C06 ROV Q . -51.81 -16.71 -0.71
C07 ROV Q . -51.00 -16.07 0.21
C08 ROV Q . -49.61 -16.17 0.11
C09 ROV Q . -49.01 -16.94 -0.94
N13 ROV Q . -52.06 -18.19 -2.77
O15 ROV Q . -52.96 -16.27 -3.83
N16 ROV Q . -53.70 -18.35 -4.71
C17 ROV Q . -54.59 -17.79 -5.75
C18 ROV Q . -53.80 -17.41 -7.04
C19 ROV Q . -53.48 -15.75 -7.06
C20 ROV Q . -53.23 -15.42 -8.37
C21 ROV Q . -53.86 -16.64 -9.24
C22 ROV Q . -54.63 -17.49 -8.13
C23 ROV Q . -52.54 -18.32 -7.24
C24 ROV Q . -51.23 -17.80 -7.31
C25 ROV Q . -50.13 -18.66 -7.51
C26 ROV Q . -50.34 -20.01 -7.64
C27 ROV Q . -51.62 -20.55 -7.59
C28 ROV Q . -52.73 -19.70 -7.38
N29 ROV Q . -49.18 -20.86 -7.85
C30 ROV Q . -48.98 -21.42 -9.17
C31 ROV Q . -48.24 -21.07 -6.75
C1 CLR R . -58.64 -17.32 -13.89
C2 CLR R . -60.10 -17.09 -13.50
C3 CLR R . -60.57 -15.71 -13.96
C4 CLR R . -60.49 -15.61 -15.47
C5 CLR R . -59.09 -16.00 -15.91
C6 CLR R . -58.40 -15.20 -16.73
C7 CLR R . -57.45 -15.77 -17.78
C8 CLR R . -56.86 -17.09 -17.30
C9 CLR R . -57.00 -17.26 -15.79
C10 CLR R . -58.47 -17.27 -15.40
C11 CLR R . -56.28 -18.52 -15.25
C12 CLR R . -54.87 -18.70 -15.80
C13 CLR R . -54.93 -18.60 -17.32
C14 CLR R . -55.40 -17.21 -17.65
C15 CLR R . -54.99 -17.00 -19.11
C16 CLR R . -53.75 -17.87 -19.30
C17 CLR R . -53.63 -18.76 -18.06
C18 CLR R . -55.94 -19.62 -17.85
C19 CLR R . -59.19 -18.45 -16.06
C20 CLR R . -53.36 -20.22 -18.44
C21 CLR R . -52.56 -20.93 -17.35
C22 CLR R . -52.65 -20.31 -19.79
C23 CLR R . -51.15 -20.53 -19.59
C24 CLR R . -50.41 -20.46 -20.93
C25 CLR R . -49.10 -21.24 -20.87
C26 CLR R . -47.96 -20.36 -20.37
C27 CLR R . -49.25 -22.48 -20.02
O1 CLR R . -61.93 -15.52 -13.54
C1 CLR S . -40.52 -3.20 -8.63
C2 CLR S . -39.56 -3.13 -7.44
C3 CLR S . -40.17 -3.79 -6.21
C4 CLR S . -40.45 -5.27 -6.49
C5 CLR S . -41.26 -5.37 -7.76
C6 CLR S . -42.39 -6.10 -7.78
C7 CLR S . -42.79 -6.89 -9.01
C8 CLR S . -42.30 -6.19 -10.27
C9 CLR S . -41.94 -4.74 -10.02
C10 CLR S . -40.81 -4.65 -9.00
C11 CLR S . -41.58 -3.96 -11.29
C12 CLR S . -42.54 -4.20 -12.46
C13 CLR S . -42.70 -5.69 -12.64
C14 CLR S . -43.33 -6.24 -11.38
C15 CLR S . -43.90 -7.59 -11.78
C16 CLR S . -44.24 -7.46 -13.25
C17 CLR S . -43.62 -6.15 -13.75
C18 CLR S . -41.32 -6.33 -12.83
C19 CLR S . -39.56 -5.33 -9.53
C20 CLR S . -42.88 -6.34 -15.07
C21 CLR S . -42.84 -5.04 -15.87
C22 CLR S . -43.49 -7.47 -15.89
C23 CLR S . -43.53 -7.12 -17.37
C24 CLR S . -44.30 -8.16 -18.17
C25 CLR S . -44.43 -7.75 -19.63
C26 CLR S . -45.14 -6.41 -19.76
C27 CLR S . -43.07 -7.72 -20.30
O1 CLR S . -39.26 -3.68 -5.11
C1 OLA T . -64.91 -13.76 -16.60
O1 OLA T . -66.00 -13.86 -15.99
O2 OLA T . -64.67 -14.43 -17.62
C2 OLA T . -63.83 -12.81 -16.13
C3 OLA T . -64.22 -11.87 -14.98
C4 OLA T . -63.04 -11.78 -13.99
C5 OLA T . -63.00 -10.51 -13.15
C6 OLA T . -63.34 -10.70 -11.67
C7 OLA T . -62.43 -11.66 -10.93
C8 OLA T . -62.36 -11.39 -9.43
C9 OLA T . -62.78 -12.62 -8.66
C10 OLA T . -61.96 -13.47 -8.02
C11 OLA T . -60.46 -13.38 -7.92
C12 OLA T . -59.90 -14.67 -8.48
C13 OLA T . -60.20 -15.89 -7.61
C14 OLA T . -59.21 -17.01 -7.90
C15 OLA T . -59.37 -18.16 -6.90
C16 OLA T . -58.02 -18.52 -6.32
C17 OLA T . -58.09 -19.70 -5.35
C18 OLA T . -57.88 -19.25 -3.93
#